data_7SZY
# 
_entry.id   7SZY 
# 
_audit_conform.dict_name       mmcif_pdbx.dic 
_audit_conform.dict_version    5.380 
_audit_conform.dict_location   http://mmcif.pdb.org/dictionaries/ascii/mmcif_pdbx.dic 
# 
loop_
_database_2.database_id 
_database_2.database_code 
_database_2.pdbx_database_accession 
_database_2.pdbx_DOI 
PDB   7SZY         pdb_00007szy 10.2210/pdb7szy/pdb 
WWPDB D_1000259606 ?            ?                   
# 
_pdbx_database_status.status_code                     REL 
_pdbx_database_status.status_code_sf                  REL 
_pdbx_database_status.status_code_mr                  ? 
_pdbx_database_status.entry_id                        7SZY 
_pdbx_database_status.recvd_initial_deposition_date   2021-11-29 
_pdbx_database_status.SG_entry                        N 
_pdbx_database_status.deposit_site                    RCSB 
_pdbx_database_status.process_site                    RCSB 
_pdbx_database_status.status_code_cs                  ? 
_pdbx_database_status.status_code_nmr_data            ? 
_pdbx_database_status.methods_development_category    ? 
_pdbx_database_status.pdb_format_compatible           Y 
# 
_audit_author.name               'Horton, N.C.' 
_audit_author.pdbx_ordinal       1 
_audit_author.identifier_ORCID   0000-0003-2710-8284 
# 
_citation.abstract                  ? 
_citation.abstract_id_CAS           ? 
_citation.book_id_ISBN              ? 
_citation.book_publisher            ? 
_citation.book_publisher_city       ? 
_citation.book_title                ? 
_citation.coordinate_linkage        ? 
_citation.country                   US 
_citation.database_id_Medline       ? 
_citation.details                   ? 
_citation.id                        primary 
_citation.journal_abbrev            J.Virol. 
_citation.journal_id_ASTM           JOVIAM 
_citation.journal_id_CSD            0825 
_citation.journal_id_ISSN           1098-5514 
_citation.journal_full              ? 
_citation.journal_issue             ? 
_citation.journal_volume            96 
_citation.language                  ? 
_citation.page_first                e0216421 
_citation.page_last                 e0216421 
_citation.title                     
'High-Resolution Structure of the Nuclease Domain of the Human Parvovirus B19 Main Replication Protein NS1.' 
_citation.year                      2022 
_citation.database_id_CSD           ? 
_citation.pdbx_database_id_DOI      10.1128/jvi.02164-21 
_citation.pdbx_database_id_PubMed   35435730 
_citation.pdbx_database_id_patent   ? 
_citation.unpublished_flag          ? 
# 
loop_
_citation_author.citation_id 
_citation_author.name 
_citation_author.ordinal 
_citation_author.identifier_ORCID 
primary 'Sanchez, J.L.' 1 0000-0003-0097-465X 
primary 'Ghadirian, N.' 2 0000-0002-3481-1560 
primary 'Horton, N.C.'  3 0000-0003-2710-8284 
# 
_cell.angle_alpha                  90.000 
_cell.angle_alpha_esd              ? 
_cell.angle_beta                   90.000 
_cell.angle_beta_esd               ? 
_cell.angle_gamma                  90.000 
_cell.angle_gamma_esd              ? 
_cell.entry_id                     7SZY 
_cell.details                      ? 
_cell.formula_units_Z              ? 
_cell.length_a                     45.060 
_cell.length_a_esd                 ? 
_cell.length_b                     49.100 
_cell.length_b_esd                 ? 
_cell.length_c                     74.990 
_cell.length_c_esd                 ? 
_cell.volume                       165910.398 
_cell.volume_esd                   ? 
_cell.Z_PDB                        4 
_cell.reciprocal_angle_alpha       ? 
_cell.reciprocal_angle_beta        ? 
_cell.reciprocal_angle_gamma       ? 
_cell.reciprocal_angle_alpha_esd   ? 
_cell.reciprocal_angle_beta_esd    ? 
_cell.reciprocal_angle_gamma_esd   ? 
_cell.reciprocal_length_a          ? 
_cell.reciprocal_length_b          ? 
_cell.reciprocal_length_c          ? 
_cell.reciprocal_length_a_esd      ? 
_cell.reciprocal_length_b_esd      ? 
_cell.reciprocal_length_c_esd      ? 
_cell.pdbx_unique_axis             ? 
# 
_symmetry.entry_id                         7SZY 
_symmetry.cell_setting                     ? 
_symmetry.Int_Tables_number                18 
_symmetry.space_group_name_Hall            'P 2 2ab (z,x,y)' 
_symmetry.space_group_name_H-M             'P 2 21 21' 
_symmetry.pdbx_full_space_group_name_H-M   ? 
# 
loop_
_entity.id 
_entity.type 
_entity.src_method 
_entity.pdbx_description 
_entity.formula_weight 
_entity.pdbx_number_of_molecules 
_entity.pdbx_ec 
_entity.pdbx_mutation 
_entity.pdbx_fragment 
_entity.details 
1 polymer     man 'NS1 protein' 19884.779 1  ? ? ? ? 
2 non-polymer syn 'CITRIC ACID' 192.124   1  ? ? ? ? 
3 water       nat water         18.015    89 ? ? ? ? 
# 
_entity_poly.entity_id                      1 
_entity_poly.type                           'polypeptide(L)' 
_entity_poly.nstd_linkage                   no 
_entity_poly.nstd_monomer                   no 
_entity_poly.pdbx_seq_one_letter_code       
;GELFRGVLHISSNILDCANDNWWCSMLDLDTSDWEPLTHSNRLMAIYLSNVASRLDFTGGPLAGCLYFFQVECNKFEEGY
HIHVVIGGPGLNARNLTVCVEGLFNNVLYHLVNESVKLKFLPGMTTKGKYFRDGEQFIENYLMKKIPLNVVWCVTNIDGY
IDTCISASFRRGACHA
;
_entity_poly.pdbx_seq_one_letter_code_can   
;GELFRGVLHISSNILDCANDNWWCSMLDLDTSDWEPLTHSNRLMAIYLSNVASRLDFTGGPLAGCLYFFQVECNKFEEGY
HIHVVIGGPGLNARNLTVCVEGLFNNVLYHLVNESVKLKFLPGMTTKGKYFRDGEQFIENYLMKKIPLNVVWCVTNIDGY
IDTCISASFRRGACHA
;
_entity_poly.pdbx_strand_id                 A 
_entity_poly.pdbx_target_identifier         ? 
# 
loop_
_entity_poly_seq.entity_id 
_entity_poly_seq.num 
_entity_poly_seq.mon_id 
_entity_poly_seq.hetero 
1 1   GLY n 
1 2   GLU n 
1 3   LEU n 
1 4   PHE n 
1 5   ARG n 
1 6   GLY n 
1 7   VAL n 
1 8   LEU n 
1 9   HIS n 
1 10  ILE n 
1 11  SER n 
1 12  SER n 
1 13  ASN n 
1 14  ILE n 
1 15  LEU n 
1 16  ASP n 
1 17  CYS n 
1 18  ALA n 
1 19  ASN n 
1 20  ASP n 
1 21  ASN n 
1 22  TRP n 
1 23  TRP n 
1 24  CYS n 
1 25  SER n 
1 26  MET n 
1 27  LEU n 
1 28  ASP n 
1 29  LEU n 
1 30  ASP n 
1 31  THR n 
1 32  SER n 
1 33  ASP n 
1 34  TRP n 
1 35  GLU n 
1 36  PRO n 
1 37  LEU n 
1 38  THR n 
1 39  HIS n 
1 40  SER n 
1 41  ASN n 
1 42  ARG n 
1 43  LEU n 
1 44  MET n 
1 45  ALA n 
1 46  ILE n 
1 47  TYR n 
1 48  LEU n 
1 49  SER n 
1 50  ASN n 
1 51  VAL n 
1 52  ALA n 
1 53  SER n 
1 54  ARG n 
1 55  LEU n 
1 56  ASP n 
1 57  PHE n 
1 58  THR n 
1 59  GLY n 
1 60  GLY n 
1 61  PRO n 
1 62  LEU n 
1 63  ALA n 
1 64  GLY n 
1 65  CYS n 
1 66  LEU n 
1 67  TYR n 
1 68  PHE n 
1 69  PHE n 
1 70  GLN n 
1 71  VAL n 
1 72  GLU n 
1 73  CYS n 
1 74  ASN n 
1 75  LYS n 
1 76  PHE n 
1 77  GLU n 
1 78  GLU n 
1 79  GLY n 
1 80  TYR n 
1 81  HIS n 
1 82  ILE n 
1 83  HIS n 
1 84  VAL n 
1 85  VAL n 
1 86  ILE n 
1 87  GLY n 
1 88  GLY n 
1 89  PRO n 
1 90  GLY n 
1 91  LEU n 
1 92  ASN n 
1 93  ALA n 
1 94  ARG n 
1 95  ASN n 
1 96  LEU n 
1 97  THR n 
1 98  VAL n 
1 99  CYS n 
1 100 VAL n 
1 101 GLU n 
1 102 GLY n 
1 103 LEU n 
1 104 PHE n 
1 105 ASN n 
1 106 ASN n 
1 107 VAL n 
1 108 LEU n 
1 109 TYR n 
1 110 HIS n 
1 111 LEU n 
1 112 VAL n 
1 113 ASN n 
1 114 GLU n 
1 115 SER n 
1 116 VAL n 
1 117 LYS n 
1 118 LEU n 
1 119 LYS n 
1 120 PHE n 
1 121 LEU n 
1 122 PRO n 
1 123 GLY n 
1 124 MET n 
1 125 THR n 
1 126 THR n 
1 127 LYS n 
1 128 GLY n 
1 129 LYS n 
1 130 TYR n 
1 131 PHE n 
1 132 ARG n 
1 133 ASP n 
1 134 GLY n 
1 135 GLU n 
1 136 GLN n 
1 137 PHE n 
1 138 ILE n 
1 139 GLU n 
1 140 ASN n 
1 141 TYR n 
1 142 LEU n 
1 143 MET n 
1 144 LYS n 
1 145 LYS n 
1 146 ILE n 
1 147 PRO n 
1 148 LEU n 
1 149 ASN n 
1 150 VAL n 
1 151 VAL n 
1 152 TRP n 
1 153 CYS n 
1 154 VAL n 
1 155 THR n 
1 156 ASN n 
1 157 ILE n 
1 158 ASP n 
1 159 GLY n 
1 160 TYR n 
1 161 ILE n 
1 162 ASP n 
1 163 THR n 
1 164 CYS n 
1 165 ILE n 
1 166 SER n 
1 167 ALA n 
1 168 SER n 
1 169 PHE n 
1 170 ARG n 
1 171 ARG n 
1 172 GLY n 
1 173 ALA n 
1 174 CYS n 
1 175 HIS n 
1 176 ALA n 
# 
_entity_src_gen.entity_id                          1 
_entity_src_gen.pdbx_src_id                        1 
_entity_src_gen.pdbx_alt_source_flag               sample 
_entity_src_gen.pdbx_seq_type                      'Biological sequence' 
_entity_src_gen.pdbx_beg_seq_num                   1 
_entity_src_gen.pdbx_end_seq_num                   176 
_entity_src_gen.gene_src_common_name               ? 
_entity_src_gen.gene_src_genus                     ? 
_entity_src_gen.pdbx_gene_src_gene                 ? 
_entity_src_gen.gene_src_species                   ? 
_entity_src_gen.gene_src_strain                    ? 
_entity_src_gen.gene_src_tissue                    ? 
_entity_src_gen.gene_src_tissue_fraction           ? 
_entity_src_gen.gene_src_details                   ? 
_entity_src_gen.pdbx_gene_src_fragment             ? 
_entity_src_gen.pdbx_gene_src_scientific_name      'Human parvovirus B19' 
_entity_src_gen.pdbx_gene_src_ncbi_taxonomy_id     10798 
_entity_src_gen.pdbx_gene_src_variant              ? 
_entity_src_gen.pdbx_gene_src_cell_line            ? 
_entity_src_gen.pdbx_gene_src_atcc                 ? 
_entity_src_gen.pdbx_gene_src_organ                ? 
_entity_src_gen.pdbx_gene_src_organelle            ? 
_entity_src_gen.pdbx_gene_src_cell                 ? 
_entity_src_gen.pdbx_gene_src_cellular_location    ? 
_entity_src_gen.host_org_common_name               ? 
_entity_src_gen.pdbx_host_org_scientific_name      'Escherichia coli' 
_entity_src_gen.pdbx_host_org_ncbi_taxonomy_id     562 
_entity_src_gen.host_org_genus                     ? 
_entity_src_gen.pdbx_host_org_gene                 ? 
_entity_src_gen.pdbx_host_org_organ                ? 
_entity_src_gen.host_org_species                   ? 
_entity_src_gen.pdbx_host_org_tissue               ? 
_entity_src_gen.pdbx_host_org_tissue_fraction      ? 
_entity_src_gen.pdbx_host_org_strain               ? 
_entity_src_gen.pdbx_host_org_variant              ? 
_entity_src_gen.pdbx_host_org_cell_line            ? 
_entity_src_gen.pdbx_host_org_atcc                 ? 
_entity_src_gen.pdbx_host_org_culture_collection   ? 
_entity_src_gen.pdbx_host_org_cell                 ? 
_entity_src_gen.pdbx_host_org_organelle            ? 
_entity_src_gen.pdbx_host_org_cellular_location    ? 
_entity_src_gen.pdbx_host_org_vector_type          ? 
_entity_src_gen.pdbx_host_org_vector               ? 
_entity_src_gen.host_org_details                   ? 
_entity_src_gen.expression_system_id               ? 
_entity_src_gen.plasmid_name                       ? 
_entity_src_gen.plasmid_details                    ? 
_entity_src_gen.pdbx_description                   ? 
# 
_struct_ref.id                         1 
_struct_ref.db_name                    UNP 
_struct_ref.db_code                    A3F778_PAVHB 
_struct_ref.pdbx_db_accession          A3F778 
_struct_ref.pdbx_db_isoform            ? 
_struct_ref.entity_id                  1 
_struct_ref.pdbx_seq_one_letter_code   
;ELFRGVLHISSNILDCANDNWWCSMLDLDTSDWEPLTHSNRLMAIYLSNVASRLDFTGGPLAGCLYFFQVECNKFEEGYH
IHVVIGGPGLNARNLTVCVEGLFNNVLYHLVNESVKLKFLPGMTTKGKYFRDGEQFIENYLMKKIPLNVVWCVTNIDGYI
DTCISASFRRGACHA
;
_struct_ref.pdbx_align_begin           2 
# 
_struct_ref_seq.align_id                      1 
_struct_ref_seq.ref_id                        1 
_struct_ref_seq.pdbx_PDB_id_code              7SZY 
_struct_ref_seq.pdbx_strand_id                A 
_struct_ref_seq.seq_align_beg                 2 
_struct_ref_seq.pdbx_seq_align_beg_ins_code   ? 
_struct_ref_seq.seq_align_end                 176 
_struct_ref_seq.pdbx_seq_align_end_ins_code   ? 
_struct_ref_seq.pdbx_db_accession             A3F778 
_struct_ref_seq.db_align_beg                  2 
_struct_ref_seq.pdbx_db_align_beg_ins_code    ? 
_struct_ref_seq.db_align_end                  176 
_struct_ref_seq.pdbx_db_align_end_ins_code    ? 
_struct_ref_seq.pdbx_auth_seq_align_beg       2 
_struct_ref_seq.pdbx_auth_seq_align_end       176 
# 
_struct_ref_seq_dif.align_id                     1 
_struct_ref_seq_dif.pdbx_pdb_id_code             7SZY 
_struct_ref_seq_dif.mon_id                       GLY 
_struct_ref_seq_dif.pdbx_pdb_strand_id           A 
_struct_ref_seq_dif.seq_num                      1 
_struct_ref_seq_dif.pdbx_pdb_ins_code            ? 
_struct_ref_seq_dif.pdbx_seq_db_name             UNP 
_struct_ref_seq_dif.pdbx_seq_db_accession_code   A3F778 
_struct_ref_seq_dif.db_mon_id                    ? 
_struct_ref_seq_dif.pdbx_seq_db_seq_num          ? 
_struct_ref_seq_dif.details                      'expression tag' 
_struct_ref_seq_dif.pdbx_auth_seq_num            1 
_struct_ref_seq_dif.pdbx_ordinal                 1 
# 
loop_
_chem_comp.id 
_chem_comp.type 
_chem_comp.mon_nstd_flag 
_chem_comp.name 
_chem_comp.pdbx_synonyms 
_chem_comp.formula 
_chem_comp.formula_weight 
ALA 'L-peptide linking' y ALANINE         ? 'C3 H7 N O2'     89.093  
ARG 'L-peptide linking' y ARGININE        ? 'C6 H15 N4 O2 1' 175.209 
ASN 'L-peptide linking' y ASPARAGINE      ? 'C4 H8 N2 O3'    132.118 
ASP 'L-peptide linking' y 'ASPARTIC ACID' ? 'C4 H7 N O4'     133.103 
CIT non-polymer         . 'CITRIC ACID'   ? 'C6 H8 O7'       192.124 
CYS 'L-peptide linking' y CYSTEINE        ? 'C3 H7 N O2 S'   121.158 
GLN 'L-peptide linking' y GLUTAMINE       ? 'C5 H10 N2 O3'   146.144 
GLU 'L-peptide linking' y 'GLUTAMIC ACID' ? 'C5 H9 N O4'     147.129 
GLY 'peptide linking'   y GLYCINE         ? 'C2 H5 N O2'     75.067  
HIS 'L-peptide linking' y HISTIDINE       ? 'C6 H10 N3 O2 1' 156.162 
HOH non-polymer         . WATER           ? 'H2 O'           18.015  
ILE 'L-peptide linking' y ISOLEUCINE      ? 'C6 H13 N O2'    131.173 
LEU 'L-peptide linking' y LEUCINE         ? 'C6 H13 N O2'    131.173 
LYS 'L-peptide linking' y LYSINE          ? 'C6 H15 N2 O2 1' 147.195 
MET 'L-peptide linking' y METHIONINE      ? 'C5 H11 N O2 S'  149.211 
PHE 'L-peptide linking' y PHENYLALANINE   ? 'C9 H11 N O2'    165.189 
PRO 'L-peptide linking' y PROLINE         ? 'C5 H9 N O2'     115.130 
SER 'L-peptide linking' y SERINE          ? 'C3 H7 N O3'     105.093 
THR 'L-peptide linking' y THREONINE       ? 'C4 H9 N O3'     119.119 
TRP 'L-peptide linking' y TRYPTOPHAN      ? 'C11 H12 N2 O2'  204.225 
TYR 'L-peptide linking' y TYROSINE        ? 'C9 H11 N O3'    181.189 
VAL 'L-peptide linking' y VALINE          ? 'C5 H11 N O2'    117.146 
# 
_exptl.absorpt_coefficient_mu     ? 
_exptl.absorpt_correction_T_max   ? 
_exptl.absorpt_correction_T_min   ? 
_exptl.absorpt_correction_type    ? 
_exptl.absorpt_process_details    ? 
_exptl.entry_id                   7SZY 
_exptl.crystals_number            1 
_exptl.details                    ? 
_exptl.method                     'X-RAY DIFFRACTION' 
_exptl.method_details             ? 
# 
_exptl_crystal.colour                      ? 
_exptl_crystal.density_diffrn              ? 
_exptl_crystal.density_Matthews            2.09 
_exptl_crystal.density_method              ? 
_exptl_crystal.density_percent_sol         41.03 
_exptl_crystal.description                 ? 
_exptl_crystal.F_000                       ? 
_exptl_crystal.id                          1 
_exptl_crystal.preparation                 ? 
_exptl_crystal.size_max                    ? 
_exptl_crystal.size_mid                    ? 
_exptl_crystal.size_min                    ? 
_exptl_crystal.size_rad                    ? 
_exptl_crystal.colour_lustre               ? 
_exptl_crystal.colour_modifier             ? 
_exptl_crystal.colour_primary              ? 
_exptl_crystal.density_meas                ? 
_exptl_crystal.density_meas_esd            ? 
_exptl_crystal.density_meas_gt             ? 
_exptl_crystal.density_meas_lt             ? 
_exptl_crystal.density_meas_temp           ? 
_exptl_crystal.density_meas_temp_esd       ? 
_exptl_crystal.density_meas_temp_gt        ? 
_exptl_crystal.density_meas_temp_lt        ? 
_exptl_crystal.pdbx_crystal_image_url      ? 
_exptl_crystal.pdbx_crystal_image_format   ? 
_exptl_crystal.pdbx_mosaicity              ? 
_exptl_crystal.pdbx_mosaicity_esd          ? 
# 
_exptl_crystal_grow.apparatus       ? 
_exptl_crystal_grow.atmosphere      ? 
_exptl_crystal_grow.crystal_id      1 
_exptl_crystal_grow.details         ? 
_exptl_crystal_grow.method          'VAPOR DIFFUSION, HANGING DROP' 
_exptl_crystal_grow.method_ref      ? 
_exptl_crystal_grow.pH              4.5 
_exptl_crystal_grow.pressure        ? 
_exptl_crystal_grow.pressure_esd    ? 
_exptl_crystal_grow.seeding         ? 
_exptl_crystal_grow.seeding_ref     ? 
_exptl_crystal_grow.temp            290 
_exptl_crystal_grow.temp_details    ? 
_exptl_crystal_grow.temp_esd        ? 
_exptl_crystal_grow.time            ? 
_exptl_crystal_grow.pdbx_details    
;15% PEG 3350
0.1M sodium citrate pH 4.5
0.1M NaCl
0.1M LiCl
;
_exptl_crystal_grow.pdbx_pH_range   ? 
# 
_diffrn.ambient_environment              ? 
_diffrn.ambient_temp                     100 
_diffrn.ambient_temp_details             ? 
_diffrn.ambient_temp_esd                 ? 
_diffrn.crystal_id                       1 
_diffrn.crystal_support                  ? 
_diffrn.crystal_treatment                ? 
_diffrn.details                          ? 
_diffrn.id                               1 
_diffrn.ambient_pressure                 ? 
_diffrn.ambient_pressure_esd             ? 
_diffrn.ambient_pressure_gt              ? 
_diffrn.ambient_pressure_lt              ? 
_diffrn.ambient_temp_gt                  ? 
_diffrn.ambient_temp_lt                  ? 
_diffrn.pdbx_serial_crystal_experiment   N 
# 
_diffrn_detector.details                      ? 
_diffrn_detector.detector                     PIXEL 
_diffrn_detector.diffrn_id                    1 
_diffrn_detector.type                         'DECTRIS PILATUS3 6M' 
_diffrn_detector.area_resol_mean              ? 
_diffrn_detector.dtime                        ? 
_diffrn_detector.pdbx_frames_total            ? 
_diffrn_detector.pdbx_collection_time_total   ? 
_diffrn_detector.pdbx_collection_date         2013-04-22 
_diffrn_detector.pdbx_frequency               ? 
# 
_diffrn_radiation.collimation                      ? 
_diffrn_radiation.diffrn_id                        1 
_diffrn_radiation.filter_edge                      ? 
_diffrn_radiation.inhomogeneity                    ? 
_diffrn_radiation.monochromator                    ? 
_diffrn_radiation.polarisn_norm                    ? 
_diffrn_radiation.polarisn_ratio                   ? 
_diffrn_radiation.probe                            ? 
_diffrn_radiation.type                             ? 
_diffrn_radiation.xray_symbol                      ? 
_diffrn_radiation.wavelength_id                    1 
_diffrn_radiation.pdbx_monochromatic_or_laue_m_l   M 
_diffrn_radiation.pdbx_wavelength_list             ? 
_diffrn_radiation.pdbx_wavelength                  ? 
_diffrn_radiation.pdbx_diffrn_protocol             'SINGLE WAVELENGTH' 
_diffrn_radiation.pdbx_analyzer                    ? 
_diffrn_radiation.pdbx_scattering_type             x-ray 
# 
_diffrn_radiation_wavelength.id           1 
_diffrn_radiation_wavelength.wavelength   0.97946 
_diffrn_radiation_wavelength.wt           1.0 
# 
_diffrn_source.current                     ? 
_diffrn_source.details                     ? 
_diffrn_source.diffrn_id                   1 
_diffrn_source.power                       ? 
_diffrn_source.size                        ? 
_diffrn_source.source                      SYNCHROTRON 
_diffrn_source.target                      ? 
_diffrn_source.type                        'SSRL BEAMLINE BL9-2' 
_diffrn_source.voltage                     ? 
_diffrn_source.take-off_angle              ? 
_diffrn_source.pdbx_wavelength_list        0.97946 
_diffrn_source.pdbx_wavelength             ? 
_diffrn_source.pdbx_synchrotron_beamline   BL9-2 
_diffrn_source.pdbx_synchrotron_site       SSRL 
# 
_reflns.B_iso_Wilson_estimate                          28.31 
_reflns.entry_id                                       7SZY 
_reflns.data_reduction_details                         ? 
_reflns.data_reduction_method                          ? 
_reflns.d_resolution_high                              2.4 
_reflns.d_resolution_low                               45.06 
_reflns.details                                        ? 
_reflns.limit_h_max                                    ? 
_reflns.limit_h_min                                    ? 
_reflns.limit_k_max                                    ? 
_reflns.limit_k_min                                    ? 
_reflns.limit_l_max                                    ? 
_reflns.limit_l_min                                    ? 
_reflns.number_all                                     ? 
_reflns.number_obs                                     6799 
_reflns.observed_criterion                             ? 
_reflns.observed_criterion_F_max                       ? 
_reflns.observed_criterion_F_min                       ? 
_reflns.observed_criterion_I_max                       ? 
_reflns.observed_criterion_I_min                       ? 
_reflns.observed_criterion_sigma_F                     ? 
_reflns.observed_criterion_sigma_I                     ? 
_reflns.percent_possible_obs                           98.44 
_reflns.R_free_details                                 ? 
_reflns.Rmerge_F_all                                   ? 
_reflns.Rmerge_F_obs                                   ? 
_reflns.Friedel_coverage                               ? 
_reflns.number_gt                                      ? 
_reflns.threshold_expression                           ? 
_reflns.pdbx_redundancy                                2.0 
_reflns.pdbx_Rmerge_I_obs                              0.1022 
_reflns.pdbx_Rmerge_I_all                              ? 
_reflns.pdbx_Rsym_value                                ? 
_reflns.pdbx_netI_over_av_sigmaI                       ? 
_reflns.pdbx_netI_over_sigmaI                          7.21 
_reflns.pdbx_res_netI_over_av_sigmaI_2                 ? 
_reflns.pdbx_res_netI_over_sigmaI_2                    ? 
_reflns.pdbx_chi_squared                               ? 
_reflns.pdbx_scaling_rejects                           ? 
_reflns.pdbx_d_res_high_opt                            ? 
_reflns.pdbx_d_res_low_opt                             ? 
_reflns.pdbx_d_res_opt_method                          ? 
_reflns.phase_calculation_details                      ? 
_reflns.pdbx_Rrim_I_all                                0.1446 
_reflns.pdbx_Rpim_I_all                                0.1022 
_reflns.pdbx_d_opt                                     ? 
_reflns.pdbx_number_measured_all                       ? 
_reflns.pdbx_diffrn_id                                 1 
_reflns.pdbx_ordinal                                   1 
_reflns.pdbx_CC_half                                   0.981 
_reflns.pdbx_CC_star                                   0.995 
_reflns.pdbx_R_split                                   ? 
_reflns.pdbx_aniso_diffraction_limit_axis_1_ortho[1]   ? 
_reflns.pdbx_aniso_diffraction_limit_axis_1_ortho[2]   ? 
_reflns.pdbx_aniso_diffraction_limit_axis_1_ortho[3]   ? 
_reflns.pdbx_aniso_diffraction_limit_axis_2_ortho[1]   ? 
_reflns.pdbx_aniso_diffraction_limit_axis_2_ortho[2]   ? 
_reflns.pdbx_aniso_diffraction_limit_axis_2_ortho[3]   ? 
_reflns.pdbx_aniso_diffraction_limit_axis_3_ortho[1]   ? 
_reflns.pdbx_aniso_diffraction_limit_axis_3_ortho[2]   ? 
_reflns.pdbx_aniso_diffraction_limit_axis_3_ortho[3]   ? 
_reflns.pdbx_aniso_diffraction_limit_1                 ? 
_reflns.pdbx_aniso_diffraction_limit_2                 ? 
_reflns.pdbx_aniso_diffraction_limit_3                 ? 
_reflns.pdbx_aniso_B_tensor_eigenvector_1_ortho[1]     ? 
_reflns.pdbx_aniso_B_tensor_eigenvector_1_ortho[2]     ? 
_reflns.pdbx_aniso_B_tensor_eigenvector_1_ortho[3]     ? 
_reflns.pdbx_aniso_B_tensor_eigenvector_2_ortho[1]     ? 
_reflns.pdbx_aniso_B_tensor_eigenvector_2_ortho[2]     ? 
_reflns.pdbx_aniso_B_tensor_eigenvector_2_ortho[3]     ? 
_reflns.pdbx_aniso_B_tensor_eigenvector_3_ortho[1]     ? 
_reflns.pdbx_aniso_B_tensor_eigenvector_3_ortho[2]     ? 
_reflns.pdbx_aniso_B_tensor_eigenvector_3_ortho[3]     ? 
_reflns.pdbx_aniso_B_tensor_eigenvalue_1               ? 
_reflns.pdbx_aniso_B_tensor_eigenvalue_2               ? 
_reflns.pdbx_aniso_B_tensor_eigenvalue_3               ? 
_reflns.pdbx_orthogonalization_convention              ? 
_reflns.pdbx_percent_possible_ellipsoidal              ? 
_reflns.pdbx_percent_possible_spherical                ? 
_reflns.pdbx_percent_possible_ellipsoidal_anomalous    ? 
_reflns.pdbx_percent_possible_spherical_anomalous      ? 
_reflns.pdbx_redundancy_anomalous                      ? 
_reflns.pdbx_CC_half_anomalous                         ? 
_reflns.pdbx_absDiff_over_sigma_anomalous              ? 
_reflns.pdbx_percent_possible_anomalous                ? 
_reflns.pdbx_observed_signal_threshold                 ? 
_reflns.pdbx_signal_type                               ? 
_reflns.pdbx_signal_details                            ? 
_reflns.pdbx_signal_software_id                        ? 
# 
_reflns_shell.d_res_high                                    2.4 
_reflns_shell.d_res_low                                     2.486 
_reflns_shell.meanI_over_sigI_all                           ? 
_reflns_shell.meanI_over_sigI_obs                           2.43 
_reflns_shell.number_measured_all                           ? 
_reflns_shell.number_measured_obs                           ? 
_reflns_shell.number_possible                               ? 
_reflns_shell.number_unique_all                             ? 
_reflns_shell.number_unique_obs                             665 
_reflns_shell.percent_possible_all                          98.66 
_reflns_shell.percent_possible_obs                          ? 
_reflns_shell.Rmerge_F_all                                  ? 
_reflns_shell.Rmerge_F_obs                                  ? 
_reflns_shell.Rmerge_I_all                                  ? 
_reflns_shell.Rmerge_I_obs                                  0.5331 
_reflns_shell.meanI_over_sigI_gt                            ? 
_reflns_shell.meanI_over_uI_all                             ? 
_reflns_shell.meanI_over_uI_gt                              ? 
_reflns_shell.number_measured_gt                            ? 
_reflns_shell.number_unique_gt                              ? 
_reflns_shell.percent_possible_gt                           ? 
_reflns_shell.Rmerge_F_gt                                   ? 
_reflns_shell.Rmerge_I_gt                                   ? 
_reflns_shell.pdbx_redundancy                               2.0 
_reflns_shell.pdbx_Rsym_value                               ? 
_reflns_shell.pdbx_chi_squared                              ? 
_reflns_shell.pdbx_netI_over_sigmaI_all                     ? 
_reflns_shell.pdbx_netI_over_sigmaI_obs                     ? 
_reflns_shell.pdbx_Rrim_I_all                               0.7539 
_reflns_shell.pdbx_Rpim_I_all                               0.5331 
_reflns_shell.pdbx_rejects                                  ? 
_reflns_shell.pdbx_ordinal                                  1 
_reflns_shell.pdbx_diffrn_id                                1 
_reflns_shell.pdbx_CC_half                                  0.385 
_reflns_shell.pdbx_CC_star                                  0.745 
_reflns_shell.pdbx_R_split                                  ? 
_reflns_shell.pdbx_percent_possible_ellipsoidal             ? 
_reflns_shell.pdbx_percent_possible_spherical               ? 
_reflns_shell.pdbx_percent_possible_ellipsoidal_anomalous   ? 
_reflns_shell.pdbx_percent_possible_spherical_anomalous     ? 
_reflns_shell.pdbx_redundancy_anomalous                     ? 
_reflns_shell.pdbx_CC_half_anomalous                        ? 
_reflns_shell.pdbx_absDiff_over_sigma_anomalous             ? 
_reflns_shell.pdbx_percent_possible_anomalous               ? 
# 
_refine.aniso_B[1][1]                            ? 
_refine.aniso_B[1][2]                            ? 
_refine.aniso_B[1][3]                            ? 
_refine.aniso_B[2][2]                            ? 
_refine.aniso_B[2][3]                            ? 
_refine.aniso_B[3][3]                            ? 
_refine.B_iso_max                                ? 
_refine.B_iso_mean                               30.11 
_refine.B_iso_min                                ? 
_refine.correlation_coeff_Fo_to_Fc               ? 
_refine.correlation_coeff_Fo_to_Fc_free          ? 
_refine.details                                  ? 
_refine.diff_density_max                         ? 
_refine.diff_density_max_esd                     ? 
_refine.diff_density_min                         ? 
_refine.diff_density_min_esd                     ? 
_refine.diff_density_rms                         ? 
_refine.diff_density_rms_esd                     ? 
_refine.entry_id                                 7SZY 
_refine.pdbx_refine_id                           'X-RAY DIFFRACTION' 
_refine.ls_abs_structure_details                 ? 
_refine.ls_abs_structure_Flack                   ? 
_refine.ls_abs_structure_Flack_esd               ? 
_refine.ls_abs_structure_Rogers                  ? 
_refine.ls_abs_structure_Rogers_esd              ? 
_refine.ls_d_res_high                            2.40 
_refine.ls_d_res_low                             45.06 
_refine.ls_extinction_coef                       ? 
_refine.ls_extinction_coef_esd                   ? 
_refine.ls_extinction_expression                 ? 
_refine.ls_extinction_method                     ? 
_refine.ls_goodness_of_fit_all                   ? 
_refine.ls_goodness_of_fit_all_esd               ? 
_refine.ls_goodness_of_fit_obs                   ? 
_refine.ls_goodness_of_fit_obs_esd               ? 
_refine.ls_hydrogen_treatment                    ? 
_refine.ls_matrix_type                           ? 
_refine.ls_number_constraints                    ? 
_refine.ls_number_parameters                     ? 
_refine.ls_number_reflns_all                     ? 
_refine.ls_number_reflns_obs                     6797 
_refine.ls_number_reflns_R_free                  333 
_refine.ls_number_reflns_R_work                  6464 
_refine.ls_number_restraints                     ? 
_refine.ls_percent_reflns_obs                    98.44 
_refine.ls_percent_reflns_R_free                 4.90 
_refine.ls_R_factor_all                          ? 
_refine.ls_R_factor_obs                          0.2009 
_refine.ls_R_factor_R_free                       0.2571 
_refine.ls_R_factor_R_free_error                 ? 
_refine.ls_R_factor_R_free_error_details         ? 
_refine.ls_R_factor_R_work                       0.1981 
_refine.ls_R_Fsqd_factor_obs                     ? 
_refine.ls_R_I_factor_obs                        ? 
_refine.ls_redundancy_reflns_all                 ? 
_refine.ls_redundancy_reflns_obs                 ? 
_refine.ls_restrained_S_all                      ? 
_refine.ls_restrained_S_obs                      ? 
_refine.ls_shift_over_esd_max                    ? 
_refine.ls_shift_over_esd_mean                   ? 
_refine.ls_structure_factor_coef                 ? 
_refine.ls_weighting_details                     ? 
_refine.ls_weighting_scheme                      ? 
_refine.ls_wR_factor_all                         ? 
_refine.ls_wR_factor_obs                         ? 
_refine.ls_wR_factor_R_free                      ? 
_refine.ls_wR_factor_R_work                      ? 
_refine.occupancy_max                            ? 
_refine.occupancy_min                            ? 
_refine.solvent_model_details                    'FLAT BULK SOLVENT MODEL' 
_refine.solvent_model_param_bsol                 ? 
_refine.solvent_model_param_ksol                 ? 
_refine.pdbx_R_complete                          ? 
_refine.ls_R_factor_gt                           ? 
_refine.ls_goodness_of_fit_gt                    ? 
_refine.ls_goodness_of_fit_ref                   ? 
_refine.ls_shift_over_su_max                     ? 
_refine.ls_shift_over_su_max_lt                  ? 
_refine.ls_shift_over_su_mean                    ? 
_refine.ls_shift_over_su_mean_lt                 ? 
_refine.pdbx_ls_sigma_I                          ? 
_refine.pdbx_ls_sigma_F                          1.35 
_refine.pdbx_ls_sigma_Fsqd                       ? 
_refine.pdbx_data_cutoff_high_absF               ? 
_refine.pdbx_data_cutoff_high_rms_absF           ? 
_refine.pdbx_data_cutoff_low_absF                ? 
_refine.pdbx_isotropic_thermal_model             ? 
_refine.pdbx_ls_cross_valid_method               'FREE R-VALUE' 
_refine.pdbx_method_to_determine_struct          'MOLECULAR REPLACEMENT' 
_refine.pdbx_starting_model                      6USM 
_refine.pdbx_stereochemistry_target_values       'GeoStd + Monomer Library + CDL v1.2' 
_refine.pdbx_R_Free_selection_details            'Random Selection' 
_refine.pdbx_stereochem_target_val_spec_case     ? 
_refine.pdbx_overall_ESU_R                       ? 
_refine.pdbx_overall_ESU_R_Free                  ? 
_refine.pdbx_solvent_vdw_probe_radii             1.1100 
_refine.pdbx_solvent_ion_probe_radii             ? 
_refine.pdbx_solvent_shrinkage_radii             0.9000 
_refine.pdbx_real_space_R                        ? 
_refine.pdbx_density_correlation                 ? 
_refine.pdbx_pd_number_of_powder_patterns        ? 
_refine.pdbx_pd_number_of_points                 ? 
_refine.pdbx_pd_meas_number_of_points            ? 
_refine.pdbx_pd_proc_ls_prof_R_factor            ? 
_refine.pdbx_pd_proc_ls_prof_wR_factor           ? 
_refine.pdbx_pd_Marquardt_correlation_coeff      ? 
_refine.pdbx_pd_Fsqrd_R_factor                   ? 
_refine.pdbx_pd_ls_matrix_band_width             ? 
_refine.pdbx_overall_phase_error                 26.1193 
_refine.pdbx_overall_SU_R_free_Cruickshank_DPI   ? 
_refine.pdbx_overall_SU_R_free_Blow_DPI          ? 
_refine.pdbx_overall_SU_R_Blow_DPI               ? 
_refine.pdbx_TLS_residual_ADP_flag               ? 
_refine.pdbx_diffrn_id                           1 
_refine.overall_SU_B                             ? 
_refine.overall_SU_ML                            0.2778 
_refine.overall_SU_R_Cruickshank_DPI             ? 
_refine.overall_SU_R_free                        ? 
_refine.overall_FOM_free_R_set                   ? 
_refine.overall_FOM_work_R_set                   ? 
_refine.pdbx_average_fsc_overall                 ? 
_refine.pdbx_average_fsc_work                    ? 
_refine.pdbx_average_fsc_free                    ? 
# 
_refine_hist.pdbx_refine_id                   'X-RAY DIFFRACTION' 
_refine_hist.cycle_id                         LAST 
_refine_hist.details                          ? 
_refine_hist.d_res_high                       2.40 
_refine_hist.d_res_low                        45.06 
_refine_hist.number_atoms_solvent             89 
_refine_hist.number_atoms_total               1439 
_refine_hist.number_reflns_all                ? 
_refine_hist.number_reflns_obs                ? 
_refine_hist.number_reflns_R_free             ? 
_refine_hist.number_reflns_R_work             ? 
_refine_hist.R_factor_all                     ? 
_refine_hist.R_factor_obs                     ? 
_refine_hist.R_factor_R_free                  ? 
_refine_hist.R_factor_R_work                  ? 
_refine_hist.pdbx_number_residues_total       ? 
_refine_hist.pdbx_B_iso_mean_ligand           ? 
_refine_hist.pdbx_B_iso_mean_solvent          ? 
_refine_hist.pdbx_number_atoms_protein        1337 
_refine_hist.pdbx_number_atoms_nucleic_acid   0 
_refine_hist.pdbx_number_atoms_ligand         13 
_refine_hist.pdbx_number_atoms_lipid          ? 
_refine_hist.pdbx_number_atoms_carb           ? 
_refine_hist.pdbx_pseudo_atom_details         ? 
# 
loop_
_refine_ls_restr.pdbx_refine_id 
_refine_ls_restr.criterion 
_refine_ls_restr.dev_ideal 
_refine_ls_restr.dev_ideal_target 
_refine_ls_restr.number 
_refine_ls_restr.rejects 
_refine_ls_restr.type 
_refine_ls_restr.weight 
_refine_ls_restr.pdbx_restraint_function 
'X-RAY DIFFRACTION' ? 0.0027  ? 1382 ? f_bond_d           ? ? 
'X-RAY DIFFRACTION' ? 0.6129  ? 1881 ? f_angle_d          ? ? 
'X-RAY DIFFRACTION' ? 0.0411  ? 210  ? f_chiral_restr     ? ? 
'X-RAY DIFFRACTION' ? 0.0028  ? 239  ? f_plane_restr      ? ? 
'X-RAY DIFFRACTION' ? 19.4832 ? 473  ? f_dihedral_angle_d ? ? 
# 
loop_
_refine_ls_shell.pdbx_refine_id 
_refine_ls_shell.d_res_high 
_refine_ls_shell.d_res_low 
_refine_ls_shell.number_reflns_all 
_refine_ls_shell.number_reflns_obs 
_refine_ls_shell.number_reflns_R_free 
_refine_ls_shell.number_reflns_R_work 
_refine_ls_shell.percent_reflns_obs 
_refine_ls_shell.percent_reflns_R_free 
_refine_ls_shell.R_factor_all 
_refine_ls_shell.R_factor_obs 
_refine_ls_shell.R_factor_R_free 
_refine_ls_shell.R_factor_R_free_error 
_refine_ls_shell.R_factor_R_work 
_refine_ls_shell.redundancy_reflns_all 
_refine_ls_shell.redundancy_reflns_obs 
_refine_ls_shell.wR_factor_all 
_refine_ls_shell.wR_factor_obs 
_refine_ls_shell.wR_factor_R_free 
_refine_ls_shell.wR_factor_R_work 
_refine_ls_shell.pdbx_R_complete 
_refine_ls_shell.pdbx_total_number_of_bins_used 
_refine_ls_shell.pdbx_phase_error 
_refine_ls_shell.pdbx_fsc_work 
_refine_ls_shell.pdbx_fsc_free 
'X-RAY DIFFRACTION' 2.40 3.02  . . 166 3159 98.34 . . . 0.2969 . 0.2391 . . . . . . . . . . . 
'X-RAY DIFFRACTION' 3.02 45.06 . . 167 3305 98.52 . . . 0.2379 . 0.1805 . . . . . . . . . . . 
# 
_struct.entry_id                     7SZY 
_struct.title                        
'High-resolution structure of the nuclease domain from the main replication protein NS1 of Human Parvovirus B19' 
_struct.pdbx_model_details           ? 
_struct.pdbx_formula_weight          ? 
_struct.pdbx_formula_weight_method   ? 
_struct.pdbx_model_type_details      ? 
_struct.pdbx_CASP_flag               N 
# 
_struct_keywords.entry_id        7SZY 
_struct_keywords.text            
'nuclease domain, viral origin of replication binding domain, parvovirus, double-stranded DNA binding, DNA nicking, VIRAL PROTEIN' 
_struct_keywords.pdbx_keywords   'VIRAL PROTEIN' 
# 
loop_
_struct_asym.id 
_struct_asym.pdbx_blank_PDB_chainid_flag 
_struct_asym.pdbx_modified 
_struct_asym.entity_id 
_struct_asym.details 
A N N 1 ? 
B N N 2 ? 
C N N 3 ? 
# 
loop_
_struct_conf.conf_type_id 
_struct_conf.id 
_struct_conf.pdbx_PDB_helix_id 
_struct_conf.beg_label_comp_id 
_struct_conf.beg_label_asym_id 
_struct_conf.beg_label_seq_id 
_struct_conf.pdbx_beg_PDB_ins_code 
_struct_conf.end_label_comp_id 
_struct_conf.end_label_asym_id 
_struct_conf.end_label_seq_id 
_struct_conf.pdbx_end_PDB_ins_code 
_struct_conf.beg_auth_comp_id 
_struct_conf.beg_auth_asym_id 
_struct_conf.beg_auth_seq_id 
_struct_conf.end_auth_comp_id 
_struct_conf.end_auth_asym_id 
_struct_conf.end_auth_seq_id 
_struct_conf.pdbx_PDB_helix_class 
_struct_conf.details 
_struct_conf.pdbx_PDB_helix_length 
HELX_P HELX_P1 AA1 SER A 11  ? CYS A 17  ? SER A 11  CYS A 17  1 ? 7  
HELX_P HELX_P2 AA2 ASN A 19  ? CYS A 24  ? ASN A 19  CYS A 24  1 ? 6  
HELX_P HELX_P3 AA3 THR A 38  ? PHE A 57  ? THR A 38  PHE A 57  1 ? 20 
HELX_P HELX_P4 AA4 GLY A 59  ? ALA A 63  ? GLY A 59  ALA A 63  5 ? 5  
HELX_P HELX_P5 AA5 ASN A 95  ? HIS A 110 ? ASN A 95  HIS A 110 1 ? 16 
HELX_P HELX_P6 AA6 ASP A 133 ? TYR A 141 ? ASP A 133 TYR A 141 1 ? 9  
HELX_P HELX_P7 AA7 LEU A 142 ? LYS A 145 ? LEU A 142 LYS A 145 5 ? 4  
HELX_P HELX_P8 AA8 GLY A 159 ? CYS A 164 ? GLY A 159 CYS A 164 1 ? 6  
HELX_P HELX_P9 AA9 SER A 166 ? HIS A 175 ? SER A 166 HIS A 175 1 ? 10 
# 
_struct_conf_type.id          HELX_P 
_struct_conf_type.criteria    ? 
_struct_conf_type.reference   ? 
# 
_struct_mon_prot_cis.pdbx_id                1 
_struct_mon_prot_cis.label_comp_id          PRO 
_struct_mon_prot_cis.label_seq_id           147 
_struct_mon_prot_cis.label_asym_id          A 
_struct_mon_prot_cis.label_alt_id           . 
_struct_mon_prot_cis.pdbx_PDB_ins_code      ? 
_struct_mon_prot_cis.auth_comp_id           PRO 
_struct_mon_prot_cis.auth_seq_id            147 
_struct_mon_prot_cis.auth_asym_id           A 
_struct_mon_prot_cis.pdbx_label_comp_id_2   LEU 
_struct_mon_prot_cis.pdbx_label_seq_id_2    148 
_struct_mon_prot_cis.pdbx_label_asym_id_2   A 
_struct_mon_prot_cis.pdbx_PDB_ins_code_2    ? 
_struct_mon_prot_cis.pdbx_auth_comp_id_2    LEU 
_struct_mon_prot_cis.pdbx_auth_seq_id_2     148 
_struct_mon_prot_cis.pdbx_auth_asym_id_2    A 
_struct_mon_prot_cis.pdbx_PDB_model_num     1 
_struct_mon_prot_cis.pdbx_omega_angle       4.78 
# 
_struct_sheet.id               AA1 
_struct_sheet.type             ? 
_struct_sheet.number_strands   5 
_struct_sheet.details          ? 
# 
loop_
_struct_sheet_order.sheet_id 
_struct_sheet_order.range_id_1 
_struct_sheet_order.range_id_2 
_struct_sheet_order.offset 
_struct_sheet_order.sense 
AA1 1 2 ? anti-parallel 
AA1 2 3 ? anti-parallel 
AA1 3 4 ? anti-parallel 
AA1 4 5 ? anti-parallel 
# 
loop_
_struct_sheet_range.sheet_id 
_struct_sheet_range.id 
_struct_sheet_range.beg_label_comp_id 
_struct_sheet_range.beg_label_asym_id 
_struct_sheet_range.beg_label_seq_id 
_struct_sheet_range.pdbx_beg_PDB_ins_code 
_struct_sheet_range.end_label_comp_id 
_struct_sheet_range.end_label_asym_id 
_struct_sheet_range.end_label_seq_id 
_struct_sheet_range.pdbx_end_PDB_ins_code 
_struct_sheet_range.beg_auth_comp_id 
_struct_sheet_range.beg_auth_asym_id 
_struct_sheet_range.beg_auth_seq_id 
_struct_sheet_range.end_auth_comp_id 
_struct_sheet_range.end_auth_asym_id 
_struct_sheet_range.end_auth_seq_id 
AA1 1 PHE A 120 ? PRO A 122 ? PHE A 120 PRO A 122 
AA1 2 PHE A 4   ? ILE A 10  ? PHE A 4   ILE A 10  
AA1 3 TYR A 80  ? GLY A 87  ? TYR A 80  GLY A 87  
AA1 4 LEU A 66  ? CYS A 73  ? LEU A 66  CYS A 73  
AA1 5 VAL A 150 ? THR A 155 ? VAL A 150 THR A 155 
# 
loop_
_pdbx_struct_sheet_hbond.sheet_id 
_pdbx_struct_sheet_hbond.range_id_1 
_pdbx_struct_sheet_hbond.range_id_2 
_pdbx_struct_sheet_hbond.range_1_label_atom_id 
_pdbx_struct_sheet_hbond.range_1_label_comp_id 
_pdbx_struct_sheet_hbond.range_1_label_asym_id 
_pdbx_struct_sheet_hbond.range_1_label_seq_id 
_pdbx_struct_sheet_hbond.range_1_PDB_ins_code 
_pdbx_struct_sheet_hbond.range_1_auth_atom_id 
_pdbx_struct_sheet_hbond.range_1_auth_comp_id 
_pdbx_struct_sheet_hbond.range_1_auth_asym_id 
_pdbx_struct_sheet_hbond.range_1_auth_seq_id 
_pdbx_struct_sheet_hbond.range_2_label_atom_id 
_pdbx_struct_sheet_hbond.range_2_label_comp_id 
_pdbx_struct_sheet_hbond.range_2_label_asym_id 
_pdbx_struct_sheet_hbond.range_2_label_seq_id 
_pdbx_struct_sheet_hbond.range_2_PDB_ins_code 
_pdbx_struct_sheet_hbond.range_2_auth_atom_id 
_pdbx_struct_sheet_hbond.range_2_auth_comp_id 
_pdbx_struct_sheet_hbond.range_2_auth_asym_id 
_pdbx_struct_sheet_hbond.range_2_auth_seq_id 
AA1 1 2 O LEU A 121 ? O LEU A 121 N VAL A 7   ? N VAL A 7   
AA1 2 3 N GLY A 6   ? N GLY A 6   O VAL A 84  ? O VAL A 84  
AA1 3 4 O HIS A 83  ? O HIS A 83  N GLN A 70  ? N GLN A 70  
AA1 4 5 N PHE A 69  ? N PHE A 69  O VAL A 154 ? O VAL A 154 
# 
_atom_sites.entry_id                    7SZY 
_atom_sites.Cartn_transf_matrix[1][1]   ? 
_atom_sites.Cartn_transf_matrix[1][2]   ? 
_atom_sites.Cartn_transf_matrix[1][3]   ? 
_atom_sites.Cartn_transf_matrix[2][1]   ? 
_atom_sites.Cartn_transf_matrix[2][2]   ? 
_atom_sites.Cartn_transf_matrix[2][3]   ? 
_atom_sites.Cartn_transf_matrix[3][1]   ? 
_atom_sites.Cartn_transf_matrix[3][2]   ? 
_atom_sites.Cartn_transf_matrix[3][3]   ? 
_atom_sites.Cartn_transf_vector[1]      ? 
_atom_sites.Cartn_transf_vector[2]      ? 
_atom_sites.Cartn_transf_vector[3]      ? 
_atom_sites.fract_transf_matrix[1][1]   0.01117569 
_atom_sites.fract_transf_matrix[1][2]   0.01314570 
_atom_sites.fract_transf_matrix[1][3]   -0.01395793 
_atom_sites.fract_transf_matrix[2][1]   -0.01217219 
_atom_sites.fract_transf_matrix[2][2]   -0.00584258 
_atom_sites.fract_transf_matrix[2][3]   -0.01524850 
_atom_sites.fract_transf_matrix[3][1]   -0.00831961 
_atom_sites.fract_transf_matrix[3][2]   0.01003982 
_atom_sites.fract_transf_matrix[3][3]   0.00279433 
_atom_sites.fract_transf_vector[1]      -0.279528 
_atom_sites.fract_transf_vector[2]      -0.370658 
_atom_sites.fract_transf_vector[3]      0.162517 
_atom_sites.solution_primary            ? 
_atom_sites.solution_secondary          ? 
_atom_sites.solution_hydrogens          ? 
_atom_sites.special_details             ? 
# 
loop_
_atom_type.symbol 
_atom_type.scat_dispersion_real 
_atom_type.scat_dispersion_imag 
_atom_type.scat_Cromer_Mann_a1 
_atom_type.scat_Cromer_Mann_a2 
_atom_type.scat_Cromer_Mann_a3 
_atom_type.scat_Cromer_Mann_a4 
_atom_type.scat_Cromer_Mann_b1 
_atom_type.scat_Cromer_Mann_b2 
_atom_type.scat_Cromer_Mann_b3 
_atom_type.scat_Cromer_Mann_b4 
_atom_type.scat_Cromer_Mann_c 
_atom_type.scat_source 
_atom_type.scat_dispersion_source 
C ? ? 3.54356 2.42580 ? ? 25.62398 1.50364  ? ? 0.0 
;2-Gaussian fit: Grosse-Kunstleve RW, Sauter NK, Adams PD: Newsletter of the IUCr Commission on Crystallographic Computing 2004, 3, 22-31.
;
? 
H ? ? ?       ?       ? ? ?        ?        ? ? ?   ? ? 
N ? ? 4.01032 2.96436 ? ? 19.97189 1.75589  ? ? 0.0 
;2-Gaussian fit: Grosse-Kunstleve RW, Sauter NK, Adams PD: Newsletter of the IUCr Commission on Crystallographic Computing 2004, 3, 22-31.
;
? 
O ? ? 4.49882 3.47563 ? ? 15.80542 1.70748  ? ? 0.0 
;2-Gaussian fit: Grosse-Kunstleve RW, Sauter NK, Adams PD: Newsletter of the IUCr Commission on Crystallographic Computing 2004, 3, 22-31.
;
? 
P ? ? 9.51135 5.44231 ? ? 1.42069  35.72801 ? ? 0.0 
;2-Gaussian fit: Grosse-Kunstleve RW, Sauter NK, Adams PD: Newsletter of the IUCr Commission on Crystallographic Computing 2004, 3, 22-31.
;
? 
S ? ? 9.55732 6.39887 ? ? 1.23737  29.19336 ? ? 0.0 
;2-Gaussian fit: Grosse-Kunstleve RW, Sauter NK, Adams PD: Newsletter of the IUCr Commission on Crystallographic Computing 2004, 3, 22-31.
;
? 
# 
loop_
_atom_site.group_PDB 
_atom_site.id 
_atom_site.type_symbol 
_atom_site.label_atom_id 
_atom_site.label_alt_id 
_atom_site.label_comp_id 
_atom_site.label_asym_id 
_atom_site.label_entity_id 
_atom_site.label_seq_id 
_atom_site.pdbx_PDB_ins_code 
_atom_site.Cartn_x 
_atom_site.Cartn_y 
_atom_site.Cartn_z 
_atom_site.occupancy 
_atom_site.B_iso_or_equiv 
_atom_site.pdbx_formal_charge 
_atom_site.auth_seq_id 
_atom_site.auth_comp_id 
_atom_site.auth_asym_id 
_atom_site.auth_atom_id 
_atom_site.pdbx_PDB_model_num 
ATOM   1    N N   . GLU A 1 2   ? 12.93468  12.57646  -3.47943  1.000 39.92145 ?  2   GLU A N   1 
ATOM   2    C CA  . GLU A 1 2   ? 11.66243  13.04772  -2.94761  1.000 25.43181 ?  2   GLU A CA  1 
ATOM   3    C C   . GLU A 1 2   ? 10.93527  11.97350  -2.13588  1.000 30.31028 ?  2   GLU A C   1 
ATOM   4    O O   . GLU A 1 2   ? 10.58743  12.19569  -0.97765  1.000 37.25051 ?  2   GLU A O   1 
ATOM   5    C CB  . GLU A 1 2   ? 10.75998  13.53668  -4.08417  1.000 30.45517 ?  2   GLU A CB  1 
ATOM   6    N N   . LEU A 1 3   ? 10.72106  10.80541  -2.73812  1.000 28.37337 ?  3   LEU A N   1 
ATOM   7    C CA  . LEU A 1 3   ? 9.83725   9.78543   -2.18676  1.000 24.88299 ?  3   LEU A CA  1 
ATOM   8    C C   . LEU A 1 3   ? 10.61477  8.50828   -1.89733  1.000 28.87377 ?  3   LEU A C   1 
ATOM   9    O O   . LEU A 1 3   ? 11.35512  8.02130   -2.75853  1.000 22.89858 ?  3   LEU A O   1 
ATOM   10   C CB  . LEU A 1 3   ? 8.69165   9.49901   -3.16070  1.000 27.15424 ?  3   LEU A CB  1 
ATOM   11   C CG  . LEU A 1 3   ? 7.32396   10.08826  -2.82631  1.000 27.46255 ?  3   LEU A CG  1 
ATOM   12   C CD1 . LEU A 1 3   ? 7.46967   11.55070  -2.46915  1.000 32.83452 ?  3   LEU A CD1 1 
ATOM   13   C CD2 . LEU A 1 3   ? 6.41069   9.94417   -4.02555  1.000 29.72461 ?  3   LEU A CD2 1 
ATOM   14   N N   . PHE A 1 4   ? 10.42692  7.96123   -0.69630  1.000 28.10590 ?  4   PHE A N   1 
ATOM   15   C CA  . PHE A 1 4   ? 11.06060  6.71678   -0.28454  1.000 23.05333 ?  4   PHE A CA  1 
ATOM   16   C C   . PHE A 1 4   ? 10.37296  5.51652   -0.93999  1.000 24.95277 ?  4   PHE A C   1 
ATOM   17   O O   . PHE A 1 4   ? 9.27884   5.62103   -1.49975  1.000 27.29504 ?  4   PHE A O   1 
ATOM   18   C CB  . PHE A 1 4   ? 11.02202  6.57600   1.23738   1.000 25.91124 ?  4   PHE A CB  1 
ATOM   19   C CG  . PHE A 1 4   ? 12.00250  7.45836   1.95985   1.000 31.48837 ?  4   PHE A CG  1 
ATOM   20   C CD1 . PHE A 1 4   ? 13.35639  7.38161   1.68052   1.000 28.64018 ?  4   PHE A CD1 1 
ATOM   21   C CD2 . PHE A 1 4   ? 11.57300  8.35231   2.92854   1.000 19.29156 ?  4   PHE A CD2 1 
ATOM   22   C CE1 . PHE A 1 4   ? 14.26215  8.18426   2.34760   1.000 30.69292 ?  4   PHE A CE1 1 
ATOM   23   C CE2 . PHE A 1 4   ? 12.47472  9.15724   3.59930   1.000 23.02031 ?  4   PHE A CE2 1 
ATOM   24   C CZ  . PHE A 1 4   ? 13.82152  9.07393   3.30811   1.000 23.14904 ?  4   PHE A CZ  1 
ATOM   25   N N   . ARG A 1 5   ? 11.02556  4.35477   -0.85017  1.000 29.67497 ?  5   ARG A N   1 
ATOM   26   C CA  . ARG A 1 5   ? 10.52057  3.11415   -1.42760  1.000 16.88492 ?  5   ARG A CA  1 
ATOM   27   C C   . ARG A 1 5   ? 10.71173  1.97168   -0.44254  1.000 20.78398 ?  5   ARG A C   1 
ATOM   28   O O   . ARG A 1 5   ? 11.74430  1.89166   0.22775   1.000 35.32452 ?  5   ARG A O   1 
ATOM   29   C CB  . ARG A 1 5   ? 11.23865  2.76376   -2.73607  1.000 26.90789 ?  5   ARG A CB  1 
ATOM   30   C CG  . ARG A 1 5   ? 10.92134  3.67345   -3.89987  1.000 38.34398 ?  5   ARG A CG  1 
ATOM   31   C CD  . ARG A 1 5   ? 11.73221  3.28236   -5.11990  1.000 21.54958 ?  5   ARG A CD  1 
ATOM   32   N NE  . ARG A 1 5   ? 11.98514  1.84674   -5.16443  1.000 28.16425 ?  5   ARG A NE  1 
ATOM   33   C CZ  . ARG A 1 5   ? 13.05906  1.29398   -5.71238  1.000 22.23974 ?  5   ARG A CZ  1 
ATOM   34   N NH1 . ARG A 1 5   ? 13.99860  2.02959   -6.28343  1.000 21.68052 ?  5   ARG A NH1 1 
ATOM   35   N NH2 . ARG A 1 5   ? 13.18877  -0.02889  -5.69373  1.000 20.96308 ?  5   ARG A NH2 1 
ATOM   36   N N   . GLY A 1 6   ? 9.73013   1.07799   -0.37841  1.000 33.73795 ?  6   GLY A N   1 
ATOM   37   C CA  . GLY A 1 6   ? 9.83693   -0.07095  0.50281   1.000 25.79177 ?  6   GLY A CA  1 
ATOM   38   C C   . GLY A 1 6   ? 8.72828   -1.06632  0.24384   1.000 20.97731 ?  6   GLY A C   1 
ATOM   39   O O   . GLY A 1 6   ? 7.81275   -0.82633  -0.54779  1.000 15.27015 ?  6   GLY A O   1 
ATOM   40   N N   . VAL A 1 7   ? 8.82415   -2.20264  0.93261   1.000 21.68687 ?  7   VAL A N   1 
ATOM   41   C CA  . VAL A 1 7   ? 7.89763   -3.31334  0.74742   1.000 23.74081 ?  7   VAL A CA  1 
ATOM   42   C C   . VAL A 1 7   ? 7.50860   -3.87063  2.11163   1.000 18.24191 ?  7   VAL A C   1 
ATOM   43   O O   . VAL A 1 7   ? 8.32710   -3.90849  3.03818   1.000 22.67932 ?  7   VAL A O   1 
ATOM   44   C CB  . VAL A 1 7   ? 8.51106   -4.42137  -0.14047  1.000 19.93272 ?  7   VAL A CB  1 
ATOM   45   C CG1 . VAL A 1 7   ? 7.56468   -5.60824  -0.26861  1.000 10.73672 ?  7   VAL A CG1 1 
ATOM   46   C CG2 . VAL A 1 7   ? 8.86034   -3.87825  -1.51963  1.000 30.56019 ?  7   VAL A CG2 1 
ATOM   47   N N   . LEU A 1 8   ? 6.24651   -4.27808  2.23740   1.000 25.94699 ?  8   LEU A N   1 
ATOM   48   C CA  . LEU A 1 8   ? 5.76904   -5.09039  3.34785   1.000 13.43099 ?  8   LEU A CA  1 
ATOM   49   C C   . LEU A 1 8   ? 5.22334   -6.39194  2.78220   1.000 25.97869 ?  8   LEU A C   1 
ATOM   50   O O   . LEU A 1 8   ? 4.44017   -6.37396  1.82706   1.000 29.53640 ?  8   LEU A O   1 
ATOM   51   C CB  . LEU A 1 8   ? 4.67471   -4.37939  4.14933   1.000 15.09866 ?  8   LEU A CB  1 
ATOM   52   C CG  . LEU A 1 8   ? 4.94405   -2.98843  4.72102   1.000 17.60747 ?  8   LEU A CG  1 
ATOM   53   C CD1 . LEU A 1 8   ? 3.73272   -2.10148  4.51333   1.000 15.34946 ?  8   LEU A CD1 1 
ATOM   54   C CD2 . LEU A 1 8   ? 5.28847   -3.08151  6.19542   1.000 12.42415 ?  8   LEU A CD2 1 
ATOM   55   N N   . HIS A 1 9   ? 5.63361   -7.51559  3.35940   1.000 16.29747 ?  9   HIS A N   1 
ATOM   56   C CA  . HIS A 1 9   ? 5.07539   -8.80104  2.96586   1.000 29.30596 ?  9   HIS A CA  1 
ATOM   57   C C   . HIS A 1 9   ? 3.90000   -9.15593  3.86246   1.000 24.99493 ?  9   HIS A C   1 
ATOM   58   O O   . HIS A 1 9   ? 3.93150   -8.92252  5.07421   1.000 28.14608 ?  9   HIS A O   1 
ATOM   59   C CB  . HIS A 1 9   ? 6.11887   -9.91586  3.02487   1.000 13.49382 ?  9   HIS A CB  1 
ATOM   60   C CG  . HIS A 1 9   ? 5.56471   -11.26284 2.67838   1.000 34.86628 ?  9   HIS A CG  1 
ATOM   61   N ND1 . HIS A 1 9   ? 5.38789   -12.26060 3.61322   1.000 47.54644 ?  9   HIS A ND1 1 
ATOM   62   C CD2 . HIS A 1 9   ? 5.10900   -11.76295 1.50542   1.000 33.96131 ?  9   HIS A CD2 1 
ATOM   63   C CE1 . HIS A 1 9   ? 4.86773   -13.32402 3.02676   1.000 33.64418 ?  9   HIS A CE1 1 
ATOM   64   N NE2 . HIS A 1 9   ? 4.68877   -13.04840 1.74704   1.000 30.85028 ?  9   HIS A NE2 1 
ATOM   65   N N   . ILE A 1 10  ? 2.85822   -9.71834  3.25867   1.000 22.14979 ?  10  ILE A N   1 
ATOM   66   C CA  . ILE A 1 10  ? 1.68119   -10.17891 3.98603   1.000 27.88469 ?  10  ILE A CA  1 
ATOM   67   C C   . ILE A 1 10  ? 1.49987   -11.65108 3.64367   1.000 33.87920 ?  10  ILE A C   1 
ATOM   68   O O   . ILE A 1 10  ? 1.00202   -11.99181 2.56482   1.000 33.02010 ?  10  ILE A O   1 
ATOM   69   C CB  . ILE A 1 10  ? 0.42530   -9.36878  3.64967   1.000 23.17367 ?  10  ILE A CB  1 
ATOM   70   C CG1 . ILE A 1 10  ? 0.53724   -7.96250  4.23695   1.000 29.58513 ?  10  ILE A CG1 1 
ATOM   71   C CG2 . ILE A 1 10  ? -0.81591  -10.04957 4.20411   1.000 29.10100 ?  10  ILE A CG2 1 
ATOM   72   C CD1 . ILE A 1 10  ? -0.40406  -6.97162  3.60560   1.000 41.35641 ?  10  ILE A CD1 1 
ATOM   73   N N   . SER A 1 11  ? 1.91859   -12.52792 4.55231   1.000 40.54051 ?  11  SER A N   1 
ATOM   74   C CA  . SER A 1 11  ? 1.69920   -13.95029 4.36151   1.000 43.00367 ?  11  SER A CA  1 
ATOM   75   C C   . SER A 1 11  ? 0.20494   -14.25625 4.39062   1.000 40.46654 ?  11  SER A C   1 
ATOM   76   O O   . SER A 1 11  ? -0.60792  -13.48037 4.89982   1.000 37.45980 ?  11  SER A O   1 
ATOM   77   C CB  . SER A 1 11  ? 2.43414   -14.75324 5.43552   1.000 39.47375 ?  11  SER A CB  1 
ATOM   78   O OG  . SER A 1 11  ? 2.19491   -14.21867 6.72528   1.000 45.69480 ?  11  SER A OG  1 
ATOM   79   N N   . SER A 1 12  ? -0.15630  -15.40580 3.81850   1.000 40.33038 ?  12  SER A N   1 
ATOM   80   C CA  . SER A 1 12  ? -1.56304  -15.77921 3.76353   1.000 27.03148 ?  12  SER A CA  1 
ATOM   81   C C   . SER A 1 12  ? -2.11737  -16.15136 5.12999   1.000 33.09371 ?  12  SER A C   1 
ATOM   82   O O   . SER A 1 12  ? -3.33924  -16.14245 5.31123   1.000 29.38277 ?  12  SER A O   1 
ATOM   83   C CB  . SER A 1 12  ? -1.76657  -16.93836 2.78871   1.000 37.26352 ?  12  SER A CB  1 
ATOM   84   O OG  . SER A 1 12  ? -3.14552  -17.14236 2.53712   1.000 59.89684 ?  12  SER A OG  1 
ATOM   85   N N   . ASN A 1 13  ? -1.24976  -16.47852 6.09212   1.000 23.83344 ?  13  ASN A N   1 
ATOM   86   C CA  . ASN A 1 13  ? -1.72382  -16.78233 7.43777   1.000 23.47428 ?  13  ASN A CA  1 
ATOM   87   C C   . ASN A 1 13  ? -2.38697  -15.57297 8.08077   1.000 37.11172 ?  13  ASN A C   1 
ATOM   88   O O   . ASN A 1 13  ? -3.29190  -15.72828 8.90805   1.000 23.39206 ?  13  ASN A O   1 
ATOM   89   C CB  . ASN A 1 13  ? -0.56238  -17.27120 8.30477   1.000 20.94623 ?  13  ASN A CB  1 
ATOM   90   N N   . ILE A 1 14  ? -1.95987  -14.36455 7.70690   1.000 32.57034 ?  14  ILE A N   1 
ATOM   91   C CA  . ILE A 1 14  ? -2.52735  -13.15593 8.29384   1.000 30.72168 ?  14  ILE A CA  1 
ATOM   92   C C   . ILE A 1 14  ? -3.97963  -12.98055 7.86861   1.000 28.81956 ?  14  ILE A C   1 
ATOM   93   O O   . ILE A 1 14  ? -4.82286  -12.53944 8.65988   1.000 33.33628 ?  14  ILE A O   1 
ATOM   94   C CB  . ILE A 1 14  ? -1.66881  -11.93585 7.91706   1.000 34.36459 ?  14  ILE A CB  1 
ATOM   95   C CG1 . ILE A 1 14  ? -0.19779  -12.20676 8.24506   1.000 24.35146 ?  14  ILE A CG1 1 
ATOM   96   C CG2 . ILE A 1 14  ? -2.17524  -10.68774 8.62981   1.000 37.78004 ?  14  ILE A CG2 1 
ATOM   97   C CD1 . ILE A 1 14  ? 0.62052   -10.96523 8.50657   1.000 33.70228 ?  14  ILE A CD1 1 
ATOM   98   N N   . LEU A 1 15  ? -4.29659  -13.31833 6.61619   1.000 31.54245 ?  15  LEU A N   1 
ATOM   99   C CA  . LEU A 1 15  ? -5.67581  -13.20996 6.15297   1.000 35.71372 ?  15  LEU A CA  1 
ATOM   100  C C   . LEU A 1 15  ? -6.60510  -14.11916 6.94396   1.000 43.58400 ?  15  LEU A C   1 
ATOM   101  O O   . LEU A 1 15  ? -7.78167  -13.78546 7.13822   1.000 38.18760 ?  15  LEU A O   1 
ATOM   102  C CB  . LEU A 1 15  ? -5.76967  -13.54312 4.66058   1.000 37.80964 ?  15  LEU A CB  1 
ATOM   103  C CG  . LEU A 1 15  ? -5.36273  -12.49387 3.61982   1.000 33.12981 ?  15  LEU A CG  1 
ATOM   104  C CD1 . LEU A 1 15  ? -6.09914  -11.17869 3.85067   1.000 23.29232 ?  15  LEU A CD1 1 
ATOM   105  C CD2 . LEU A 1 15  ? -3.85310  -12.28365 3.58440   1.000 30.44931 ?  15  LEU A CD2 1 
ATOM   106  N N   . ASP A 1 16  ? -6.10099  -15.26654 7.40859   1.000 28.44753 ?  16  ASP A N   1 
ATOM   107  C CA  . ASP A 1 16  ? -6.95159  -16.21551 8.11861   1.000 30.75295 ?  16  ASP A CA  1 
ATOM   108  C C   . ASP A 1 16  ? -7.41818  -15.67112 9.46455   1.000 23.78483 ?  16  ASP A C   1 
ATOM   109  O O   . ASP A 1 16  ? -8.47519  -16.07623 9.95865   1.000 53.22909 ?  16  ASP A O   1 
ATOM   110  C CB  . ASP A 1 16  ? -6.20888  -17.54129 8.31688   1.000 32.04345 ?  16  ASP A CB  1 
ATOM   111  C CG  . ASP A 1 16  ? -5.91760  -18.25853 7.01282   1.000 48.78546 ?  16  ASP A CG  1 
ATOM   112  O OD1 . ASP A 1 16  ? -6.66186  -18.04581 6.03215   1.000 51.14851 ?  16  ASP A OD1 1 
ATOM   113  O OD2 . ASP A 1 16  ? -4.94261  -19.03549 6.96632   1.000 44.78346 -1 16  ASP A OD2 1 
ATOM   114  N N   . CYS A 1 17  ? -6.65604  -14.76237 10.07204  1.000 23.39473 ?  17  CYS A N   1 
ATOM   115  C CA  . CYS A 1 17  ? -6.97033  -14.23259 11.39418  1.000 35.15291 ?  17  CYS A CA  1 
ATOM   116  C C   . CYS A 1 17  ? -7.93905  -13.05313 11.35891  1.000 20.67949 ?  17  CYS A C   1 
ATOM   117  O O   . CYS A 1 17  ? -8.13332  -12.39950 12.38818  1.000 25.91396 ?  17  CYS A O   1 
ATOM   118  C CB  . CYS A 1 17  ? -5.68448  -13.81576 12.11670  1.000 23.23421 ?  17  CYS A CB  1 
ATOM   119  S SG  . CYS A 1 17  ? -4.25078  -14.83984 11.73728  1.000 49.89323 ?  17  CYS A SG  1 
ATOM   120  N N   . ALA A 1 18  ? -8.54931  -12.77050 10.21110  1.000 17.73862 ?  18  ALA A N   1 
ATOM   121  C CA  . ALA A 1 18  ? -9.43217  -11.61719 10.09594  1.000 23.06199 ?  18  ALA A CA  1 
ATOM   122  C C   . ALA A 1 18  ? -10.62358 -11.74441 11.03830  1.000 31.87235 ?  18  ALA A C   1 
ATOM   123  O O   . ALA A 1 18  ? -11.24556 -12.80470 11.13966  1.000 36.53865 ?  18  ALA A O   1 
ATOM   124  C CB  . ALA A 1 18  ? -9.91964  -11.47104 8.65396   1.000 17.64289 ?  18  ALA A CB  1 
ATOM   125  N N   . ASN A 1 19  ? -10.93612 -10.65300 11.73646  1.000 22.22357 ?  19  ASN A N   1 
ATOM   126  C CA  . ASN A 1 19  ? -12.10839 -10.59672 12.59190  1.000 27.07454 ?  19  ASN A CA  1 
ATOM   127  C C   . ASN A 1 19  ? -13.20631 -9.79324  11.89557  1.000 23.41362 ?  19  ASN A C   1 
ATOM   128  O O   . ASN A 1 19  ? -13.10990 -9.45808  10.71115  1.000 23.89913 ?  19  ASN A O   1 
ATOM   129  C CB  . ASN A 1 19  ? -11.74597 -10.02948 13.97122  1.000 22.12010 ?  19  ASN A CB  1 
ATOM   130  C CG  . ASN A 1 19  ? -11.16998 -8.61945  13.91281  1.000 30.10341 ?  19  ASN A CG  1 
ATOM   131  O OD1 . ASN A 1 19  ? -11.60358 -7.77990  13.12250  1.000 28.47527 ?  19  ASN A OD1 1 
ATOM   132  N ND2 . ASN A 1 19  ? -10.19467 -8.35127  14.77457  1.000 23.67599 ?  19  ASN A ND2 1 
ATOM   133  N N   . ASP A 1 20  ? -14.26565 -9.47233  12.64228  1.000 26.59857 ?  20  ASP A N   1 
ATOM   134  C CA  . ASP A 1 20  ? -15.42777 -8.81295  12.05776  1.000 34.02429 ?  20  ASP A CA  1 
ATOM   135  C C   . ASP A 1 20  ? -15.15234 -7.36409  11.68079  1.000 38.82163 ?  20  ASP A C   1 
ATOM   136  O O   . ASP A 1 20  ? -15.84020 -6.82474  10.80643  1.000 35.48358 ?  20  ASP A O   1 
ATOM   137  C CB  . ASP A 1 20  ? -16.61059 -8.88343  13.02228  1.000 37.25377 ?  20  ASP A CB  1 
ATOM   138  C CG  . ASP A 1 20  ? -17.39667 -10.17647 12.88434  1.000 34.89761 ?  20  ASP A CG  1 
ATOM   139  O OD1 . ASP A 1 20  ? -16.97136 -11.05523 12.10150  1.000 42.12049 ?  20  ASP A OD1 1 
ATOM   140  O OD2 . ASP A 1 20  ? -18.44130 -10.31536 13.55640  1.000 43.23568 -1 20  ASP A OD2 1 
ATOM   141  N N   . ASN A 1 21  ? -14.17103 -6.72020  12.31766  1.000 48.07397 ?  21  ASN A N   1 
ATOM   142  C CA  . ASN A 1 21  ? -13.83902 -5.34907  11.94935  1.000 28.77674 ?  21  ASN A CA  1 
ATOM   143  C C   . ASN A 1 21  ? -13.24166 -5.27792  10.55168  1.000 21.61028 ?  21  ASN A C   1 
ATOM   144  O O   . ASN A 1 21  ? -13.46161 -4.29621  9.83419   1.000 36.00106 ?  21  ASN A O   1 
ATOM   145  C CB  . ASN A 1 21  ? -12.87537 -4.74554  12.96974  1.000 26.92357 ?  21  ASN A CB  1 
ATOM   146  C CG  . ASN A 1 21  ? -13.52481 -4.51268  14.31788  1.000 34.13349 ?  21  ASN A CG  1 
ATOM   147  O OD1 . ASN A 1 21  ? -14.72042 -4.22566  14.40364  1.000 35.31927 ?  21  ASN A OD1 1 
ATOM   148  N ND2 . ASN A 1 21  ? -12.74045 -4.63671  15.38082  1.000 27.40240 ?  21  ASN A ND2 1 
ATOM   149  N N   . TRP A 1 22  ? -12.48848 -6.30200  10.15049  1.000 25.48195 ?  22  TRP A N   1 
ATOM   150  C CA  . TRP A 1 22  ? -11.98203 -6.36111  8.78313   1.000 27.26581 ?  22  TRP A CA  1 
ATOM   151  C C   . TRP A 1 22  ? -13.10813 -6.63923  7.79446   1.000 30.68823 ?  22  TRP A C   1 
ATOM   152  O O   . TRP A 1 22  ? -13.19897 -5.99650  6.74183   1.000 30.65890 ?  22  TRP A O   1 
ATOM   153  C CB  . TRP A 1 22  ? -10.89682 -7.43418  8.67797   1.000 15.69093 ?  22  TRP A CB  1 
ATOM   154  C CG  . TRP A 1 22  ? -9.91633  -7.21809  7.56138   1.000 21.32492 ?  22  TRP A CG  1 
ATOM   155  C CD1 . TRP A 1 22  ? -10.07616 -6.41310  6.46960   1.000 18.42940 ?  22  TRP A CD1 1 
ATOM   156  C CD2 . TRP A 1 22  ? -8.62829  -7.83291  7.42057   1.000 28.24080 ?  22  TRP A CD2 1 
ATOM   157  N NE1 . TRP A 1 22  ? -8.96461  -6.48413  5.66294   1.000 23.67508 ?  22  TRP A NE1 1 
ATOM   158  C CE2 . TRP A 1 22  ? -8.06167  -7.34822  6.22558   1.000 28.17678 ?  22  TRP A CE2 1 
ATOM   159  C CE3 . TRP A 1 22  ? -7.89674  -8.74063  8.19285   1.000 17.80355 ?  22  TRP A CE3 1 
ATOM   160  C CZ2 . TRP A 1 22  ? -6.79852  -7.74282  5.78252   1.000 20.05100 ?  22  TRP A CZ2 1 
ATOM   161  C CZ3 . TRP A 1 22  ? -6.64174  -9.13423  7.75056   1.000 22.85946 ?  22  TRP A CZ3 1 
ATOM   162  C CH2 . TRP A 1 22  ? -6.10688  -8.63392  6.55758   1.000 20.86042 ?  22  TRP A CH2 1 
ATOM   163  N N   . TRP A 1 23  ? -13.97925 -7.59668  8.12073   1.000 20.91055 ?  23  TRP A N   1 
ATOM   164  C CA  . TRP A 1 23  ? -15.02746 -8.00297  7.18978   1.000 20.07572 ?  23  TRP A CA  1 
ATOM   165  C C   . TRP A 1 23  ? -16.09504 -6.92637  7.04845   1.000 21.25992 ?  23  TRP A C   1 
ATOM   166  O O   . TRP A 1 23  ? -16.50914 -6.59240  5.93274   1.000 40.39143 ?  23  TRP A O   1 
ATOM   167  C CB  . TRP A 1 23  ? -15.65376 -9.31748  7.65244   1.000 25.39397 ?  23  TRP A CB  1 
ATOM   168  C CG  . TRP A 1 23  ? -14.81257 -10.51083 7.36741   1.000 19.65937 ?  23  TRP A CG  1 
ATOM   169  C CD1 . TRP A 1 23  ? -14.11889 -11.26029 8.26955   1.000 27.15362 ?  23  TRP A CD1 1 
ATOM   170  C CD2 . TRP A 1 23  ? -14.56882 -11.09409 6.08469   1.000 34.76692 ?  23  TRP A CD2 1 
ATOM   171  N NE1 . TRP A 1 23  ? -13.45753 -12.27865 7.62692   1.000 29.39407 ?  23  TRP A NE1 1 
ATOM   172  C CE2 . TRP A 1 23  ? -13.71824 -12.19800 6.28414   1.000 29.75057 ?  23  TRP A CE2 1 
ATOM   173  C CE3 . TRP A 1 23  ? -14.98958 -10.79070 4.78699   1.000 34.29974 ?  23  TRP A CE3 1 
ATOM   174  C CZ2 . TRP A 1 23  ? -13.27891 -12.99885 5.23453   1.000 22.71836 ?  23  TRP A CZ2 1 
ATOM   175  C CZ3 . TRP A 1 23  ? -14.55247 -11.58560 3.74756   1.000 24.65770 ?  23  TRP A CZ3 1 
ATOM   176  C CH2 . TRP A 1 23  ? -13.70592 -12.67706 3.97618   1.000 31.62128 ?  23  TRP A CH2 1 
ATOM   177  N N   . CYS A 1 24  ? -16.56240 -6.37817  8.17316   1.000 32.06584 ?  24  CYS A N   1 
ATOM   178  C CA  . CYS A 1 24  ? -17.63692 -5.39292  8.18190   1.000 34.77479 ?  24  CYS A CA  1 
ATOM   179  C C   . CYS A 1 24  ? -17.14266 -3.97935  7.90556   1.000 29.01766 ?  24  CYS A C   1 
ATOM   180  O O   . CYS A 1 24  ? -17.66619 -3.01937  8.48591   1.000 37.33718 ?  24  CYS A O   1 
ATOM   181  C CB  . CYS A 1 24  ? -18.39218 -5.44585  9.51165   1.000 21.42687 ?  24  CYS A CB  1 
ATOM   182  S SG  . CYS A 1 24  ? -18.99140 -7.09743  9.95362   1.000 28.52548 ?  24  CYS A SG  1 
ATOM   183  N N   . SER A 1 25  ? -16.14960 -3.82384  7.03456   1.000 34.02800 ?  25  SER A N   1 
ATOM   184  C CA  . SER A 1 25  ? -15.69100 -2.49684  6.65290   1.000 36.39963 ?  25  SER A CA  1 
ATOM   185  C C   . SER A 1 25  ? -16.80710 -1.73646  5.94753   1.000 32.20185 ?  25  SER A C   1 
ATOM   186  O O   . SER A 1 25  ? -17.55758 -2.30537  5.15109   1.000 40.79771 ?  25  SER A O   1 
ATOM   187  C CB  . SER A 1 25  ? -14.47007 -2.60483  5.74637   1.000 28.34189 ?  25  SER A CB  1 
ATOM   188  O OG  . SER A 1 25  ? -13.74514 -1.38850  5.71542   1.000 36.88171 ?  25  SER A OG  1 
ATOM   189  N N   . MET A 1 26  ? -16.91761 -0.44221  6.24641   1.000 35.66089 ?  26  MET A N   1 
ATOM   190  C CA  . MET A 1 26  ? -17.96767 0.39968   5.68817   1.000 32.62791 ?  26  MET A CA  1 
ATOM   191  C C   . MET A 1 26  ? -17.46554 1.32063   4.58053   1.000 47.74499 ?  26  MET A C   1 
ATOM   192  O O   . MET A 1 26  ? -18.23880 2.14453   4.08069   1.000 51.98083 ?  26  MET A O   1 
ATOM   193  C CB  . MET A 1 26  ? -18.62390 1.22764   6.79635   1.000 28.26278 ?  26  MET A CB  1 
ATOM   194  C CG  . MET A 1 26  ? -19.88056 0.60432   7.37983   1.000 38.56841 ?  26  MET A CG  1 
ATOM   195  S SD  . MET A 1 26  ? -20.91555 -0.14115  6.10346   1.000 49.58669 ?  26  MET A SD  1 
ATOM   196  C CE  . MET A 1 26  ? -22.27538 1.01794   6.03159   1.000 28.47056 ?  26  MET A CE  1 
ATOM   197  N N   . LEU A 1 27  ? -16.20155 1.20073   4.18380   1.000 31.43652 ?  27  LEU A N   1 
ATOM   198  C CA  . LEU A 1 27  ? -15.61748 2.11016   3.20883   1.000 36.54716 ?  27  LEU A CA  1 
ATOM   199  C C   . LEU A 1 27  ? -15.84183 1.60565   1.78608   1.000 36.54870 ?  27  LEU A C   1 
ATOM   200  O O   . LEU A 1 27  ? -16.02463 0.41128   1.53881   1.000 27.76807 ?  27  LEU A O   1 
ATOM   201  C CB  . LEU A 1 27  ? -14.12159 2.31311   3.47833   1.000 33.31626 ?  27  LEU A CB  1 
ATOM   202  C CG  . LEU A 1 27  ? -13.23107 1.15017   3.92764   1.000 35.89600 ?  27  LEU A CG  1 
ATOM   203  C CD1 . LEU A 1 27  ? -12.94987 0.15066   2.80123   1.000 42.80349 ?  27  LEU A CD1 1 
ATOM   204  C CD2 . LEU A 1 27  ? -11.93368 1.68863   4.51956   1.000 27.50026 ?  27  LEU A CD2 1 
ATOM   205  N N   . ASP A 1 28  ? -15.81875 2.54543   0.84526   1.000 39.26146 ?  28  ASP A N   1 
ATOM   206  C CA  . ASP A 1 28  ? -16.20767 2.28535   -0.53310  1.000 32.17728 ?  28  ASP A CA  1 
ATOM   207  C C   . ASP A 1 28  ? -14.98390 1.91040   -1.35964  1.000 22.80235 ?  28  ASP A C   1 
ATOM   208  O O   . ASP A 1 28  ? -13.99427 2.65011   -1.38588  1.000 48.47254 ?  28  ASP A O   1 
ATOM   209  C CB  . ASP A 1 28  ? -16.90313 3.51276   -1.12008  1.000 46.18953 ?  28  ASP A CB  1 
ATOM   210  C CG  . ASP A 1 28  ? -17.82602 4.18960   -0.12447  1.000 42.81271 ?  28  ASP A CG  1 
ATOM   211  O OD1 . ASP A 1 28  ? -18.42630 3.48107   0.71033   1.000 49.03459 ?  28  ASP A OD1 1 
ATOM   212  O OD2 . ASP A 1 28  ? -17.94195 5.43175   -0.16995  1.000 52.33427 -1 28  ASP A OD2 1 
ATOM   213  N N   . LEU A 1 29  ? -15.04704 0.75903   -2.02076  1.000 26.96032 ?  29  LEU A N   1 
ATOM   214  C CA  . LEU A 1 29  ? -14.02258 0.33438   -2.97102  1.000 37.42123 ?  29  LEU A CA  1 
ATOM   215  C C   . LEU A 1 29  ? -14.59767 0.53845   -4.36659  1.000 29.68910 ?  29  LEU A C   1 
ATOM   216  O O   . LEU A 1 29  ? -15.42325 -0.24991  -4.83199  1.000 35.28356 ?  29  LEU A O   1 
ATOM   217  C CB  . LEU A 1 29  ? -13.61171 -1.11417  -2.72795  1.000 31.48080 ?  29  LEU A CB  1 
ATOM   218  C CG  . LEU A 1 29  ? -12.99519 -1.39517  -1.35735  1.000 31.39987 ?  29  LEU A CG  1 
ATOM   219  C CD1 . LEU A 1 29  ? -12.43462 -2.80346  -1.29995  1.000 20.39075 ?  29  LEU A CD1 1 
ATOM   220  C CD2 . LEU A 1 29  ? -11.91407 -0.37406  -1.03418  1.000 33.84217 ?  29  LEU A CD2 1 
ATOM   221  N N   . ASP A 1 30  ? -14.16903 1.61078   -5.02479  1.000 27.69604 ?  30  ASP A N   1 
ATOM   222  C CA  . ASP A 1 30  ? -14.68068 1.96842   -6.34418  1.000 22.16226 ?  30  ASP A CA  1 
ATOM   223  C C   . ASP A 1 30  ? -14.03162 1.06512   -7.38438  1.000 34.41957 ?  30  ASP A C   1 
ATOM   224  O O   . ASP A 1 30  ? -12.92541 1.33530   -7.85804  1.000 32.78811 ?  30  ASP A O   1 
ATOM   225  C CB  . ASP A 1 30  ? -14.41427 3.43926   -6.64090  1.000 27.20212 ?  30  ASP A CB  1 
ATOM   226  C CG  . ASP A 1 30  ? -14.72580 3.80769   -8.07609  1.000 38.91516 ?  30  ASP A CG  1 
ATOM   227  O OD1 . ASP A 1 30  ? -15.74640 3.32384   -8.60802  1.000 34.24578 ?  30  ASP A OD1 1 
ATOM   228  O OD2 . ASP A 1 30  ? -13.95114 4.58483   -8.67167  1.000 52.93371 -1 30  ASP A OD2 1 
ATOM   229  N N   . THR A 1 31  ? -14.72622 -0.01393  -7.74679  1.000 34.72509 ?  31  THR A N   1 
ATOM   230  C CA  . THR A 1 31  ? -14.27044 -0.92895  -8.78583  1.000 22.81229 ?  31  THR A CA  1 
ATOM   231  C C   . THR A 1 31  ? -15.02803 -0.73563  -10.09437 1.000 22.72207 ?  31  THR A C   1 
ATOM   232  O O   . THR A 1 31  ? -15.20951 -1.69372  -10.85263 1.000 29.79258 ?  31  THR A O   1 
ATOM   233  C CB  . THR A 1 31  ? -14.38677 -2.37827  -8.31529  1.000 23.14453 ?  31  THR A CB  1 
ATOM   234  O OG1 . THR A 1 31  ? -15.75088 -2.67787  -7.99313  1.000 30.05381 ?  31  THR A OG1 1 
ATOM   235  C CG2 . THR A 1 31  ? -13.52313 -2.60664  -7.08999  1.000 22.89965 ?  31  THR A CG2 1 
ATOM   236  N N   . SER A 1 32  ? -15.47397 0.49334   -10.37357 1.000 29.50486 ?  32  SER A N   1 
ATOM   237  C CA  . SER A 1 32  ? -16.18065 0.76160   -11.62324 1.000 26.96803 ?  32  SER A CA  1 
ATOM   238  C C   . SER A 1 32  ? -15.29162 0.51957   -12.83589 1.000 22.65018 ?  32  SER A C   1 
ATOM   239  O O   . SER A 1 32  ? -15.79463 0.21248   -13.92217 1.000 35.99569 ?  32  SER A O   1 
ATOM   240  C CB  . SER A 1 32  ? -16.70933 2.19713   -11.63105 1.000 37.16499 ?  32  SER A CB  1 
ATOM   241  O OG  . SER A 1 32  ? -15.64760 3.13454   -11.57554 1.000 31.71724 ?  32  SER A OG  1 
ATOM   242  N N   . ASP A 1 33  ? -13.97854 0.66284   -12.67675 1.000 28.88770 ?  33  ASP A N   1 
ATOM   243  C CA  . ASP A 1 33  ? -12.99677 0.36886   -13.71779 1.000 26.49586 ?  33  ASP A CA  1 
ATOM   244  C C   . ASP A 1 33  ? -11.91989 -0.55311  -13.16897 1.000 28.50912 ?  33  ASP A C   1 
ATOM   245  O O   . ASP A 1 33  ? -10.71897 -0.28971  -13.26952 1.000 23.79484 ?  33  ASP A O   1 
ATOM   246  C CB  . ASP A 1 33  ? -12.37692 1.64766   -14.27649 1.000 30.13993 ?  33  ASP A CB  1 
ATOM   247  C CG  . ASP A 1 33  ? -11.72047 1.43500   -15.62862 1.000 39.02164 ?  33  ASP A CG  1 
ATOM   248  O OD1 . ASP A 1 33  ? -11.89320 0.34574   -16.21404 1.000 33.48337 ?  33  ASP A OD1 1 
ATOM   249  O OD2 . ASP A 1 33  ? -11.02307 2.35607   -16.10280 1.000 32.11356 -1 33  ASP A OD2 1 
ATOM   250  N N   . TRP A 1 34  ? -12.35325 -1.66103  -12.57351 1.000 29.71768 ?  34  TRP A N   1 
ATOM   251  C CA  . TRP A 1 34  ? -11.45310 -2.60993  -11.93875 1.000 30.22015 ?  34  TRP A CA  1 
ATOM   252  C C   . TRP A 1 34  ? -12.03942 -4.00459  -12.09036 1.000 25.17150 ?  34  TRP A C   1 
ATOM   253  O O   . TRP A 1 34  ? -13.15839 -4.18242  -12.57820 1.000 23.89148 ?  34  TRP A O   1 
ATOM   254  C CB  . TRP A 1 34  ? -11.23895 -2.25938  -10.46088 1.000 25.41674 ?  34  TRP A CB  1 
ATOM   255  C CG  . TRP A 1 34  ? -9.92945  -2.71161  -9.90509  1.000 24.71863 ?  34  TRP A CG  1 
ATOM   256  C CD1 . TRP A 1 34  ? -9.72375  -3.73171  -9.02529  1.000 22.78069 ?  34  TRP A CD1 1 
ATOM   257  C CD2 . TRP A 1 34  ? -8.63865  -2.15361  -10.18091 1.000 21.75403 ?  34  TRP A CD2 1 
ATOM   258  N NE1 . TRP A 1 34  ? -8.38565  -3.84755  -8.73875  1.000 19.84954 ?  34  TRP A NE1 1 
ATOM   259  C CE2 . TRP A 1 34  ? -7.69790  -2.88974  -9.43569  1.000 18.22063 ?  34  TRP A CE2 1 
ATOM   260  C CE3 . TRP A 1 34  ? -8.18716  -1.10329  -10.98784 1.000 24.76155 ?  34  TRP A CE3 1 
ATOM   261  C CZ2 . TRP A 1 34  ? -6.33240  -2.61154  -9.47161  1.000 25.49917 ?  34  TRP A CZ2 1 
ATOM   262  C CZ3 . TRP A 1 34  ? -6.83054  -0.82901  -11.02184 1.000 24.34424 ?  34  TRP A CZ3 1 
ATOM   263  C CH2 . TRP A 1 34  ? -5.92019  -1.57938  -10.26826 1.000 43.45314 ?  34  TRP A CH2 1 
ATOM   264  N N   . GLU A 1 35  ? -11.26448 -4.99781  -11.67392 1.000 26.27171 ?  35  GLU A N   1 
ATOM   265  C CA  . GLU A 1 35  ? -11.80495 -6.34308  -11.59922 1.000 24.73803 ?  35  GLU A CA  1 
ATOM   266  C C   . GLU A 1 35  ? -12.57050 -6.52266  -10.28887 1.000 28.41050 ?  35  GLU A C   1 
ATOM   267  O O   . GLU A 1 35  ? -12.27340 -5.85281  -9.29610  1.000 26.20247 ?  35  GLU A O   1 
ATOM   268  C CB  . GLU A 1 35  ? -10.68259 -7.37483  -11.68978 1.000 24.20176 ?  35  GLU A CB  1 
ATOM   269  C CG  . GLU A 1 35  ? -10.00407 -7.41765  -13.04713 1.000 23.57863 ?  35  GLU A CG  1 
ATOM   270  C CD  . GLU A 1 35  ? -10.90348 -7.98826  -14.12340 1.000 25.92750 ?  35  GLU A CD  1 
ATOM   271  O OE1 . GLU A 1 35  ? -11.62888 -8.96698  -13.84519 1.000 36.71417 ?  35  GLU A OE1 1 
ATOM   272  O OE2 . GLU A 1 35  ? -10.89379 -7.44602  -15.24582 1.000 33.86529 -1 35  GLU A OE2 1 
ATOM   273  N N   . PRO A 1 36  ? -13.57879 -7.40671  -10.26724 1.000 28.61306 ?  36  PRO A N   1 
ATOM   274  C CA  . PRO A 1 36  ? -14.31160 -7.66459  -9.01714  1.000 32.17735 ?  36  PRO A CA  1 
ATOM   275  C C   . PRO A 1 36  ? -13.39789 -8.02783  -7.85493  1.000 29.23620 ?  36  PRO A C   1 
ATOM   276  O O   . PRO A 1 36  ? -12.62974 -8.99104  -7.93877  1.000 31.47142 ?  36  PRO A O   1 
ATOM   277  C CB  . PRO A 1 36  ? -15.23010 -8.83600  -9.38983  1.000 29.32646 ?  36  PRO A CB  1 
ATOM   278  C CG  . PRO A 1 36  ? -15.44992 -8.68067  -10.85531 1.000 21.31869 ?  36  PRO A CG  1 
ATOM   279  C CD  . PRO A 1 36  ? -14.16580 -8.12836  -11.41213 1.000 20.70339 ?  36  PRO A CD  1 
ATOM   280  N N   . LEU A 1 37  ? -13.46943 -7.25532  -6.77284  1.000 21.93636 ?  37  LEU A N   1 
ATOM   281  C CA  . LEU A 1 37  ? -12.65592 -7.48986  -5.58396  1.000 21.63835 ?  37  LEU A CA  1 
ATOM   282  C C   . LEU A 1 37  ? -13.42653 -8.40709  -4.64008  1.000 23.15301 ?  37  LEU A C   1 
ATOM   283  O O   . LEU A 1 37  ? -14.46506 -8.01728  -4.09801  1.000 31.94578 ?  37  LEU A O   1 
ATOM   284  C CB  . LEU A 1 37  ? -12.31075 -6.16913  -4.90165  1.000 23.99030 ?  37  LEU A CB  1 
ATOM   285  C CG  . LEU A 1 37  ? -11.25478 -5.29418  -5.57895  1.000 20.08750 ?  37  LEU A CG  1 
ATOM   286  C CD1 . LEU A 1 37  ? -11.09251 -3.98861  -4.82363  1.000 17.84419 ?  37  LEU A CD1 1 
ATOM   287  C CD2 . LEU A 1 37  ? -9.92885  -6.02691  -5.67009  1.000 18.27693 ?  37  LEU A CD2 1 
ATOM   288  N N   . THR A 1 38  ? -12.91899 -9.62194  -4.43817  1.000 26.40945 ?  38  THR A N   1 
ATOM   289  C CA  . THR A 1 38  ? -13.58118 -10.59272 -3.58035  1.000 20.21061 ?  38  THR A CA  1 
ATOM   290  C C   . THR A 1 38  ? -12.53930 -11.37082 -2.78892  1.000 31.37629 ?  38  THR A C   1 
ATOM   291  O O   . THR A 1 38  ? -11.35694 -11.40291 -3.13809  1.000 30.28009 ?  38  THR A O   1 
ATOM   292  C CB  . THR A 1 38  ? -14.45774 -11.56271 -4.38960  1.000 24.25181 ?  38  THR A CB  1 
ATOM   293  O OG1 . THR A 1 38  ? -15.04081 -12.52884 -3.50857  1.000 60.75698 ?  38  THR A OG1 1 
ATOM   294  C CG2 . THR A 1 38  ? -13.63068 -12.28379 -5.44002  1.000 28.63969 ?  38  THR A CG2 1 
ATOM   295  N N   . HIS A 1 39  ? -13.00251 -11.99460 -1.70732  1.000 26.65979 ?  39  HIS A N   1 
ATOM   296  C CA  . HIS A 1 39  ? -12.19827 -12.89971 -0.87120  1.000 23.94625 ?  39  HIS A CA  1 
ATOM   297  C C   . HIS A 1 39  ? -11.00094 -12.11815 -0.33396  1.000 17.78504 ?  39  HIS A C   1 
ATOM   298  O O   . HIS A 1 39  ? -11.17960 -10.97936 0.12964   1.000 29.95707 ?  39  HIS A O   1 
ATOM   299  C CB  . HIS A 1 39  ? -11.86632 -14.15087 -1.67724  1.000 27.09394 ?  39  HIS A CB  1 
ATOM   300  C CG  . HIS A 1 39  ? -13.06018 -14.99844 -1.99561  1.000 33.60011 ?  39  HIS A CG  1 
ATOM   301  N ND1 . HIS A 1 39  ? -13.44733 -15.28396 -3.28682  1.000 39.75016 ?  39  HIS A ND1 1 
ATOM   302  C CD2 . HIS A 1 39  ? -13.95417 -15.61851 -1.18865  1.000 36.86923 ?  39  HIS A CD2 1 
ATOM   303  C CE1 . HIS A 1 39  ? -14.52717 -16.04451 -3.26340  1.000 36.45484 ?  39  HIS A CE1 1 
ATOM   304  N NE2 . HIS A 1 39  ? -14.85598 -16.26180 -2.00140  1.000 36.08085 ?  39  HIS A NE2 1 
ATOM   305  N N   . SER A 1 40  ? -9.78400  -12.66851 -0.36924  1.000 23.22266 ?  40  SER A N   1 
ATOM   306  C CA  . SER A 1 40  ? -8.64216  -11.98233 0.22613   1.000 21.49532 ?  40  SER A CA  1 
ATOM   307  C C   . SER A 1 40  ? -8.24306  -10.74249 -0.56351  1.000 27.32075 ?  40  SER A C   1 
ATOM   308  O O   . SER A 1 40  ? -7.66180  -9.81251  0.00661   1.000 31.76280 ?  40  SER A O   1 
ATOM   309  C CB  . SER A 1 40  ? -7.45779  -12.94080 0.33849   1.000 26.41560 ?  40  SER A CB  1 
ATOM   310  O OG  . SER A 1 40  ? -7.80713  -14.08766 1.09017   1.000 20.72010 ?  40  SER A OG  1 
ATOM   311  N N   . ASN A 1 41  ? -8.53110  -10.71248 -1.86774  1.000 23.68412 ?  41  ASN A N   1 
ATOM   312  C CA  . ASN A 1 41  ? -8.26291  -9.51056  -2.65321  1.000 19.84041 ?  41  ASN A CA  1 
ATOM   313  C C   . ASN A 1 41  ? -9.05783  -8.32235  -2.12132  1.000 18.53042 ?  41  ASN A C   1 
ATOM   314  O O   . ASN A 1 41  ? -8.53748  -7.20383  -2.03296  1.000 23.12573 ?  41  ASN A O   1 
ATOM   315  C CB  . ASN A 1 41  ? -8.58643  -9.75961  -4.12941  1.000 13.18813 ?  41  ASN A CB  1 
ATOM   316  C CG  . ASN A 1 41  ? -7.48058  -10.50927 -4.85314  1.000 29.83257 ?  41  ASN A CG  1 
ATOM   317  O OD1 . ASN A 1 41  ? -6.42977  -10.78468 -4.28548  1.000 21.79685 ?  41  ASN A OD1 1 
ATOM   318  N ND2 . ASN A 1 41  ? -7.71583  -10.83870 -6.11655  1.000 23.76514 ?  41  ASN A ND2 1 
ATOM   319  N N   . ARG A 1 42  ? -10.32385 -8.54681  -1.75798  1.000 17.93146 ?  42  ARG A N   1 
ATOM   320  C CA  . ARG A 1 42  ? -11.11665 -7.48735  -1.14372  1.000 26.81824 ?  42  ARG A CA  1 
ATOM   321  C C   . ARG A 1 42  ? -10.61430 -7.16793  0.25892   1.000 17.82778 ?  42  ARG A C   1 
ATOM   322  O O   . ARG A 1 42  ? -10.55207 -5.99703  0.65150   1.000 19.26982 ?  42  ARG A O   1 
ATOM   323  C CB  . ARG A 1 42  ? -12.59202 -7.89123  -1.11220  1.000 26.55977 ?  42  ARG A CB  1 
ATOM   324  C CG  . ARG A 1 42  ? -13.49016 -6.93807  -0.34374  1.000 24.07787 ?  42  ARG A CG  1 
ATOM   325  C CD  . ARG A 1 42  ? -14.93878 -7.05171  -0.79338  1.000 29.96210 ?  42  ARG A CD  1 
ATOM   326  N NE  . ARG A 1 42  ? -15.13171 -6.52009  -2.13733  1.000 41.08000 ?  42  ARG A NE  1 
ATOM   327  C CZ  . ARG A 1 42  ? -15.31444 -5.23636  -2.41656  1.000 29.45977 ?  42  ARG A CZ  1 
ATOM   328  N NH1 . ARG A 1 42  ? -15.34985 -4.31990  -1.46254  1.000 27.94839 ?  42  ARG A NH1 1 
ATOM   329  N NH2 . ARG A 1 42  ? -15.46175 -4.86208  -3.68455  1.000 25.87154 ?  42  ARG A NH2 1 
ATOM   330  N N   . LEU A 1 43  ? -10.25291 -8.20067  1.02730   1.000 22.73799 ?  43  LEU A N   1 
ATOM   331  C CA  . LEU A 1 43  ? -9.70175  -7.98656  2.36189   1.000 21.42196 ?  43  LEU A CA  1 
ATOM   332  C C   . LEU A 1 43  ? -8.45480  -7.11601  2.30717   1.000 19.63020 ?  43  LEU A C   1 
ATOM   333  O O   . LEU A 1 43  ? -8.28446  -6.20606  3.12883   1.000 22.63186 ?  43  LEU A O   1 
ATOM   334  C CB  . LEU A 1 43  ? -9.38315  -9.33027  3.01777   1.000 21.74050 ?  43  LEU A CB  1 
ATOM   335  C CG  . LEU A 1 43  ? -10.52800 -10.10792 3.67264   1.000 23.94281 ?  43  LEU A CG  1 
ATOM   336  C CD1 . LEU A 1 43  ? -9.98534  -11.34481 4.37321   1.000 18.97134 ?  43  LEU A CD1 1 
ATOM   337  C CD2 . LEU A 1 43  ? -11.31089 -9.23623  4.64745   1.000 18.83179 ?  43  LEU A CD2 1 
ATOM   338  N N   . MET A 1 44  ? -7.57150  -7.37410  1.34033   1.000 18.21741 ?  44  MET A N   1 
ATOM   339  C CA  . MET A 1 44  ? -6.36608  -6.56278  1.21725   1.000 22.05965 ?  44  MET A CA  1 
ATOM   340  C C   . MET A 1 44  ? -6.67794  -5.17478  0.67525   1.000 24.25447 ?  44  MET A C   1 
ATOM   341  O O   . MET A 1 44  ? -6.01809  -4.20150  1.05651   1.000 31.70765 ?  44  MET A O   1 
ATOM   342  C CB  . MET A 1 44  ? -5.34142  -7.26934  0.33077   1.000 19.74444 ?  44  MET A CB  1 
ATOM   343  C CG  . MET A 1 44  ? -4.82843  -8.59097  0.89916   1.000 24.18472 ?  44  MET A CG  1 
ATOM   344  S SD  . MET A 1 44  ? -3.35307  -8.44164  1.93487   1.000 35.79230 ?  44  MET A SD  1 
ATOM   345  C CE  . MET A 1 44  ? -4.04809  -7.95423  3.51170   1.000 20.73295 ?  44  MET A CE  1 
ATOM   346  N N   . ALA A 1 45  ? -7.67016  -5.06350  -0.21154  1.000 26.02690 ?  45  ALA A N   1 
ATOM   347  C CA  . ALA A 1 45  ? -8.10188  -3.75055  -0.67852  1.000 26.21839 ?  45  ALA A CA  1 
ATOM   348  C C   . ALA A 1 45  ? -8.70220  -2.93645  0.45979   1.000 16.95501 ?  45  ALA A C   1 
ATOM   349  O O   . ALA A 1 45  ? -8.46055  -1.72823  0.56529   1.000 28.94339 ?  45  ALA A O   1 
ATOM   350  C CB  . ALA A 1 45  ? -9.10568  -3.90651  -1.81832  1.000 16.72179 ?  45  ALA A CB  1 
ATOM   351  N N   . ILE A 1 46  ? -9.49585  -3.58448  1.31757   1.000 23.46358 ?  46  ILE A N   1 
ATOM   352  C CA  . ILE A 1 46  ? -10.02213 -2.92039  2.50903   1.000 17.94979 ?  46  ILE A CA  1 
ATOM   353  C C   . ILE A 1 46  ? -8.87874  -2.45019  3.39829   1.000 28.84004 ?  46  ILE A C   1 
ATOM   354  O O   . ILE A 1 46  ? -8.84513  -1.29583  3.84142   1.000 19.17452 ?  46  ILE A O   1 
ATOM   355  C CB  . ILE A 1 46  ? -10.97315 -3.85931  3.27532   1.000 23.28569 ?  46  ILE A CB  1 
ATOM   356  C CG1 . ILE A 1 46  ? -12.32988 -3.97729  2.58035   1.000 30.97313 ?  46  ILE A CG1 1 
ATOM   357  C CG2 . ILE A 1 46  ? -11.14329 -3.40205  4.71452   1.000 26.18514 ?  46  ILE A CG2 1 
ATOM   358  C CD1 . ILE A 1 46  ? -12.97440 -5.33951  2.75929   1.000 32.22030 ?  46  ILE A CD1 1 
ATOM   359  N N   . TYR A 1 47  ? -7.92818  -3.34512  3.67428   1.000 24.71836 ?  47  TYR A N   1 
ATOM   360  C CA  . TYR A 1 47  ? -6.80446  -3.00292  4.54013   1.000 23.66804 ?  47  TYR A CA  1 
ATOM   361  C C   . TYR A 1 47  ? -6.02138  -1.82011  3.98674   1.000 27.38907 ?  47  TYR A C   1 
ATOM   362  O O   . TYR A 1 47  ? -5.68892  -0.88289  4.72063   1.000 24.69842 ?  47  TYR A O   1 
ATOM   363  C CB  . TYR A 1 47  ? -5.89277  -4.21710  4.71168   1.000 18.28971 ?  47  TYR A CB  1 
ATOM   364  C CG  . TYR A 1 47  ? -4.62900  -3.92170  5.48501   1.000 22.18875 ?  47  TYR A CG  1 
ATOM   365  C CD1 . TYR A 1 47  ? -4.68070  -3.49741  6.80357   1.000 19.79670 ?  47  TYR A CD1 1 
ATOM   366  C CD2 . TYR A 1 47  ? -3.38242  -4.06049  4.89438   1.000 14.76517 ?  47  TYR A CD2 1 
ATOM   367  C CE1 . TYR A 1 47  ? -3.52464  -3.22459  7.51391   1.000 15.26549 ?  47  TYR A CE1 1 
ATOM   368  C CE2 . TYR A 1 47  ? -2.22198  -3.78978  5.59669   1.000 20.56046 ?  47  TYR A CE2 1 
ATOM   369  C CZ  . TYR A 1 47  ? -2.30028  -3.37300  6.90597   1.000 24.41978 ?  47  TYR A CZ  1 
ATOM   370  O OH  . TYR A 1 47  ? -1.14953  -3.10202  7.61191   1.000 22.05782 ?  47  TYR A OH  1 
ATOM   371  N N   . LEU A 1 48  ? -5.71956  -1.84799  2.68529   1.000 32.15233 ?  48  LEU A N   1 
ATOM   372  C CA  . LEU A 1 48  ? -4.98704  -0.74697  2.07004   1.000 20.40003 ?  48  LEU A CA  1 
ATOM   373  C C   . LEU A 1 48  ? -5.78989  0.54752   2.12009   1.000 23.01138 ?  48  LEU A C   1 
ATOM   374  O O   . LEU A 1 48  ? -5.22901  1.62448   2.34963   1.000 24.82171 ?  48  LEU A O   1 
ATOM   375  C CB  . LEU A 1 48  ? -4.62465  -1.10005  0.62846   1.000 31.19392 ?  48  LEU A CB  1 
ATOM   376  C CG  . LEU A 1 48  ? -3.40086  -0.38272  0.05791   1.000 13.11289 ?  48  LEU A CG  1 
ATOM   377  C CD1 . LEU A 1 48  ? -2.15145  -0.84413  0.78272   1.000 31.63908 ?  48  LEU A CD1 1 
ATOM   378  C CD2 . LEU A 1 48  ? -3.27103  -0.61555  -1.43912  1.000 27.68716 ?  48  LEU A CD2 1 
ATOM   379  N N   . SER A 1 49  ? -7.10553  0.46474   1.90776   1.000 24.50321 ?  49  SER A N   1 
ATOM   380  C CA  . SER A 1 49  ? -7.94202  1.65366   2.03179   1.000 31.49015 ?  49  SER A CA  1 
ATOM   381  C C   . SER A 1 49  ? -8.03139  2.11530   3.48098   1.000 34.38169 ?  49  SER A C   1 
ATOM   382  O O   . SER A 1 49  ? -8.11360  3.31895   3.75058   1.000 37.41740 ?  49  SER A O   1 
ATOM   383  C CB  . SER A 1 49  ? -9.33610  1.37502   1.47361   1.000 21.90261 ?  49  SER A CB  1 
ATOM   384  O OG  . SER A 1 49  ? -9.28163  1.12217   0.08181   1.000 32.58865 ?  49  SER A OG  1 
ATOM   385  N N   . ASN A 1 50  ? -8.02800  1.17070   4.42255   1.000 29.18684 ?  50  ASN A N   1 
ATOM   386  C CA  . ASN A 1 50  ? -8.05453  1.52535   5.83719   1.000 24.35522 ?  50  ASN A CA  1 
ATOM   387  C C   . ASN A 1 50  ? -6.80514  2.29890   6.23843   1.000 34.83627 ?  50  ASN A C   1 
ATOM   388  O O   . ASN A 1 50  ? -6.88761  3.28640   6.97841   1.000 31.43158 ?  50  ASN A O   1 
ATOM   389  C CB  . ASN A 1 50  ? -8.19378  0.26149   6.68505   1.000 29.38296 ?  50  ASN A CB  1 
ATOM   390  C CG  . ASN A 1 50  ? -9.07129  0.47118   7.89554   1.000 32.24642 ?  50  ASN A CG  1 
ATOM   391  O OD1 . ASN A 1 50  ? -9.33607  1.60546   8.29072   1.000 50.99865 ?  50  ASN A OD1 1 
ATOM   392  N ND2 . ASN A 1 50  ? -9.52336  -0.62117  8.49865   1.000 36.62600 ?  50  ASN A ND2 1 
ATOM   393  N N   . VAL A 1 51  ? -5.63727  1.86174   5.76485   1.000 23.61645 ?  51  VAL A N   1 
ATOM   394  C CA  . VAL A 1 51  ? -4.38929  2.50940   6.15135   1.000 27.91009 ?  51  VAL A CA  1 
ATOM   395  C C   . VAL A 1 51  ? -4.30262  3.90869   5.55270   1.000 30.05831 ?  51  VAL A C   1 
ATOM   396  O O   . VAL A 1 51  ? -3.82746  4.84809   6.20256   1.000 28.78465 ?  51  VAL A O   1 
ATOM   397  C CB  . VAL A 1 51  ? -3.19028  1.63576   5.74001   1.000 30.54753 ?  51  VAL A CB  1 
ATOM   398  C CG1 . VAL A 1 51  ? -1.88391  2.36685   5.99583   1.000 28.91658 ?  51  VAL A CG1 1 
ATOM   399  C CG2 . VAL A 1 51  ? -3.22192  0.30919   6.48459   1.000 18.25837 ?  51  VAL A CG2 1 
ATOM   400  N N   . ALA A 1 52  ? -4.75950  4.07129   4.30972   1.000 22.48453 ?  52  ALA A N   1 
ATOM   401  C CA  . ALA A 1 52  ? -4.73893  5.39151   3.68862   1.000 33.13554 ?  52  ALA A CA  1 
ATOM   402  C C   . ALA A 1 52  ? -5.69266  6.34570   4.39287   1.000 36.41166 ?  52  ALA A C   1 
ATOM   403  O O   . ALA A 1 52  ? -5.37084  7.52364   4.59289   1.000 40.23437 ?  52  ALA A O   1 
ATOM   404  C CB  . ALA A 1 52  ? -5.08920  5.28150   2.20588   1.000 36.96773 ?  52  ALA A CB  1 
ATOM   405  N N   . SER A 1 53  ? -6.87272  5.85102   4.78043   1.000 37.21929 ?  53  SER A N   1 
ATOM   406  C CA  . SER A 1 53  ? -7.86367  6.69123   5.44453   1.000 41.04994 ?  53  SER A CA  1 
ATOM   407  C C   . SER A 1 53  ? -7.30321  7.30054   6.72311   1.000 36.46627 ?  53  SER A C   1 
ATOM   408  O O   . SER A 1 53  ? -7.41315  8.51086   6.94818   1.000 36.19444 ?  53  SER A O   1 
ATOM   409  C CB  . SER A 1 53  ? -9.12088  5.87401   5.74478   1.000 35.38981 ?  53  SER A CB  1 
ATOM   410  O OG  . SER A 1 53  ? -10.27435 6.69720   5.75710   1.000 63.48632 ?  53  SER A OG  1 
ATOM   411  N N   . ARG A 1 54  ? -6.69598  6.47031   7.57695   1.000 29.43559 ?  54  ARG A N   1 
ATOM   412  C CA  . ARG A 1 54  ? -6.09422  6.98403   8.80175   1.000 32.60212 ?  54  ARG A CA  1 
ATOM   413  C C   . ARG A 1 54  ? -4.91506  7.90129   8.50143   1.000 42.47257 ?  54  ARG A C   1 
ATOM   414  O O   . ARG A 1 54  ? -4.57533  8.76591   9.31744   1.000 39.61152 ?  54  ARG A O   1 
ATOM   415  C CB  . ARG A 1 54  ? -5.65306  5.82087   9.69401   1.000 33.86721 ?  54  ARG A CB  1 
ATOM   416  C CG  . ARG A 1 54  ? -5.31055  6.22493   11.11835  1.000 60.81985 ?  54  ARG A CG  1 
ATOM   417  C CD  . ARG A 1 54  ? -4.95063  5.02068   11.97365  1.000 43.92851 ?  54  ARG A CD  1 
ATOM   418  N NE  . ARG A 1 54  ? -6.05035  4.06856   12.09169  1.000 55.07537 ?  54  ARG A NE  1 
ATOM   419  C CZ  . ARG A 1 54  ? -6.07072  3.05221   12.94349  1.000 40.04361 ?  54  ARG A CZ  1 
ATOM   420  N NH1 . ARG A 1 54  ? -5.06560  2.82680   13.77288  1.000 31.35572 ?  54  ARG A NH1 1 
ATOM   421  N NH2 . ARG A 1 54  ? -7.12618  2.24304   12.96607  1.000 35.38394 ?  54  ARG A NH2 1 
ATOM   422  N N   . LEU A 1 55  ? -4.28782  7.73637   7.33465   1.000 41.73690 ?  55  LEU A N   1 
ATOM   423  C CA  . LEU A 1 55  ? -3.10947  8.52487   6.99348   1.000 33.55319 ?  55  LEU A CA  1 
ATOM   424  C C   . LEU A 1 55  ? -3.47997  9.92190   6.50685   1.000 35.34910 ?  55  LEU A C   1 
ATOM   425  O O   . LEU A 1 55  ? -2.75351  10.88541  6.77324   1.000 32.55890 ?  55  LEU A O   1 
ATOM   426  C CB  . LEU A 1 55  ? -2.28682  7.78659   5.93448   1.000 34.92097 ?  55  LEU A CB  1 
ATOM   427  C CG  . LEU A 1 55  ? -0.97153  8.41525   5.48247   1.000 28.15239 ?  55  LEU A CG  1 
ATOM   428  C CD1 . LEU A 1 55  ? -0.10685  8.79348   6.67887   1.000 19.05978 ?  55  LEU A CD1 1 
ATOM   429  C CD2 . LEU A 1 55  ? -0.23851  7.45124   4.56681   1.000 23.81938 ?  55  LEU A CD2 1 
ATOM   430  N N   . ASP A 1 56  ? -4.60520  10.05075  5.79564   1.000 36.63145 ?  56  ASP A N   1 
ATOM   431  C CA  . ASP A 1 56  ? -5.00031  11.34759  5.25218   1.000 26.86624 ?  56  ASP A CA  1 
ATOM   432  C C   . ASP A 1 56  ? -5.20763  12.38500  6.34784   1.000 56.95303 ?  56  ASP A C   1 
ATOM   433  O O   . ASP A 1 56  ? -5.01183  13.58205  6.11355   1.000 54.13209 ?  56  ASP A O   1 
ATOM   434  C CB  . ASP A 1 56  ? -6.26940  11.19835  4.41508   1.000 31.72452 ?  56  ASP A CB  1 
ATOM   435  C CG  . ASP A 1 56  ? -6.03446  10.42285  3.13825   1.000 27.03009 ?  56  ASP A CG  1 
ATOM   436  O OD1 . ASP A 1 56  ? -4.86068  10.28912  2.73736   1.000 27.87923 ?  56  ASP A OD1 1 
ATOM   437  O OD2 . ASP A 1 56  ? -7.01989  9.95272   2.53292   1.000 48.47877 -1 56  ASP A OD2 1 
ATOM   438  N N   . PHE A 1 57  ? -5.59684  11.94862  7.54433   1.000 50.49012 ?  57  PHE A N   1 
ATOM   439  C CA  . PHE A 1 57  ? -5.79852  12.83055  8.68570   1.000 37.44308 ?  57  PHE A CA  1 
ATOM   440  C C   . PHE A 1 57  ? -4.86608  12.46472  9.83662   1.000 45.97940 ?  57  PHE A C   1 
ATOM   441  O O   . PHE A 1 57  ? -5.22025  12.61582  11.00710  1.000 59.46276 ?  57  PHE A O   1 
ATOM   442  C CB  . PHE A 1 57  ? -7.25625  12.79611  9.14128   1.000 46.37995 ?  57  PHE A CB  1 
ATOM   443  N N   . THR A 1 58  ? -3.67162  11.97719  9.51339   1.000 36.73413 ?  58  THR A N   1 
ATOM   444  C CA  . THR A 1 58  ? -2.71069  11.58504  10.52877  1.000 39.72356 ?  58  THR A CA  1 
ATOM   445  C C   . THR A 1 58  ? -1.93322  12.80103  11.02768  1.000 46.39900 ?  58  THR A C   1 
ATOM   446  O O   . THR A 1 58  ? -1.94950  13.87908  10.42725  1.000 36.28328 ?  58  THR A O   1 
ATOM   447  C CB  . THR A 1 58  ? -1.74527  10.53371  9.97929   1.000 48.32144 ?  58  THR A CB  1 
ATOM   448  C CG2 . THR A 1 58  ? -1.36730  9.52859   11.06044  1.000 39.12482 ?  58  THR A CG2 1 
ATOM   449  N N   . GLY A 1 59  ? -1.24267  12.61375  12.14833  1.000 44.25189 ?  59  GLY A N   1 
ATOM   450  C CA  . GLY A 1 59  ? -0.38306  13.64643  12.68664  1.000 45.13743 ?  59  GLY A CA  1 
ATOM   451  C C   . GLY A 1 59  ? 1.06525   13.21061  12.74734  1.000 47.86810 ?  59  GLY A C   1 
ATOM   452  O O   . GLY A 1 59  ? 1.42005   12.14301  12.23740  1.000 63.33481 ?  59  GLY A O   1 
ATOM   453  N N   . GLY A 1 60  ? 1.91232   14.02754  13.36496  1.000 44.10368 ?  60  GLY A N   1 
ATOM   454  C CA  . GLY A 1 60  ? 3.30401   13.69188  13.53667  1.000 35.98731 ?  60  GLY A CA  1 
ATOM   455  C C   . GLY A 1 60  ? 4.08620   13.72581  12.24080  1.000 39.47770 ?  60  GLY A C   1 
ATOM   456  O O   . GLY A 1 60  ? 3.73835   14.43743  11.29214  1.000 39.20509 ?  60  GLY A O   1 
ATOM   457  N N   . PRO A 1 61  ? 5.16913   12.94523  12.18032  1.000 33.36576 ?  61  PRO A N   1 
ATOM   458  C CA  . PRO A 1 61  ? 6.03455   12.96790  10.98660  1.000 36.12052 ?  61  PRO A CA  1 
ATOM   459  C C   . PRO A 1 61  ? 5.32190   12.60580  9.69338   1.000 23.24091 ?  61  PRO A C   1 
ATOM   460  O O   . PRO A 1 61  ? 5.81399   12.96530  8.61654   1.000 28.81745 ?  61  PRO A O   1 
ATOM   461  C CB  . PRO A 1 61  ? 7.13257   11.94452  11.30896  1.000 35.98377 ?  61  PRO A CB  1 
ATOM   462  C CG  . PRO A 1 61  ? 6.93879   11.51951  12.71240  1.000 34.81697 ?  61  PRO A CG  1 
ATOM   463  C CD  . PRO A 1 61  ? 5.71516   12.13932  13.28472  1.000 45.06364 ?  61  PRO A CD  1 
ATOM   464  N N   . LEU A 1 62  ? 4.19063   11.90406  9.75803   1.000 35.18767 ?  62  LEU A N   1 
ATOM   465  C CA  . LEU A 1 62  ? 3.46979   11.48648  8.56340   1.000 38.06791 ?  62  LEU A CA  1 
ATOM   466  C C   . LEU A 1 62  ? 2.46930   12.52123  8.07067   1.000 42.51828 ?  62  LEU A C   1 
ATOM   467  O O   . LEU A 1 62  ? 1.87032   12.32208  7.00761   1.000 30.44922 ?  62  LEU A O   1 
ATOM   468  C CB  . LEU A 1 62  ? 2.74543   10.16136  8.81990   1.000 35.48795 ?  62  LEU A CB  1 
ATOM   469  C CG  . LEU A 1 62  ? 3.64457   8.92746   8.90083   1.000 42.36045 ?  62  LEU A CG  1 
ATOM   470  C CD1 . LEU A 1 62  ? 2.83183   7.65354   8.70071   1.000 31.02321 ?  62  LEU A CD1 1 
ATOM   471  C CD2 . LEU A 1 62  ? 4.76584   9.01962   7.87563   1.000 32.47519 ?  62  LEU A CD2 1 
ATOM   472  N N   . ALA A 1 63  ? 2.27162   13.60882  8.80950   1.000 42.16750 ?  63  ALA A N   1 
ATOM   473  C CA  . ALA A 1 63  ? 1.37844   14.66491  8.35918   1.000 28.00837 ?  63  ALA A CA  1 
ATOM   474  C C   . ALA A 1 63  ? 2.00406   15.41748  7.19342   1.000 25.94120 ?  63  ALA A C   1 
ATOM   475  O O   . ALA A 1 63  ? 3.21467   15.65256  7.16143   1.000 39.31457 ?  63  ALA A O   1 
ATOM   476  C CB  . ALA A 1 63  ? 1.06966   15.62698  9.50458   1.000 34.02108 ?  63  ALA A CB  1 
ATOM   477  N N   . GLY A 1 64  ? 1.17024   15.79593  6.22875   1.000 25.97881 ?  64  GLY A N   1 
ATOM   478  C CA  . GLY A 1 64  ? 1.67646   16.45507  5.04317   1.000 31.61464 ?  64  GLY A CA  1 
ATOM   479  C C   . GLY A 1 64  ? 2.56264   15.58911  4.17872   1.000 49.29731 ?  64  GLY A C   1 
ATOM   480  O O   . GLY A 1 64  ? 3.37908   16.11445  3.41920   1.000 55.82667 ?  64  GLY A O   1 
ATOM   481  N N   . CYS A 1 65  ? 2.42935   14.27122  4.27451   1.000 24.84663 ?  65  CYS A N   1 
ATOM   482  C CA  . CYS A 1 65  ? 3.23284   13.36734  3.47189   1.000 27.51630 ?  65  CYS A CA  1 
ATOM   483  C C   . CYS A 1 65  ? 2.47058   12.94741  2.22440   1.000 33.71266 ?  65  CYS A C   1 
ATOM   484  O O   . CYS A 1 65  ? 1.23624   12.91279  2.20520   1.000 28.49156 ?  65  CYS A O   1 
ATOM   485  C CB  . CYS A 1 65  ? 3.63361   12.13323  4.27931   1.000 47.64657 ?  65  CYS A CB  1 
ATOM   486  S SG  . CYS A 1 65  ? 2.39564   10.81416  4.25428   1.000 29.08810 ?  65  CYS A SG  1 
ATOM   487  N N   . LEU A 1 66  ? 3.22178   12.65047  1.17087   1.000 31.90192 ?  66  LEU A N   1 
ATOM   488  C CA  . LEU A 1 66  ? 2.67351   12.09894  -0.05944  1.000 31.30200 ?  66  LEU A CA  1 
ATOM   489  C C   . LEU A 1 66  ? 2.91345   10.59605  -0.05847  1.000 32.64871 ?  66  LEU A C   1 
ATOM   490  O O   . LEU A 1 66  ? 4.02076   10.14358  0.25411   1.000 21.83433 ?  66  LEU A O   1 
ATOM   491  C CB  . LEU A 1 66  ? 3.31842   12.74150  -1.28793  1.000 41.66210 ?  66  LEU A CB  1 
ATOM   492  C CG  . LEU A 1 66  ? 3.56750   14.25106  -1.25040  1.000 26.00967 ?  66  LEU A CG  1 
ATOM   493  C CD1 . LEU A 1 66  ? 4.17541   14.71276  -2.56438  1.000 22.01821 ?  66  LEU A CD1 1 
ATOM   494  C CD2 . LEU A 1 66  ? 2.28355   15.01201  -0.95915  1.000 23.53919 ?  66  LEU A CD2 1 
ATOM   495  N N   . TYR A 1 67  ? 1.88188   9.82706   -0.40026  1.000 31.82482 ?  67  TYR A N   1 
ATOM   496  C CA  . TYR A 1 67  ? 1.97710   8.37786   -0.33105  1.000 22.90784 ?  67  TYR A CA  1 
ATOM   497  C C   . TYR A 1 67  ? 1.36174   7.74572   -1.57174  1.000 28.80455 ?  67  TYR A C   1 
ATOM   498  O O   . TYR A 1 67  ? 0.53303   8.34236   -2.26481  1.000 22.07690 ?  67  TYR A O   1 
ATOM   499  C CB  . TYR A 1 67  ? 1.30858   7.82534   0.93789   1.000 22.95714 ?  67  TYR A CB  1 
ATOM   500  C CG  . TYR A 1 67  ? -0.19908  7.95173   0.97233   1.000 35.12744 ?  67  TYR A CG  1 
ATOM   501  C CD1 . TYR A 1 67  ? -1.01203  6.93654   0.48625   1.000 20.55569 ?  67  TYR A CD1 1 
ATOM   502  C CD2 . TYR A 1 67  ? -0.80949  9.07767   1.50902   1.000 30.52523 ?  67  TYR A CD2 1 
ATOM   503  C CE1 . TYR A 1 67  ? -2.38732  7.04298   0.51884   1.000 18.13847 ?  67  TYR A CE1 1 
ATOM   504  C CE2 . TYR A 1 67  ? -2.18722  9.19171   1.55000   1.000 31.08271 ?  67  TYR A CE2 1 
ATOM   505  C CZ  . TYR A 1 67  ? -2.97037  8.17362   1.05326   1.000 32.63742 ?  67  TYR A CZ  1 
ATOM   506  O OH  . TYR A 1 67  ? -4.34029  8.28965   1.09123   1.000 28.04057 ?  67  TYR A OH  1 
ATOM   507  N N   . PHE A 1 68  ? 1.79128   6.51338   -1.83513  1.000 25.69960 ?  68  PHE A N   1 
ATOM   508  C CA  . PHE A 1 68  ? 1.28268   5.71151   -2.94509  1.000 21.03173 ?  68  PHE A CA  1 
ATOM   509  C C   . PHE A 1 68  ? 1.50810   4.25606   -2.56603  1.000 21.45235 ?  68  PHE A C   1 
ATOM   510  O O   . PHE A 1 68  ? 2.63743   3.76327   -2.64427  1.000 32.60106 ?  68  PHE A O   1 
ATOM   511  C CB  . PHE A 1 68  ? 1.99096   6.05792   -4.25228  1.000 24.36420 ?  68  PHE A CB  1 
ATOM   512  C CG  . PHE A 1 68  ? 1.49763   5.28126   -5.44553  1.000 29.47896 ?  68  PHE A CG  1 
ATOM   513  C CD1 . PHE A 1 68  ? 1.98703   4.01240   -5.72401  1.000 20.62099 ?  68  PHE A CD1 1 
ATOM   514  C CD2 . PHE A 1 68  ? 0.55513   5.82960   -6.29905  1.000 21.07098 ?  68  PHE A CD2 1 
ATOM   515  C CE1 . PHE A 1 68  ? 1.53327   3.30069   -6.82280  1.000 15.92368 ?  68  PHE A CE1 1 
ATOM   516  C CE2 . PHE A 1 68  ? 0.09956   5.12508   -7.40048  1.000 22.81489 ?  68  PHE A CE2 1 
ATOM   517  C CZ  . PHE A 1 68  ? 0.59233   3.85924   -7.66545  1.000 23.79309 ?  68  PHE A CZ  1 
ATOM   518  N N   . PHE A 1 69  ? 0.44770   3.57714   -2.14330  1.000 27.83037 ?  69  PHE A N   1 
ATOM   519  C CA  . PHE A 1 69  ? 0.53040   2.19562   -1.69600  1.000 17.98415 ?  69  PHE A CA  1 
ATOM   520  C C   . PHE A 1 69  ? -0.13725  1.29639   -2.72450  1.000 21.68795 ?  69  PHE A C   1 
ATOM   521  O O   . PHE A 1 69  ? -1.23617  1.59784   -3.19962  1.000 24.75104 ?  69  PHE A O   1 
ATOM   522  C CB  . PHE A 1 69  ? -0.12579  2.01416   -0.32531  1.000 21.83595 ?  69  PHE A CB  1 
ATOM   523  C CG  . PHE A 1 69  ? 0.38001   2.96480   0.72855   1.000 24.57528 ?  69  PHE A CG  1 
ATOM   524  C CD1 . PHE A 1 69  ? 1.69119   3.41301   0.71226   1.000 26.07633 ?  69  PHE A CD1 1 
ATOM   525  C CD2 . PHE A 1 69  ? -0.45737  3.39962   1.74595   1.000 19.68172 ?  69  PHE A CD2 1 
ATOM   526  C CE1 . PHE A 1 69  ? 2.15686   4.28300   1.68347   1.000 30.90817 ?  69  PHE A CE1 1 
ATOM   527  C CE2 . PHE A 1 69  ? 0.00159   4.26850   2.72027   1.000 16.36135 ?  69  PHE A CE2 1 
ATOM   528  C CZ  . PHE A 1 69  ? 1.30956   4.71025   2.68898   1.000 20.24264 ?  69  PHE A CZ  1 
ATOM   529  N N   . GLN A 1 70  ? 0.52819   0.19478   -3.06067  1.000 34.33687 ?  70  GLN A N   1 
ATOM   530  C CA  . GLN A 1 70  ? 0.05111   -0.74348  -4.06873  1.000 21.26789 ?  70  GLN A CA  1 
ATOM   531  C C   . GLN A 1 70  ? 0.19484   -2.15708  -3.52964  1.000 21.65375 ?  70  GLN A C   1 
ATOM   532  O O   . GLN A 1 70  ? 1.31595   -2.62573  -3.30870  1.000 33.14243 ?  70  GLN A O   1 
ATOM   533  C CB  . GLN A 1 70  ? 0.82999   -0.58556  -5.37608  1.000 26.47533 ?  70  GLN A CB  1 
ATOM   534  C CG  . GLN A 1 70  ? 0.41193   -1.54075  -6.47686  1.000 21.95386 ?  70  GLN A CG  1 
ATOM   535  C CD  . GLN A 1 70  ? 0.61994   -0.95353  -7.85764  1.000 22.97982 ?  70  GLN A CD  1 
ATOM   536  O OE1 . GLN A 1 70  ? 0.35000   0.22487   -8.08966  1.000 26.08907 ?  70  GLN A OE1 1 
ATOM   537  N NE2 . GLN A 1 70  ? 1.11101   -1.77023  -8.78219  1.000 29.10886 ?  70  GLN A NE2 1 
ATOM   538  N N   . VAL A 1 71  ? -0.92922  -2.82974  -3.31894  1.000 18.22687 ?  71  VAL A N   1 
ATOM   539  C CA  . VAL A 1 71  ? -0.92605  -4.22733  -2.90752  1.000 27.95917 ?  71  VAL A CA  1 
ATOM   540  C C   . VAL A 1 71  ? -1.02458  -5.09866  -4.15524  1.000 34.58210 ?  71  VAL A C   1 
ATOM   541  O O   . VAL A 1 71  ? -1.86097  -4.85472  -5.03560  1.000 28.47252 ?  71  VAL A O   1 
ATOM   542  C CB  . VAL A 1 71  ? -2.07067  -4.51729  -1.91878  1.000 25.47613 ?  71  VAL A CB  1 
ATOM   543  C CG1 . VAL A 1 71  ? -3.42007  -4.11719  -2.50155  1.000 17.28901 ?  71  VAL A CG1 1 
ATOM   544  C CG2 . VAL A 1 71  ? -2.06687  -5.98438  -1.50394  1.000 21.25410 ?  71  VAL A CG2 1 
ATOM   545  N N   . GLU A 1 72  ? -0.14088  -6.08990  -4.25246  1.000 30.11937 ?  72  GLU A N   1 
ATOM   546  C CA  . GLU A 1 72  ? -0.09469  -6.98822  -5.39701  1.000 22.52935 ?  72  GLU A CA  1 
ATOM   547  C C   . GLU A 1 72  ? 0.00097   -8.42806  -4.91635  1.000 22.67818 ?  72  GLU A C   1 
ATOM   548  O O   . GLU A 1 72  ? 0.42371   -8.70702  -3.79121  1.000 20.19452 ?  72  GLU A O   1 
ATOM   549  C CB  . GLU A 1 72  ? 1.09540   -6.68871  -6.32286  1.000 23.87258 ?  72  GLU A CB  1 
ATOM   550  C CG  . GLU A 1 72  ? 1.41939   -5.21934  -6.49535  1.000 23.17132 ?  72  GLU A CG  1 
ATOM   551  C CD  . GLU A 1 72  ? 2.70836   -4.99267  -7.26118  1.000 23.99618 ?  72  GLU A CD  1 
ATOM   552  O OE1 . GLU A 1 72  ? 3.56669   -5.89997  -7.28216  1.000 35.68885 ?  72  GLU A OE1 1 
ATOM   553  O OE2 . GLU A 1 72  ? 2.86230   -3.90027  -7.84536  1.000 33.91150 -1 72  GLU A OE2 1 
ATOM   554  N N   . CYS A 1 73  ? -0.40094  -9.34181  -5.79345  1.000 32.02024 ?  73  CYS A N   1 
ATOM   555  C CA  . CYS A 1 73  ? -0.20844  -10.75975 -5.53739  1.000 37.54750 ?  73  CYS A CA  1 
ATOM   556  C C   . CYS A 1 73  ? 1.26667   -11.10977 -5.64315  1.000 25.15141 ?  73  CYS A C   1 
ATOM   557  O O   . CYS A 1 73  ? 1.98213   -10.59290 -6.50581  1.000 32.22053 ?  73  CYS A O   1 
ATOM   558  C CB  . CYS A 1 73  ? -1.00996  -11.59694 -6.53355  1.000 19.87452 ?  73  CYS A CB  1 
ATOM   559  S SG  . CYS A 1 73  ? -2.79469  -11.50772 -6.31713  1.000 42.16197 ?  73  CYS A SG  1 
ATOM   560  N N   . ASN A 1 74  ? 1.72438   -11.98719 -4.75472  1.000 27.86481 ?  74  ASN A N   1 
ATOM   561  C CA  . ASN A 1 74  ? 3.07445   -12.51226 -4.88059  1.000 22.59473 ?  74  ASN A CA  1 
ATOM   562  C C   . ASN A 1 74  ? 3.20277   -13.27439 -6.19363  1.000 25.28009 ?  74  ASN A C   1 
ATOM   563  O O   . ASN A 1 74  ? 2.32000   -14.04984 -6.57025  1.000 21.95222 ?  74  ASN A O   1 
ATOM   564  C CB  . ASN A 1 74  ? 3.41252   -13.40849 -3.68909  1.000 18.12085 ?  74  ASN A CB  1 
ATOM   565  C CG  . ASN A 1 74  ? 3.78600   -12.61147 -2.45339  1.000 28.68312 ?  74  ASN A CG  1 
ATOM   566  O OD1 . ASN A 1 74  ? 4.17281   -11.44726 -2.54976  1.000 21.24532 ?  74  ASN A OD1 1 
ATOM   567  N ND2 . ASN A 1 74  ? 3.66856   -13.23312 -1.28532  1.000 22.78230 ?  74  ASN A ND2 1 
ATOM   568  N N   . LYS A 1 75  ? 4.30679   -13.02984 -6.90149  1.000 18.49124 ?  75  LYS A N   1 
ATOM   569  C CA  . LYS A 1 75  ? 4.41741   -13.48759 -8.28230  1.000 28.59659 ?  75  LYS A CA  1 
ATOM   570  C C   . LYS A 1 75  ? 4.46879   -15.00766 -8.37534  1.000 29.94967 ?  75  LYS A C   1 
ATOM   571  O O   . LYS A 1 75  ? 3.90620   -15.59445 -9.30689  1.000 29.01193 ?  75  LYS A O   1 
ATOM   572  C CB  . LYS A 1 75  ? 5.65155   -12.87228 -8.94224  1.000 27.28202 ?  75  LYS A CB  1 
ATOM   573  C CG  . LYS A 1 75  ? 5.45532   -12.51483 -10.40516 1.000 25.14726 ?  75  LYS A CG  1 
ATOM   574  C CD  . LYS A 1 75  ? 6.73101   -11.96410 -11.01475 1.000 37.66455 ?  75  LYS A CD  1 
ATOM   575  C CE  . LYS A 1 75  ? 7.07642   -12.68273 -12.30539 1.000 28.70180 ?  75  LYS A CE  1 
ATOM   576  N NZ  . LYS A 1 75  ? 7.89544   -11.82435 -13.20392 1.000 53.52403 ?  75  LYS A NZ  1 
ATOM   577  N N   . PHE A 1 76  ? 5.12887   -15.66520 -7.42149  1.000 26.70314 ?  76  PHE A N   1 
ATOM   578  C CA  . PHE A 1 76  ? 5.37600   -17.09695 -7.51629  1.000 31.16772 ?  76  PHE A CA  1 
ATOM   579  C C   . PHE A 1 76  ? 4.72591   -17.91422 -6.41040  1.000 38.56486 ?  76  PHE A C   1 
ATOM   580  O O   . PHE A 1 76  ? 4.85547   -19.14528 -6.42146  1.000 33.80923 ?  76  PHE A O   1 
ATOM   581  C CB  . PHE A 1 76  ? 6.88505   -17.37455 -7.51394  1.000 21.48802 ?  76  PHE A CB  1 
ATOM   582  C CG  . PHE A 1 76  ? 7.65354   -16.54078 -8.49361  1.000 39.61128 ?  76  PHE A CG  1 
ATOM   583  C CD1 . PHE A 1 76  ? 7.75313   -16.91437 -9.82307  1.000 40.09726 ?  76  PHE A CD1 1 
ATOM   584  C CD2 . PHE A 1 76  ? 8.26916   -15.36949 -8.08211  1.000 27.51413 ?  76  PHE A CD2 1 
ATOM   585  C CE1 . PHE A 1 76  ? 8.45950   -16.13601 -10.72657 1.000 21.87569 ?  76  PHE A CE1 1 
ATOM   586  C CE2 . PHE A 1 76  ? 8.97580   -14.58819 -8.97627  1.000 36.74260 ?  76  PHE A CE2 1 
ATOM   587  C CZ  . PHE A 1 76  ? 9.07165   -14.97129 -10.30178 1.000 39.51782 ?  76  PHE A CZ  1 
ATOM   588  N N   . GLU A 1 77  ? 4.03850   -17.28539 -5.45748  1.000 28.16313 ?  77  GLU A N   1 
ATOM   589  C CA  . GLU A 1 77  ? 3.53521   -17.98522 -4.28403  1.000 21.91208 ?  77  GLU A CA  1 
ATOM   590  C C   . GLU A 1 77  ? 2.17930   -17.41767 -3.89864  1.000 27.72692 ?  77  GLU A C   1 
ATOM   591  O O   . GLU A 1 77  ? 1.67581   -16.46959 -4.50913  1.000 27.78307 ?  77  GLU A O   1 
ATOM   592  C CB  . GLU A 1 77  ? 4.48620   -17.83951 -3.09281  1.000 26.36034 ?  77  GLU A CB  1 
ATOM   593  C CG  . GLU A 1 77  ? 5.90466   -18.25251 -3.35094  1.000 56.20068 ?  77  GLU A CG  1 
ATOM   594  C CD  . GLU A 1 77  ? 6.88148   -17.41049 -2.56602  1.000 27.09131 ?  77  GLU A CD  1 
ATOM   595  O OE1 . GLU A 1 77  ? 7.20936   -17.77951 -1.41881  1.000 29.16966 ?  77  GLU A OE1 1 
ATOM   596  O OE2 . GLU A 1 77  ? 7.32199   -16.37699 -3.10662  1.000 26.86997 -1 77  GLU A OE2 1 
ATOM   597  N N   . GLU A 1 78  ? 1.59660   -18.00479 -2.85592  1.000 23.48883 ?  78  GLU A N   1 
ATOM   598  C CA  . GLU A 1 78  ? 0.46962   -17.39331 -2.17590  1.000 42.68077 ?  78  GLU A CA  1 
ATOM   599  C C   . GLU A 1 78  ? 0.94176   -16.18350 -1.37079  1.000 36.32737 ?  78  GLU A C   1 
ATOM   600  O O   . GLU A 1 78  ? 2.14036   -15.95205 -1.18209  1.000 27.07592 ?  78  GLU A O   1 
ATOM   601  C CB  . GLU A 1 78  ? -0.21838  -18.40663 -1.26115  1.000 26.41799 ?  78  GLU A CB  1 
ATOM   602  N N   . GLY A 1 79  ? -0.01758  -15.40074 -0.89289  1.000 27.23388 ?  79  GLY A N   1 
ATOM   603  C CA  . GLY A 1 79  ? 0.28913   -14.20684 -0.13662  1.000 22.06672 ?  79  GLY A CA  1 
ATOM   604  C C   . GLY A 1 79  ? 0.38128   -12.96313 -1.00461  1.000 28.42180 ?  79  GLY A C   1 
ATOM   605  O O   . GLY A 1 79  ? 0.29622   -13.00162 -2.23626  1.000 21.93672 ?  79  GLY A O   1 
ATOM   606  N N   . TYR A 1 80  ? 0.56243   -11.83055 -0.33031  1.000 21.71290 ?  80  TYR A N   1 
ATOM   607  C CA  . TYR A 1 80  ? 0.61037   -10.52701 -0.97222  1.000 19.78661 ?  80  TYR A CA  1 
ATOM   608  C C   . TYR A 1 80  ? 1.83832   -9.75988  -0.50198  1.000 19.58649 ?  80  TYR A C   1 
ATOM   609  O O   . TYR A 1 80  ? 2.50731   -10.13359 0.46556   1.000 26.62226 ?  80  TYR A O   1 
ATOM   610  C CB  . TYR A 1 80  ? -0.65474  -9.70475  -0.67810  1.000 29.26382 ?  80  TYR A CB  1 
ATOM   611  C CG  . TYR A 1 80  ? -1.95093  -10.38010 -1.06091  1.000 23.61683 ?  80  TYR A CG  1 
ATOM   612  C CD1 . TYR A 1 80  ? -2.55246  -11.30318 -0.21770  1.000 22.72107 ?  80  TYR A CD1 1 
ATOM   613  C CD2 . TYR A 1 80  ? -2.57823  -10.08672 -2.26470  1.000 24.18803 ?  80  TYR A CD2 1 
ATOM   614  C CE1 . TYR A 1 80  ? -3.73821  -11.91712 -0.56394  1.000 31.16693 ?  80  TYR A CE1 1 
ATOM   615  C CE2 . TYR A 1 80  ? -3.76136  -10.69484 -2.61927  1.000 20.15623 ?  80  TYR A CE2 1 
ATOM   616  C CZ  . TYR A 1 80  ? -4.33763  -11.60860 -1.76774  1.000 29.40134 ?  80  TYR A CZ  1 
ATOM   617  O OH  . TYR A 1 80  ? -5.51834  -12.21345 -2.12683  1.000 21.21875 ?  80  TYR A OH  1 
ATOM   618  N N   . HIS A 1 81  ? 2.12352   -8.67079  -1.20838  1.000 25.74023 ?  81  HIS A N   1 
ATOM   619  C CA  . HIS A 1 81  ? 3.15073   -7.72220  -0.80904  1.000 25.23055 ?  81  HIS A CA  1 
ATOM   620  C C   . HIS A 1 81  ? 2.68261   -6.32289  -1.17454  1.000 26.98142 ?  81  HIS A C   1 
ATOM   621  O O   . HIS A 1 81  ? 2.09268   -6.11679  -2.23981  1.000 24.89333 ?  81  HIS A O   1 
ATOM   622  C CB  . HIS A 1 81  ? 4.49920   -8.02888  -1.47144  1.000 13.36685 ?  81  HIS A CB  1 
ATOM   623  C CG  . HIS A 1 81  ? 4.48017   -7.91996  -2.96455  1.000 18.48976 ?  81  HIS A CG  1 
ATOM   624  N ND1 . HIS A 1 81  ? 4.27290   -9.00652  -3.78656  1.000 22.76592 ?  81  HIS A ND1 1 
ATOM   625  C CD2 . HIS A 1 81  ? 4.64696   -6.85369  -3.78406  1.000 28.81524 ?  81  HIS A CD2 1 
ATOM   626  C CE1 . HIS A 1 81  ? 4.30829   -8.61296  -5.04751  1.000 27.98178 ?  81  HIS A CE1 1 
ATOM   627  N NE2 . HIS A 1 81  ? 4.53283   -7.31195  -5.07343  1.000 23.08628 ?  81  HIS A NE2 1 
ATOM   628  N N   . ILE A 1 82  ? 2.93657   -5.36755  -0.28609  1.000 22.91592 ?  82  ILE A N   1 
ATOM   629  C CA  . ILE A 1 82  ? 2.51724   -3.98444  -0.47196  1.000 18.24221 ?  82  ILE A CA  1 
ATOM   630  C C   . ILE A 1 82  ? 3.73948   -3.16121  -0.84544  1.000 21.94288 ?  82  ILE A C   1 
ATOM   631  O O   . ILE A 1 82  ? 4.69466   -3.06474  -0.06612  1.000 23.50694 ?  82  ILE A O   1 
ATOM   632  C CB  . ILE A 1 82  ? 1.84845   -3.41608  0.78712   1.000 24.19552 ?  82  ILE A CB  1 
ATOM   633  C CG1 . ILE A 1 82  ? 0.67526   -4.29610  1.20998   1.000 15.69319 ?  82  ILE A CG1 1 
ATOM   634  C CG2 . ILE A 1 82  ? 1.39170   -1.98465  0.54048   1.000 24.66429 ?  82  ILE A CG2 1 
ATOM   635  C CD1 . ILE A 1 82  ? -0.17743  -3.67887  2.28993   1.000 25.16658 ?  82  ILE A CD1 1 
ATOM   636  N N   . HIS A 1 83  ? 3.70762   -2.56490  -2.03288  1.000 20.44498 ?  83  HIS A N   1 
ATOM   637  C CA  . HIS A 1 83  ? 4.72887   -1.60487  -2.42255  1.000 20.66195 ?  83  HIS A CA  1 
ATOM   638  C C   . HIS A 1 83  ? 4.41334   -0.25430  -1.79593  1.000 20.70110 ?  83  HIS A C   1 
ATOM   639  O O   . HIS A 1 83  ? 3.32217   0.29151   -1.99019  1.000 23.82774 ?  83  HIS A O   1 
ATOM   640  C CB  . HIS A 1 83  ? 4.80108   -1.48514  -3.94054  1.000 17.16220 ?  83  HIS A CB  1 
ATOM   641  C CG  . HIS A 1 83  ? 5.62747   -2.55058  -4.58601  1.000 15.41744 ?  83  HIS A CG  1 
ATOM   642  N ND1 . HIS A 1 83  ? 6.99804   -2.61402  -4.44831  1.000 20.99336 ?  83  HIS A ND1 1 
ATOM   643  C CD2 . HIS A 1 83  ? 5.27913   -3.59470  -5.37445  1.000 17.35860 ?  83  HIS A CD2 1 
ATOM   644  C CE1 . HIS A 1 83  ? 7.45732   -3.65114  -5.12413  1.000 24.27263 ?  83  HIS A CE1 1 
ATOM   645  N NE2 . HIS A 1 83  ? 6.43588   -4.26272  -5.69593  1.000 23.55192 ?  83  HIS A NE2 1 
ATOM   646  N N   . VAL A 1 84  ? 5.36977   0.28612   -1.04746  1.000 19.02422 ?  84  VAL A N   1 
ATOM   647  C CA  . VAL A 1 84  ? 5.16323   1.48522   -0.24411  1.000 20.90660 ?  84  VAL A CA  1 
ATOM   648  C C   . VAL A 1 84  ? 6.05627   2.59136   -0.78643  1.000 26.02306 ?  84  VAL A C   1 
ATOM   649  O O   . VAL A 1 84  ? 7.28753   2.47334   -0.76239  1.000 35.28471 ?  84  VAL A O   1 
ATOM   650  C CB  . VAL A 1 84  ? 5.45141   1.22661   1.24244   1.000 21.84484 ?  84  VAL A CB  1 
ATOM   651  C CG1 . VAL A 1 84  ? 5.46824   2.53570   2.01501   1.000 24.44394 ?  84  VAL A CG1 1 
ATOM   652  C CG2 . VAL A 1 84  ? 4.41417   0.27716   1.81847   1.000 23.08844 ?  84  VAL A CG2 1 
ATOM   653  N N   . VAL A 1 85  ? 5.43359   3.66009   -1.27855  1.000 25.34413 ?  85  VAL A N   1 
ATOM   654  C CA  . VAL A 1 85  ? 6.12710   4.87919   -1.67550  1.000 13.09883 ?  85  VAL A CA  1 
ATOM   655  C C   . VAL A 1 85  ? 5.56908   6.01066   -0.82612  1.000 29.69489 ?  85  VAL A C   1 
ATOM   656  O O   . VAL A 1 85  ? 4.35425   6.24776   -0.82342  1.000 21.74132 ?  85  VAL A O   1 
ATOM   657  C CB  . VAL A 1 85  ? 5.95900   5.17649   -3.17255  1.000 22.19258 ?  85  VAL A CB  1 
ATOM   658  C CG1 . VAL A 1 85  ? 6.77269   6.39645   -3.55356  1.000 14.93208 ?  85  VAL A CG1 1 
ATOM   659  C CG2 . VAL A 1 85  ? 6.36985   3.96985   -4.00387  1.000 25.10361 ?  85  VAL A CG2 1 
ATOM   660  N N   . ILE A 1 86  ? 6.44712   6.70250   -0.10115  1.000 26.48496 ?  86  ILE A N   1 
ATOM   661  C CA  . ILE A 1 86  ? 6.01669   7.72614   0.84264   1.000 13.89446 ?  86  ILE A CA  1 
ATOM   662  C C   . ILE A 1 86  ? 7.14462   8.73146   1.01830   1.000 26.70408 ?  86  ILE A C   1 
ATOM   663  O O   . ILE A 1 86  ? 8.32446   8.39127   0.90004   1.000 24.50512 ?  86  ILE A O   1 
ATOM   664  C CB  . ILE A 1 86  ? 5.59035   7.08921   2.19101   1.000 21.89548 ?  86  ILE A CB  1 
ATOM   665  C CG1 . ILE A 1 86  ? 4.90438   8.12034   3.09149   1.000 31.43451 ?  86  ILE A CG1 1 
ATOM   666  C CG2 . ILE A 1 86  ? 6.78176   6.45055   2.88847   1.000 24.49718 ?  86  ILE A CG2 1 
ATOM   667  C CD1 . ILE A 1 86  ? 4.06926   7.51276   4.20062   1.000 8.51345  ?  86  ILE A CD1 1 
ATOM   668  N N   . GLY A 1 87  ? 6.77282   9.98028   1.28938   1.000 24.89546 ?  87  GLY A N   1 
ATOM   669  C CA  . GLY A 1 87  ? 7.72770   11.03866  1.55613   1.000 19.03785 ?  87  GLY A CA  1 
ATOM   670  C C   . GLY A 1 87  ? 7.04356   12.27828  2.09476   1.000 25.49997 ?  87  GLY A C   1 
ATOM   671  O O   . GLY A 1 87  ? 5.88085   12.53581  1.76887   1.000 40.68537 ?  87  GLY A O   1 
ATOM   672  N N   . GLY A 1 88  ? 7.74409   13.05648  2.91633   1.000 29.61767 ?  88  GLY A N   1 
ATOM   673  C CA  . GLY A 1 88  ? 7.15554   14.23359  3.51079   1.000 43.84437 ?  88  GLY A CA  1 
ATOM   674  C C   . GLY A 1 88  ? 8.11584   15.03543  4.36705   1.000 41.79705 ?  88  GLY A C   1 
ATOM   675  O O   . GLY A 1 88  ? 9.22878   14.59618  4.67274   1.000 33.23034 ?  88  GLY A O   1 
ATOM   676  N N   . PRO A 1 89  ? 7.69198   16.23754  4.77506   1.000 45.06905 ?  89  PRO A N   1 
ATOM   677  C CA  . PRO A 1 89  ? 8.57336   17.07480  5.61262   1.000 29.81952 ?  89  PRO A CA  1 
ATOM   678  C C   . PRO A 1 89  ? 8.95534   16.43116  6.93407   1.000 33.36021 ?  89  PRO A C   1 
ATOM   679  O O   . PRO A 1 89  ? 10.12545  16.49674  7.33328   1.000 46.48064 ?  89  PRO A O   1 
ATOM   680  C CB  . PRO A 1 89  ? 7.74836   18.35623  5.82026   1.000 38.32310 ?  89  PRO A CB  1 
ATOM   681  C CG  . PRO A 1 89  ? 6.33314   17.98364  5.46989   1.000 28.66869 ?  89  PRO A CG  1 
ATOM   682  C CD  . PRO A 1 89  ? 6.43793   16.92369  4.42197   1.000 28.06297 ?  89  PRO A CD  1 
ATOM   683  N N   . GLY A 1 90  ? 8.00521   15.81009  7.62995   1.000 25.78379 ?  90  GLY A N   1 
ATOM   684  C CA  . GLY A 1 90  ? 8.33219   15.17162  8.89315   1.000 38.86571 ?  90  GLY A CA  1 
ATOM   685  C C   . GLY A 1 90  ? 9.01566   13.82790  8.77428   1.000 49.52511 ?  90  GLY A C   1 
ATOM   686  O O   . GLY A 1 90  ? 9.49388   13.30196  9.78279   1.000 35.50457 ?  90  GLY A O   1 
ATOM   687  N N   . LEU A 1 91  ? 9.09186   13.27473  7.56702   1.000 44.60021 ?  91  LEU A N   1 
ATOM   688  C CA  . LEU A 1 91  ? 9.57829   11.92132  7.33532   1.000 30.60533 ?  91  LEU A CA  1 
ATOM   689  C C   . LEU A 1 91  ? 11.03767  11.96252  6.89855   1.000 33.27348 ?  91  LEU A C   1 
ATOM   690  O O   . LEU A 1 91  ? 11.37680  12.62007  5.90841   1.000 44.44045 ?  91  LEU A O   1 
ATOM   691  C CB  . LEU A 1 91  ? 8.71602   11.22473  6.28302   1.000 27.70863 ?  91  LEU A CB  1 
ATOM   692  C CG  . LEU A 1 91  ? 8.68750   9.70001   6.30765   1.000 40.36879 ?  91  LEU A CG  1 
ATOM   693  C CD1 . LEU A 1 91  ? 8.37327   9.18528   7.69869   1.000 37.94794 ?  91  LEU A CD1 1 
ATOM   694  C CD2 . LEU A 1 91  ? 7.65500   9.20164   5.31528   1.000 35.45907 ?  91  LEU A CD2 1 
ATOM   695  N N   . ASN A 1 92  ? 11.89669  11.25661  7.63065   1.000 21.37468 ?  92  ASN A N   1 
ATOM   696  C CA  . ASN A 1 92  ? 13.31333  11.20682  7.30292   1.000 45.23495 ?  92  ASN A CA  1 
ATOM   697  C C   . ASN A 1 92  ? 13.82332  9.78900   7.51120   1.000 37.07621 ?  92  ASN A C   1 
ATOM   698  O O   . ASN A 1 92  ? 13.07560  8.88656   7.90222   1.000 32.81713 ?  92  ASN A O   1 
ATOM   699  C CB  . ASN A 1 92  ? 14.12068  12.21059  8.13310   1.000 40.53998 ?  92  ASN A CB  1 
ATOM   700  C CG  . ASN A 1 92  ? 13.83909  12.10473  9.61258   1.000 26.04966 ?  92  ASN A CG  1 
ATOM   701  O OD1 . ASN A 1 92  ? 14.22517  11.13152  10.25963  1.000 40.66682 ?  92  ASN A OD1 1 
ATOM   702  N ND2 . ASN A 1 92  ? 13.17988  13.11675  10.16509  1.000 34.80149 ?  92  ASN A ND2 1 
ATOM   703  N N   . ALA A 1 93  ? 15.11832  9.59771   7.25332   1.000 28.46145 ?  93  ALA A N   1 
ATOM   704  C CA  . ALA A 1 93  ? 15.68268  8.25472   7.29735   1.000 36.38659 ?  93  ALA A CA  1 
ATOM   705  C C   . ALA A 1 93  ? 15.72161  7.70322   8.71710   1.000 38.22845 ?  93  ALA A C   1 
ATOM   706  O O   . ALA A 1 93  ? 15.74894  6.48205   8.90540   1.000 36.75595 ?  93  ALA A O   1 
ATOM   707  C CB  . ALA A 1 93  ? 17.08399  8.25856   6.68350   1.000 17.93974 ?  93  ALA A CB  1 
ATOM   708  N N   . ARG A 1 94  ? 15.72175  8.57676   9.72596   1.000 29.66098 ?  94  ARG A N   1 
ATOM   709  C CA  . ARG A 1 94  ? 15.79234  8.13024   11.11093  1.000 29.48672 ?  94  ARG A CA  1 
ATOM   710  C C   . ARG A 1 94  ? 14.45531  7.63356   11.65394  1.000 28.27524 ?  94  ARG A C   1 
ATOM   711  O O   . ARG A 1 94  ? 14.43960  6.97724   12.70066  1.000 26.65676 ?  94  ARG A O   1 
ATOM   712  C CB  . ARG A 1 94  ? 16.32449  9.25942   11.99787  1.000 24.92302 ?  94  ARG A CB  1 
ATOM   713  N N   . ASN A 1 95  ? 13.33970  7.91540   10.97526  1.000 19.46889 ?  95  ASN A N   1 
ATOM   714  C CA  . ASN A 1 95  ? 12.03543  7.45653   11.43223  1.000 22.38896 ?  95  ASN A CA  1 
ATOM   715  C C   . ASN A 1 95  ? 11.19083  6.79262   10.35331  1.000 21.36263 ?  95  ASN A C   1 
ATOM   716  O O   . ASN A 1 95  ? 10.05060  6.41174   10.64143  1.000 32.39829 ?  95  ASN A O   1 
ATOM   717  C CB  . ASN A 1 95  ? 11.23619  8.62058   12.04762  1.000 16.49365 ?  95  ASN A CB  1 
ATOM   718  C CG  . ASN A 1 95  ? 10.96235  9.74898   11.05783  1.000 20.00001 ?  95  ASN A CG  1 
ATOM   719  O OD1 . ASN A 1 95  ? 10.90369  9.54428   9.84341   1.000 26.90866 ?  95  ASN A OD1 1 
ATOM   720  N ND2 . ASN A 1 95  ? 10.78220  10.95370  11.58552  1.000 31.56401 ?  95  ASN A ND2 1 
ATOM   721  N N   . LEU A 1 96  ? 11.70596  6.64614   9.13003   1.000 23.27142 ?  96  LEU A N   1 
ATOM   722  C CA  . LEU A 1 96  ? 10.90321  6.08755   8.04547   1.000 28.13307 ?  96  LEU A CA  1 
ATOM   723  C C   . LEU A 1 96  ? 10.39899  4.69200   8.38964   1.000 22.59378 ?  96  LEU A C   1 
ATOM   724  O O   . LEU A 1 96  ? 9.19611   4.41747   8.31437   1.000 23.88783 ?  96  LEU A O   1 
ATOM   725  C CB  . LEU A 1 96  ? 11.71389  6.05027   6.75146   1.000 25.07128 ?  96  LEU A CB  1 
ATOM   726  C CG  . LEU A 1 96  ? 11.12643  5.12674   5.68161   1.000 15.03017 ?  96  LEU A CG  1 
ATOM   727  C CD1 . LEU A 1 96  ? 9.97221   5.81270   4.96307   1.000 16.09776 ?  96  LEU A CD1 1 
ATOM   728  C CD2 . LEU A 1 96  ? 12.19261  4.67930   4.69878   1.000 23.42808 ?  96  LEU A CD2 1 
ATOM   729  N N   . THR A 1 97  ? 11.30826  3.79656   8.77359   1.000 20.82750 ?  97  THR A N   1 
ATOM   730  C CA  . THR A 1 97  ? 10.91605  2.42108   9.05939   1.000 21.24961 ?  97  THR A CA  1 
ATOM   731  C C   . THR A 1 97  ? 9.94055   2.35646   10.22882  1.000 30.76953 ?  97  THR A C   1 
ATOM   732  O O   . THR A 1 97  ? 8.91630   1.66712   10.16188  1.000 33.00673 ?  97  THR A O   1 
ATOM   733  C CB  . THR A 1 97  ? 12.15573  1.57159   9.34095   1.000 21.18482 ?  97  THR A CB  1 
ATOM   734  O OG1 . THR A 1 97  ? 12.97107  1.51377   8.16329   1.000 19.10894 ?  97  THR A OG1 1 
ATOM   735  C CG2 . THR A 1 97  ? 11.75391  0.15890   9.74619   1.000 13.94086 ?  97  THR A CG2 1 
ATOM   736  N N   . VAL A 1 98  ? 10.23540  3.08486   11.30514  1.000 24.91203 ?  98  VAL A N   1 
ATOM   737  C CA  . VAL A 1 98  ? 9.38380   3.03164   12.48751  1.000 26.69604 ?  98  VAL A CA  1 
ATOM   738  C C   . VAL A 1 98  ? 8.01722   3.64626   12.19956  1.000 16.41044 ?  98  VAL A C   1 
ATOM   739  O O   . VAL A 1 98  ? 6.99283   3.16035   12.69457  1.000 18.33036 ?  98  VAL A O   1 
ATOM   740  C CB  . VAL A 1 98  ? 10.10235  3.71469   13.66640  1.000 25.14457 ?  98  VAL A CB  1 
ATOM   741  C CG1 . VAL A 1 98  ? 9.11291   4.22070   14.69110  1.000 40.11574 ?  98  VAL A CG1 1 
ATOM   742  C CG2 . VAL A 1 98  ? 11.09241  2.75072   14.30329  1.000 29.08921 ?  98  VAL A CG2 1 
ATOM   743  N N   . CYS A 1 99  ? 7.96482   4.69714   11.37926  1.000 22.51101 ?  99  CYS A N   1 
ATOM   744  C CA  . CYS A 1 99  ? 6.67945   5.30933   11.05546  1.000 23.36727 ?  99  CYS A CA  1 
ATOM   745  C C   . CYS A 1 99  ? 5.84233   4.40316   10.15822  1.000 21.67186 ?  99  CYS A C   1 
ATOM   746  O O   . CYS A 1 99  ? 4.63989   4.22778   10.38655  1.000 30.22518 ?  99  CYS A O   1 
ATOM   747  C CB  . CYS A 1 99  ? 6.89680   6.66645   10.39136  1.000 18.96139 ?  99  CYS A CB  1 
ATOM   748  S SG  . CYS A 1 99  ? 7.26789   8.00388   11.53945  1.000 26.47752 ?  99  CYS A SG  1 
ATOM   749  N N   . VAL A 1 100 ? 6.45986   3.82496   9.12549   1.000 24.42592 ?  100 VAL A N   1 
ATOM   750  C CA  . VAL A 1 100 ? 5.72282   2.95628   8.21013   1.000 18.88394 ?  100 VAL A CA  1 
ATOM   751  C C   . VAL A 1 100 ? 5.25877   1.69439   8.92381   1.000 24.76518 ?  100 VAL A C   1 
ATOM   752  O O   . VAL A 1 100 ? 4.13651   1.21826   8.71050   1.000 31.05372 ?  100 VAL A O   1 
ATOM   753  C CB  . VAL A 1 100 ? 6.58280   2.61542   6.97973   1.000 18.71813 ?  100 VAL A CB  1 
ATOM   754  C CG1 . VAL A 1 100 ? 5.86219   1.60906   6.09732   1.000 18.11046 ?  100 VAL A CG1 1 
ATOM   755  C CG2 . VAL A 1 100 ? 6.91563   3.87221   6.19910   1.000 14.30134 ?  100 VAL A CG2 1 
ATOM   756  N N   . GLU A 1 101 ? 6.11499   1.12324   9.76946   1.000 21.74389 ?  101 GLU A N   1 
ATOM   757  C CA  . GLU A 1 101 ? 5.72253   -0.08150  10.49093  1.000 25.86552 ?  101 GLU A CA  1 
ATOM   758  C C   . GLU A 1 101 ? 4.63924   0.21883   11.51708  1.000 26.16090 ?  101 GLU A C   1 
ATOM   759  O O   . GLU A 1 101 ? 3.70500   -0.57250  11.68851  1.000 24.87452 ?  101 GLU A O   1 
ATOM   760  C CB  . GLU A 1 101 ? 6.93675   -0.70991  11.16224  1.000 25.66563 ?  101 GLU A CB  1 
ATOM   761  C CG  . GLU A 1 101 ? 7.59517   -1.78618  10.33711  1.000 24.05331 ?  101 GLU A CG  1 
ATOM   762  C CD  . GLU A 1 101 ? 9.02753   -2.00759  10.74914  1.000 20.47713 ?  101 GLU A CD  1 
ATOM   763  O OE1 . GLU A 1 101 ? 9.46566   -1.36162  11.72264  1.000 21.86342 ?  101 GLU A OE1 1 
ATOM   764  O OE2 . GLU A 1 101 ? 9.70883   -2.83645  10.11015  1.000 21.43573 -1 101 GLU A OE2 1 
ATOM   765  N N   . GLY A 1 102 ? 4.74411   1.35340   12.21010  1.000 26.03119 ?  102 GLY A N   1 
ATOM   766  C CA  . GLY A 1 102 ? 3.70329   1.72075   13.15530  1.000 13.34371 ?  102 GLY A CA  1 
ATOM   767  C C   . GLY A 1 102 ? 2.36470   1.93908   12.47994  1.000 31.05307 ?  102 GLY A C   1 
ATOM   768  O O   . GLY A 1 102 ? 1.33362   1.45101   12.94372  1.000 31.93517 ?  102 GLY A O   1 
ATOM   769  N N   . LEU A 1 103 ? 2.37048   2.66043   11.35613  1.000 20.85366 ?  103 LEU A N   1 
ATOM   770  C CA  . LEU A 1 103 ? 1.12791   2.98728   10.66271  1.000 21.59044 ?  103 LEU A CA  1 
ATOM   771  C C   . LEU A 1 103 ? 0.40709   1.73183   10.18312  1.000 24.02648 ?  103 LEU A C   1 
ATOM   772  O O   . LEU A 1 103 ? -0.78136  1.53932   10.46694  1.000 29.04726 ?  103 LEU A O   1 
ATOM   773  C CB  . LEU A 1 103 ? 1.42613   3.92436   9.49127   1.000 35.86064 ?  103 LEU A CB  1 
ATOM   774  C CG  . LEU A 1 103 ? 0.41111   3.97698   8.35130   1.000 37.17189 ?  103 LEU A CG  1 
ATOM   775  C CD1 . LEU A 1 103 ? -0.85703  4.69293   8.79410   1.000 29.67753 ?  103 LEU A CD1 1 
ATOM   776  C CD2 . LEU A 1 103 ? 1.01470   4.64707   7.12521   1.000 25.87835 ?  103 LEU A CD2 1 
ATOM   777  N N   . PHE A 1 104 ? 1.10981   0.86238   9.45310   1.000 28.28576 ?  104 PHE A N   1 
ATOM   778  C CA  . PHE A 1 104 ? 0.45947   -0.31612  8.88776   1.000 25.44787 ?  104 PHE A CA  1 
ATOM   779  C C   . PHE A 1 104 ? 0.05894   -1.31494  9.96685   1.000 22.83587 ?  104 PHE A C   1 
ATOM   780  O O   . PHE A 1 104 ? -0.97302  -1.98273  9.83771   1.000 25.35631 ?  104 PHE A O   1 
ATOM   781  C CB  . PHE A 1 104 ? 1.37416   -0.98286  7.86011   1.000 18.66115 ?  104 PHE A CB  1 
ATOM   782  C CG  . PHE A 1 104 ? 1.36225   -0.31352  6.51256   1.000 29.94471 ?  104 PHE A CG  1 
ATOM   783  C CD1 . PHE A 1 104 ? 2.16782   0.78611   6.26294   1.000 21.41979 ?  104 PHE A CD1 1 
ATOM   784  C CD2 . PHE A 1 104 ? 0.54796   -0.78504  5.49600   1.000 33.40498 ?  104 PHE A CD2 1 
ATOM   785  C CE1 . PHE A 1 104 ? 2.16087   1.40243   5.02524   1.000 26.21834 ?  104 PHE A CE1 1 
ATOM   786  C CE2 . PHE A 1 104 ? 0.53714   -0.17268  4.25623   1.000 24.78909 ?  104 PHE A CE2 1 
ATOM   787  C CZ  . PHE A 1 104 ? 1.34377   0.92254   4.02081   1.000 22.18889 ?  104 PHE A CZ  1 
ATOM   788  N N   . ASN A 1 105 ? 0.84861   -1.42625  11.03805  1.000 18.93831 ?  105 ASN A N   1 
ATOM   789  C CA  . ASN A 1 105 ? 0.54924   -2.42037  12.06263  1.000 22.41286 ?  105 ASN A CA  1 
ATOM   790  C C   . ASN A 1 105 ? -0.54773  -1.95089  13.00818  1.000 22.08972 ?  105 ASN A C   1 
ATOM   791  O O   . ASN A 1 105 ? -1.36665  -2.76122  13.45280  1.000 27.09234 ?  105 ASN A O   1 
ATOM   792  C CB  . ASN A 1 105 ? 1.81239   -2.76504  12.84796  1.000 22.56015 ?  105 ASN A CB  1 
ATOM   793  C CG  . ASN A 1 105 ? 2.67372   -3.79373  12.14584  1.000 28.21342 ?  105 ASN A CG  1 
ATOM   794  O OD1 . ASN A 1 105 ? 2.27329   -4.94556  11.97585  1.000 37.41551 ?  105 ASN A OD1 1 
ATOM   795  N ND2 . ASN A 1 105 ? 3.86555   -3.38215  11.73397  1.000 19.87993 ?  105 ASN A ND2 1 
ATOM   796  N N   . ASN A 1 106 ? -0.57463  -0.65476  13.33444  1.000 28.83106 ?  106 ASN A N   1 
ATOM   797  C CA  . ASN A 1 106 ? -1.62130  -0.13765  14.21090  1.000 26.30043 ?  106 ASN A CA  1 
ATOM   798  C C   . ASN A 1 106 ? -3.00254  -0.39084  13.62336  1.000 22.54049 ?  106 ASN A C   1 
ATOM   799  O O   . ASN A 1 106 ? -3.95040  -0.70110  14.35462  1.000 41.52762 ?  106 ASN A O   1 
ATOM   800  C CB  . ASN A 1 106 ? -1.41423  1.35528   14.46465  1.000 34.02435 ?  106 ASN A CB  1 
ATOM   801  C CG  . ASN A 1 106 ? -0.24306  1.63503   15.38600  1.000 39.93315 ?  106 ASN A CG  1 
ATOM   802  O OD1 . ASN A 1 106 ? 0.33887   0.71897   15.96702  1.000 35.30259 ?  106 ASN A OD1 1 
ATOM   803  N ND2 . ASN A 1 106 ? 0.11580   2.90685   15.51648  1.000 33.63935 ?  106 ASN A ND2 1 
ATOM   804  N N   . VAL A 1 107 ? -3.13618  -0.26429  12.30314  1.000 25.01223 ?  107 VAL A N   1 
ATOM   805  C CA  . VAL A 1 107 ? -4.40589  -0.57762  11.65763  1.000 22.41929 ?  107 VAL A CA  1 
ATOM   806  C C   . VAL A 1 107 ? -4.65884  -2.07816  11.68117  1.000 21.67060 ?  107 VAL A C   1 
ATOM   807  O O   . VAL A 1 107 ? -5.77569  -2.52954  11.96295  1.000 21.39554 ?  107 VAL A O   1 
ATOM   808  C CB  . VAL A 1 107 ? -4.42426  -0.02572  10.22132  1.000 21.92556 ?  107 VAL A CB  1 
ATOM   809  C CG1 . VAL A 1 107 ? -5.69573  -0.45425  9.50248   1.000 29.45424 ?  107 VAL A CG1 1 
ATOM   810  C CG2 . VAL A 1 107 ? -4.29707  1.48602   10.23644  1.000 25.83087 ?  107 VAL A CG2 1 
ATOM   811  N N   . LEU A 1 108 ? -3.62311  -2.87475  11.40404  1.000 23.51589 ?  108 LEU A N   1 
ATOM   812  C CA  . LEU A 1 108 ? -3.80595  -4.31781  11.29617  1.000 24.11676 ?  108 LEU A CA  1 
ATOM   813  C C   . LEU A 1 108 ? -4.21970  -4.93291  12.62747  1.000 25.09753 ?  108 LEU A C   1 
ATOM   814  O O   . LEU A 1 108 ? -5.01322  -5.87981  12.65535  1.000 19.45230 ?  108 LEU A O   1 
ATOM   815  C CB  . LEU A 1 108 ? -2.52602  -4.97023  10.77955  1.000 33.57432 ?  108 LEU A CB  1 
ATOM   816  C CG  . LEU A 1 108 ? -2.63643  -6.45817  10.45208  1.000 32.60393 ?  108 LEU A CG  1 
ATOM   817  C CD1 . LEU A 1 108 ? -3.60329  -6.68760  9.29492   1.000 17.82928 ?  108 LEU A CD1 1 
ATOM   818  C CD2 . LEU A 1 108 ? -1.26596  -7.02399  10.13721  1.000 30.63198 ?  108 LEU A CD2 1 
ATOM   819  N N   . TYR A 1 109 ? -3.69446  -4.41067  13.74180  1.000 27.59311 ?  109 TYR A N   1 
ATOM   820  C CA  . TYR A 1 109 ? -4.06975  -4.94033  15.05240  1.000 31.05430 ?  109 TYR A CA  1 
ATOM   821  C C   . TYR A 1 109 ? -5.57645  -4.88641  15.25943  1.000 26.26956 ?  109 TYR A C   1 
ATOM   822  O O   . TYR A 1 109 ? -6.15776  -5.77456  15.89414  1.000 24.33086 ?  109 TYR A O   1 
ATOM   823  C CB  . TYR A 1 109 ? -3.36394  -4.16273  16.16383  1.000 24.10896 ?  109 TYR A CB  1 
ATOM   824  C CG  . TYR A 1 109 ? -1.85756  -4.24871  16.12828  1.000 34.89915 ?  109 TYR A CG  1 
ATOM   825  C CD1 . TYR A 1 109 ? -1.21770  -5.38786  15.65996  1.000 28.51046 ?  109 TYR A CD1 1 
ATOM   826  C CD2 . TYR A 1 109 ? -1.07477  -3.18906  16.56530  1.000 31.12774 ?  109 TYR A CD2 1 
ATOM   827  C CE1 . TYR A 1 109 ? 0.16172   -5.46601  15.62392  1.000 34.95159 ?  109 TYR A CE1 1 
ATOM   828  C CE2 . TYR A 1 109 ? 0.30190   -3.25766  16.53448  1.000 28.21627 ?  109 TYR A CE2 1 
ATOM   829  C CZ  . TYR A 1 109 ? 0.91673   -4.39795  16.06253  1.000 41.45535 ?  109 TYR A CZ  1 
ATOM   830  O OH  . TYR A 1 109 ? 2.28941   -4.46916  16.02922  1.000 34.86360 ?  109 TYR A OH  1 
ATOM   831  N N   . HIS A 1 110 ? -6.22441  -3.84981  14.72634  1.000 28.92484 ?  110 HIS A N   1 
ATOM   832  C CA  . HIS A 1 110 ? -7.65977  -3.67783  14.88863  1.000 22.81529 ?  110 HIS A CA  1 
ATOM   833  C C   . HIS A 1 110 ? -8.46485  -4.74469  14.15827  1.000 33.24229 ?  110 HIS A C   1 
ATOM   834  O O   . HIS A 1 110 ? -9.63586  -4.95689  14.49315  1.000 36.03987 ?  110 HIS A O   1 
ATOM   835  C CB  . HIS A 1 110 ? -8.05455  -2.28472  14.38681  1.000 28.73056 ?  110 HIS A CB  1 
ATOM   836  C CG  . HIS A 1 110 ? -9.49435  -1.94370  14.60140  1.000 21.38805 ?  110 HIS A CG  1 
ATOM   837  N ND1 . HIS A 1 110 ? -10.12380 -2.10218  15.81640  1.000 25.70432 ?  110 HIS A ND1 1 
ATOM   838  C CD2 . HIS A 1 110 ? -10.42882 -1.45290  13.75417  1.000 25.64032 ?  110 HIS A CD2 1 
ATOM   839  C CE1 . HIS A 1 110 ? -11.38431 -1.72250  15.71010  1.000 26.57069 ?  110 HIS A CE1 1 
ATOM   840  N NE2 . HIS A 1 110 ? -11.59522 -1.32437  14.46771  1.000 39.88036 ?  110 HIS A NE2 1 
ATOM   841  N N   . LEU A 1 111 ? -7.86359  -5.43521  13.18957  1.000 26.31792 ?  111 LEU A N   1 
ATOM   842  C CA  . LEU A 1 111 ? -8.61249  -6.25171  12.24231  1.000 19.14648 ?  111 LEU A CA  1 
ATOM   843  C C   . LEU A 1 111 ? -8.31718  -7.74380  12.33118  1.000 22.01099 ?  111 LEU A C   1 
ATOM   844  O O   . LEU A 1 111 ? -8.79888  -8.49871  11.48096  1.000 27.54754 ?  111 LEU A O   1 
ATOM   845  C CB  . LEU A 1 111 ? -8.33640  -5.78370  10.81012  1.000 29.43455 ?  111 LEU A CB  1 
ATOM   846  C CG  . LEU A 1 111 ? -8.20092  -4.28835  10.52706  1.000 25.36288 ?  111 LEU A CG  1 
ATOM   847  C CD1 . LEU A 1 111 ? -7.71114  -4.07030  9.10688   1.000 21.05846 ?  111 LEU A CD1 1 
ATOM   848  C CD2 . LEU A 1 111 ? -9.51861  -3.57095  10.75506  1.000 23.37587 ?  111 LEU A CD2 1 
ATOM   849  N N   . VAL A 1 112 ? -7.54382  -8.19861  13.31862  1.000 22.50993 ?  112 VAL A N   1 
ATOM   850  C CA  . VAL A 1 112 ? -7.10070  -9.58610  13.34292  1.000 27.93717 ?  112 VAL A CA  1 
ATOM   851  C C   . VAL A 1 112 ? -7.31992  -10.19835 14.71819  1.000 33.00000 ?  112 VAL A C   1 
ATOM   852  O O   . VAL A 1 112 ? -7.37541  -9.50689  15.73838  1.000 30.15317 ?  112 VAL A O   1 
ATOM   853  C CB  . VAL A 1 112 ? -5.62093  -9.73329  12.93267  1.000 26.27959 ?  112 VAL A CB  1 
ATOM   854  C CG1 . VAL A 1 112 ? -5.45467  -9.45724  11.44800  1.000 12.82408 ?  112 VAL A CG1 1 
ATOM   855  C CG2 . VAL A 1 112 ? -4.74794  -8.81377  13.76945  1.000 18.84289 ?  112 VAL A CG2 1 
ATOM   856  N N   . ASN A 1 113 ? -7.43217  -11.52790 14.72285  1.000 26.55634 ?  113 ASN A N   1 
ATOM   857  C CA  . ASN A 1 113 ? -7.64800  -12.31567 15.92758  1.000 28.20173 ?  113 ASN A CA  1 
ATOM   858  C C   . ASN A 1 113 ? -6.35455  -12.73454 16.61164  1.000 30.07144 ?  113 ASN A C   1 
ATOM   859  O O   . ASN A 1 113 ? -6.36687  -13.00831 17.81627  1.000 59.30267 ?  113 ASN A O   1 
ATOM   860  C CB  . ASN A 1 113 ? -8.44890  -13.57902 15.59108  1.000 39.19998 ?  113 ASN A CB  1 
ATOM   861  C CG  . ASN A 1 113 ? -9.93204  -13.31810 15.47293  1.000 50.72275 ?  113 ASN A CG  1 
ATOM   862  O OD1 . ASN A 1 113 ? -10.62045 -13.95298 14.67360  1.000 51.60131 ?  113 ASN A OD1 1 
ATOM   863  N ND2 . ASN A 1 113 ? -10.43665 -12.38900 16.27306  1.000 62.86783 ?  113 ASN A ND2 1 
ATOM   864  N N   . GLU A 1 114 ? -5.24780  -12.80717 15.87754  1.000 26.12996 ?  114 GLU A N   1 
ATOM   865  C CA  . GLU A 1 114 ? -3.98325  -13.26904 16.42483  1.000 32.90609 ?  114 GLU A CA  1 
ATOM   866  C C   . GLU A 1 114 ? -2.95107  -12.15010 16.37961  1.000 23.31277 ?  114 GLU A C   1 
ATOM   867  O O   . GLU A 1 114 ? -3.11716  -11.14534 15.68242  1.000 38.30346 ?  114 GLU A O   1 
ATOM   868  C CB  . GLU A 1 114 ? -3.46050  -14.49599 15.66557  1.000 25.07502 ?  114 GLU A CB  1 
ATOM   869  N N   . SER A 1 115 ? -1.87349  -12.33934 17.13730  1.000 26.29002 ?  115 SER A N   1 
ATOM   870  C CA  . SER A 1 115 ? -0.79000  -11.36378 17.19688  1.000 32.71849 ?  115 SER A CA  1 
ATOM   871  C C   . SER A 1 115 ? 0.04682   -11.47128 15.92762  1.000 29.42324 ?  115 SER A C   1 
ATOM   872  O O   . SER A 1 115 ? 0.69925   -12.49249 15.68857  1.000 54.97339 ?  115 SER A O   1 
ATOM   873  C CB  . SER A 1 115 ? 0.06460   -11.59017 18.44066  1.000 35.16399 ?  115 SER A CB  1 
ATOM   874  O OG  . SER A 1 115 ? -0.71721  -11.49135 19.61858  1.000 58.17921 ?  115 SER A OG  1 
ATOM   875  N N   . VAL A 1 116 ? 0.03332   -10.41752 15.11256  1.000 36.88386 ?  116 VAL A N   1 
ATOM   876  C CA  . VAL A 1 116 ? 0.77914   -10.38420 13.86332  1.000 28.92875 ?  116 VAL A CA  1 
ATOM   877  C C   . VAL A 1 116 ? 1.54222   -9.06994  13.78977  1.000 36.80212 ?  116 VAL A C   1 
ATOM   878  O O   . VAL A 1 116 ? 1.18256   -8.07692  14.42433  1.000 43.48885 ?  116 VAL A O   1 
ATOM   879  C CB  . VAL A 1 116 ? -0.13254  -10.53664 12.62727  1.000 42.92300 ?  116 VAL A CB  1 
ATOM   880  C CG1 . VAL A 1 116 ? -0.45695  -12.00241 12.38466  1.000 41.68154 ?  116 VAL A CG1 1 
ATOM   881  C CG2 . VAL A 1 116 ? -1.40109  -9.71499  12.79882  1.000 39.44054 ?  116 VAL A CG2 1 
ATOM   882  N N   . LYS A 1 117 ? 2.61406   -9.07760  12.99988  1.000 32.22153 ?  117 LYS A N   1 
ATOM   883  C CA  . LYS A 1 117 ? 3.41910   -7.88844  12.76580  1.000 34.07277 ?  117 LYS A CA  1 
ATOM   884  C C   . LYS A 1 117 ? 3.94257   -7.90606  11.33824  1.000 26.08643 ?  117 LYS A C   1 
ATOM   885  O O   . LYS A 1 117 ? 4.43931   -8.93115  10.86433  1.000 36.25309 ?  117 LYS A O   1 
ATOM   886  C CB  . LYS A 1 117 ? 4.60101   -7.78768  13.74182  1.000 25.06459 ?  117 LYS A CB  1 
ATOM   887  C CG  . LYS A 1 117 ? 4.23027   -7.41862  15.16791  1.000 42.01522 ?  117 LYS A CG  1 
ATOM   888  C CD  . LYS A 1 117 ? 5.44209   -6.88613  15.92259  1.000 63.40467 ?  117 LYS A CD  1 
ATOM   889  C CE  . LYS A 1 117 ? 5.16210   -5.52938  16.56122  1.000 48.22209 ?  117 LYS A CE  1 
ATOM   890  N NZ  . LYS A 1 117 ? 6.17955   -4.49786  16.19928  1.000 54.66067 ?  117 LYS A NZ  1 
ATOM   891  N N   . LEU A 1 118 ? 3.82342   -6.76829  10.66081  1.000 22.94634 ?  118 LEU A N   1 
ATOM   892  C CA  . LEU A 1 118 ? 4.41904   -6.59029  9.34648   1.000 23.09621 ?  118 LEU A CA  1 
ATOM   893  C C   . LEU A 1 118 ? 5.77764   -5.92219  9.49258   1.000 22.76949 ?  118 LEU A C   1 
ATOM   894  O O   . LEU A 1 118 ? 5.95007   -5.01299  10.30885  1.000 24.64089 ?  118 LEU A O   1 
ATOM   895  C CB  . LEU A 1 118 ? 3.51525   -5.75049  8.44387   1.000 23.36830 ?  118 LEU A CB  1 
ATOM   896  C CG  . LEU A 1 118 ? 2.06757   -6.21371  8.28904   1.000 13.41476 ?  118 LEU A CG  1 
ATOM   897  C CD1 . LEU A 1 118 ? 1.35878   -5.33788  7.27440   1.000 14.72902 ?  118 LEU A CD1 1 
ATOM   898  C CD2 . LEU A 1 118 ? 2.00682   -7.67643  7.87085   1.000 17.44732 ?  118 LEU A CD2 1 
ATOM   899  N N   . LYS A 1 119 ? 6.74277   -6.38582  8.70614   1.000 24.31903 ?  119 LYS A N   1 
ATOM   900  C CA  . LYS A 1 119 ? 8.09592   -5.84767  8.72072   1.000 15.20859 ?  119 LYS A CA  1 
ATOM   901  C C   . LYS A 1 119 ? 8.31104   -5.01466  7.46582   1.000 14.63410 ?  119 LYS A C   1 
ATOM   902  O O   . LYS A 1 119 ? 8.16463   -5.51961  6.34833   1.000 25.76353 ?  119 LYS A O   1 
ATOM   903  C CB  . LYS A 1 119 ? 9.13336   -6.96610  8.80330   1.000 20.40381 ?  119 LYS A CB  1 
ATOM   904  C CG  . LYS A 1 119 ? 10.56167  -6.46483  8.90692   1.000 20.18134 ?  119 LYS A CG  1 
ATOM   905  C CD  . LYS A 1 119 ? 10.87458  -5.97992  10.31057  1.000 22.57607 ?  119 LYS A CD  1 
ATOM   906  C CE  . LYS A 1 119 ? 12.23994  -5.31245  10.37404  1.000 32.08058 ?  119 LYS A CE  1 
ATOM   907  N NZ  . LYS A 1 119 ? 12.27427  -4.01370  9.64198   1.000 18.48553 ?  119 LYS A NZ  1 
ATOM   908  N N   . PHE A 1 120 ? 8.65775   -3.74410  7.65056   1.000 17.45970 ?  120 PHE A N   1 
ATOM   909  C CA  . PHE A 1 120 ? 8.94695   -2.86078  6.53096   1.000 19.61126 ?  120 PHE A CA  1 
ATOM   910  C C   . PHE A 1 120 ? 10.40272  -3.01598  6.11622   1.000 19.81904 ?  120 PHE A C   1 
ATOM   911  O O   . PHE A 1 120 ? 11.30484  -2.98110  6.95883   1.000 26.72070 ?  120 PHE A O   1 
ATOM   912  C CB  . PHE A 1 120 ? 8.65779   -1.40428  6.88891   1.000 16.27525 ?  120 PHE A CB  1 
ATOM   913  C CG  . PHE A 1 120 ? 8.88559   -0.45433  5.75272   1.000 30.65212 ?  120 PHE A CG  1 
ATOM   914  C CD1 . PHE A 1 120 ? 8.12391   -0.53759  4.60017   1.000 25.38993 ?  120 PHE A CD1 1 
ATOM   915  C CD2 . PHE A 1 120 ? 9.87157   0.51233   5.83077   1.000 24.34792 ?  120 PHE A CD2 1 
ATOM   916  C CE1 . PHE A 1 120 ? 8.33138   0.33457   3.55409   1.000 18.39068 ?  120 PHE A CE1 1 
ATOM   917  C CE2 . PHE A 1 120 ? 10.08773  1.38585   4.78658   1.000 18.02911 ?  120 PHE A CE2 1 
ATOM   918  C CZ  . PHE A 1 120 ? 9.31720   1.29729   3.64580   1.000 19.18084 ?  120 PHE A CZ  1 
ATOM   919  N N   . LEU A 1 121 ? 10.62490  -3.18623  4.82203   1.000 21.96815 ?  121 LEU A N   1 
ATOM   920  C CA  . LEU A 1 121 ? 11.97275  -3.32764  4.27979   1.000 26.02990 ?  121 LEU A CA  1 
ATOM   921  C C   . LEU A 1 121 ? 12.20347  -2.25702  3.22459   1.000 17.11901 ?  121 LEU A C   1 
ATOM   922  O O   . LEU A 1 121 ? 11.65439  -2.35822  2.11089   1.000 30.99497 ?  121 LEU A O   1 
ATOM   923  C CB  . LEU A 1 121 ? 12.17015  -4.72964  3.70573   1.000 26.12739 ?  121 LEU A CB  1 
ATOM   924  C CG  . LEU A 1 121 ? 11.97356  -5.79369  4.79127   1.000 40.50563 ?  121 LEU A CG  1 
ATOM   925  C CD1 . LEU A 1 121 ? 11.24996  -7.00383  4.25513   1.000 33.03138 ?  121 LEU A CD1 1 
ATOM   926  C CD2 . LEU A 1 121 ? 13.30480  -6.19654  5.41096   1.000 35.99462 ?  121 LEU A CD2 1 
ATOM   927  N N   . PRO A 1 122 ? 12.98431  -1.22253  3.52188   1.000 23.06870 ?  122 PRO A N   1 
ATOM   928  C CA  . PRO A 1 122 ? 13.12389  -0.10514  2.58563   1.000 28.23623 ?  122 PRO A CA  1 
ATOM   929  C C   . PRO A 1 122 ? 14.06884  -0.42276  1.43878   1.000 28.43727 ?  122 PRO A C   1 
ATOM   930  O O   . PRO A 1 122 ? 15.00839  -1.20969  1.56598   1.000 26.57443 ?  122 PRO A O   1 
ATOM   931  C CB  . PRO A 1 122 ? 13.68493  1.01966   3.46454   1.000 23.73849 ?  122 PRO A CB  1 
ATOM   932  C CG  . PRO A 1 122 ? 14.43128  0.31269   4.54745   1.000 21.51894 ?  122 PRO A CG  1 
ATOM   933  C CD  . PRO A 1 122 ? 13.81194  -1.05079  4.72947   1.000 27.13824 ?  122 PRO A CD  1 
ATOM   934  N N   . GLY A 1 123 ? 13.79401  0.21059   0.30155   1.000 19.98031 ?  123 GLY A N   1 
ATOM   935  C CA  . GLY A 1 123 ? 14.66359  0.06830   -0.85499  1.000 20.18480 ?  123 GLY A CA  1 
ATOM   936  C C   . GLY A 1 123 ? 15.96950  0.80758   -0.62998  1.000 31.76906 ?  123 GLY A C   1 
ATOM   937  O O   . GLY A 1 123 ? 15.97909  2.01003   -0.33570  1.000 25.24055 ?  123 GLY A O   1 
ATOM   938  N N   . MET A 1 124 ? 17.08075  0.09285   -0.76636  1.000 26.90661 ?  124 MET A N   1 
ATOM   939  C CA  . MET A 1 124 ? 18.39820  0.61775   -0.44304  1.000 29.97444 ?  124 MET A CA  1 
ATOM   940  C C   . MET A 1 124 ? 19.22671  0.78510   -1.70814  1.000 23.85834 ?  124 MET A C   1 
ATOM   941  O O   . MET A 1 124 ? 19.14349  -0.03255  -2.63070  1.000 27.02570 ?  124 MET A O   1 
ATOM   942  C CB  . MET A 1 124 ? 19.12845  -0.31408  0.52650   1.000 32.78223 ?  124 MET A CB  1 
ATOM   943  C CG  . MET A 1 124 ? 19.19033  0.20155   1.95047   1.000 39.03821 ?  124 MET A CG  1 
ATOM   944  S SD  . MET A 1 124 ? 19.41133  -1.13142  3.14094   1.000 43.58189 ?  124 MET A SD  1 
ATOM   945  C CE  . MET A 1 124 ? 18.14482  -0.72398  4.33910   1.000 39.11562 ?  124 MET A CE  1 
ATOM   946  N N   . THR A 1 125 ? 20.03212  1.84293   -1.74126  1.000 29.93295 ?  125 THR A N   1 
ATOM   947  C CA  . THR A 1 125 ? 20.96789  2.04669   -2.83212  1.000 29.49466 ?  125 THR A CA  1 
ATOM   948  C C   . THR A 1 125 ? 22.20515  1.17358   -2.63040  1.000 30.37920 ?  125 THR A C   1 
ATOM   949  O O   . THR A 1 125 ? 22.32078  0.41788   -1.66113  1.000 30.43479 ?  125 THR A O   1 
ATOM   950  C CB  . THR A 1 125 ? 21.35470  3.51956   -2.93989  1.000 29.77181 ?  125 THR A CB  1 
ATOM   951  O OG1 . THR A 1 125 ? 22.16554  3.88422   -1.81686  1.000 36.30352 ?  125 THR A OG1 1 
ATOM   952  C CG2 . THR A 1 125 ? 20.11430  4.40064   -2.97921  1.000 28.80326 ?  125 THR A CG2 1 
ATOM   953  N N   . THR A 1 126 ? 23.14973  1.28829   -3.56594  1.000 37.49975 ?  126 THR A N   1 
ATOM   954  C CA  . THR A 1 126 ? 24.38142  0.50930   -3.49468  1.000 36.10136 ?  126 THR A CA  1 
ATOM   955  C C   . THR A 1 126 ? 25.19944  0.83919   -2.24919  1.000 37.45534 ?  126 THR A C   1 
ATOM   956  O O   . THR A 1 126 ? 25.97195  -0.00647  -1.78316  1.000 47.17158 ?  126 THR A O   1 
ATOM   957  C CB  . THR A 1 126 ? 25.21286  0.74891   -4.75774  1.000 36.69725 ?  126 THR A CB  1 
ATOM   958  O OG1 . THR A 1 126 ? 24.39168  0.54064   -5.91508  1.000 51.05279 ?  126 THR A OG1 1 
ATOM   959  C CG2 . THR A 1 126 ? 26.36962  -0.21125  -4.82171  1.000 41.74183 ?  126 THR A CG2 1 
ATOM   960  N N   . LYS A 1 127 ? 25.03129  2.03389   -1.68316  1.000 34.60896 ?  127 LYS A N   1 
ATOM   961  C CA  . LYS A 1 127 ? 25.75593  2.43471   -0.48380  1.000 26.62352 ?  127 LYS A CA  1 
ATOM   962  C C   . LYS A 1 127 ? 24.90638  2.33056   0.77788   1.000 29.21069 ?  127 LYS A C   1 
ATOM   963  O O   . LYS A 1 127 ? 25.26859  2.90679   1.80933   1.000 28.71941 ?  127 LYS A O   1 
ATOM   964  C CB  . LYS A 1 127 ? 26.29107  3.85809   -0.64026  1.000 25.37625 ?  127 LYS A CB  1 
ATOM   965  N N   . GLY A 1 128 ? 23.78273  1.61808   0.71767   1.000 36.28612 ?  128 GLY A N   1 
ATOM   966  C CA  . GLY A 1 128 ? 22.93445  1.42299   1.87562   1.000 24.82927 ?  128 GLY A CA  1 
ATOM   967  C C   . GLY A 1 128 ? 22.03446  2.58357   2.23217   1.000 37.94359 ?  128 GLY A C   1 
ATOM   968  O O   . GLY A 1 128 ? 21.25034  2.46589   3.18368   1.000 33.28864 ?  128 GLY A O   1 
ATOM   969  N N   . LYS A 1 129 ? 22.11907  3.69775   1.51600   1.000 32.13586 ?  129 LYS A N   1 
ATOM   970  C CA  . LYS A 1 129 ? 21.22317  4.81643   1.75845   1.000 36.47220 ?  129 LYS A CA  1 
ATOM   971  C C   . LYS A 1 129 ? 19.84113  4.51621   1.18957   1.000 26.20600 ?  129 LYS A C   1 
ATOM   972  O O   . LYS A 1 129 ? 19.69915  3.82153   0.17997   1.000 23.80290 ?  129 LYS A O   1 
ATOM   973  C CB  . LYS A 1 129 ? 21.78467  6.09598   1.13784   1.000 33.81492 ?  129 LYS A CB  1 
ATOM   974  N N   . TYR A 1 130 ? 18.81505  5.03932   1.85762   1.000 19.73398 ?  130 TYR A N   1 
ATOM   975  C CA  . TYR A 1 130 ? 17.44912  4.80962   1.40781   1.000 22.21470 ?  130 TYR A CA  1 
ATOM   976  C C   . TYR A 1 130 ? 17.23540  5.40492   0.02133   1.000 27.46976 ?  130 TYR A C   1 
ATOM   977  O O   . TYR A 1 130 ? 17.70302  6.50722   -0.28011  1.000 37.86142 ?  130 TYR A O   1 
ATOM   978  C CB  . TYR A 1 130 ? 16.45083  5.41625   2.39301   1.000 28.41167 ?  130 TYR A CB  1 
ATOM   979  C CG  . TYR A 1 130 ? 16.40955  4.73822   3.74226   1.000 23.95981 ?  130 TYR A CG  1 
ATOM   980  C CD1 . TYR A 1 130 ? 16.85520  3.43193   3.90707   1.000 15.58083 ?  130 TYR A CD1 1 
ATOM   981  C CD2 . TYR A 1 130 ? 15.92157  5.40841   4.85406   1.000 22.66838 ?  130 TYR A CD2 1 
ATOM   982  C CE1 . TYR A 1 130 ? 16.81402  2.81566   5.14444   1.000 14.02736 ?  130 TYR A CE1 1 
ATOM   983  C CE2 . TYR A 1 130 ? 15.87676  4.80232   6.09175   1.000 26.29769 ?  130 TYR A CE2 1 
ATOM   984  C CZ  . TYR A 1 130 ? 16.32212  3.50747   6.23371   1.000 23.05071 ?  130 TYR A CZ  1 
ATOM   985  O OH  . TYR A 1 130 ? 16.27635  2.90513   7.46940   1.000 27.46915 ?  130 TYR A OH  1 
ATOM   986  N N   . PHE A 1 131 ? 16.53474  4.66279   -0.82998  1.000 35.65098 ?  131 PHE A N   1 
ATOM   987  C CA  . PHE A 1 131 ? 16.22666  5.16161   -2.16028  1.000 25.34792 ?  131 PHE A CA  1 
ATOM   988  C C   . PHE A 1 131 ? 15.24525  6.32342   -2.07446  1.000 26.74403 ?  131 PHE A C   1 
ATOM   989  O O   . PHE A 1 131 ? 14.39558  6.38579   -1.18235  1.000 32.01654 ?  131 PHE A O   1 
ATOM   990  C CB  . PHE A 1 131 ? 15.64857  4.05178   -3.03399  1.000 31.45638 ?  131 PHE A CB  1 
ATOM   991  C CG  . PHE A 1 131 ? 16.58218  3.58386   -4.10885  1.000 39.95078 ?  131 PHE A CG  1 
ATOM   992  C CD1 . PHE A 1 131 ? 17.09100  4.47577   -5.03975  1.000 40.01456 ?  131 PHE A CD1 1 
ATOM   993  C CD2 . PHE A 1 131 ? 16.95841  2.25511   -4.18456  1.000 42.00104 ?  131 PHE A CD2 1 
ATOM   994  C CE1 . PHE A 1 131 ? 17.95179  4.04799   -6.03179  1.000 41.46063 ?  131 PHE A CE1 1 
ATOM   995  C CE2 . PHE A 1 131 ? 17.82097  1.82221   -5.17204  1.000 39.92715 ?  131 PHE A CE2 1 
ATOM   996  C CZ  . PHE A 1 131 ? 18.31808  2.71902   -6.09815  1.000 50.53462 ?  131 PHE A CZ  1 
ATOM   997  N N   . ARG A 1 132 ? 15.37589  7.25729   -3.01741  1.000 37.13627 ?  132 ARG A N   1 
ATOM   998  C CA  . ARG A 1 132 ? 14.51198  8.43058   -3.05248  1.000 31.46799 ?  132 ARG A CA  1 
ATOM   999  C C   . ARG A 1 132 ? 13.98264  8.69133   -4.45821  1.000 38.18387 ?  132 ARG A C   1 
ATOM   1000 O O   . ARG A 1 132 ? 13.75376  9.84522   -4.83784  1.000 32.59946 ?  132 ARG A O   1 
ATOM   1001 C CB  . ARG A 1 132 ? 15.24107  9.66299   -2.51324  1.000 36.72027 ?  132 ARG A CB  1 
ATOM   1002 C CG  . ARG A 1 132 ? 15.37197  9.67545   -0.99432  1.000 24.09934 ?  132 ARG A CG  1 
ATOM   1003 C CD  . ARG A 1 132 ? 16.35153  10.73517  -0.53007  1.000 25.87933 ?  132 ARG A CD  1 
ATOM   1004 N NE  . ARG A 1 132 ? 16.34857  10.88823  0.92028   1.000 35.71144 ?  132 ARG A NE  1 
ATOM   1005 C CZ  . ARG A 1 132 ? 17.13067  10.20680  1.74581   1.000 50.33748 ?  132 ARG A CZ  1 
ATOM   1006 N NH1 . ARG A 1 132 ? 17.99068  9.30553   1.29778   1.000 30.93473 ?  132 ARG A NH1 1 
ATOM   1007 N NH2 . ARG A 1 132 ? 17.04987  10.43473  3.05331   1.000 28.01482 ?  132 ARG A NH2 1 
ATOM   1008 N N   . ASP A 1 133 ? 13.77156  7.63205   -5.23688  1.000 21.78898 ?  133 ASP A N   1 
ATOM   1009 C CA  . ASP A 1 133 ? 13.23439  7.72034   -6.59030  1.000 31.24615 ?  133 ASP A CA  1 
ATOM   1010 C C   . ASP A 1 133 ? 11.82584  7.13771   -6.66250  1.000 29.24983 ?  133 ASP A C   1 
ATOM   1011 O O   . ASP A 1 133 ? 11.44536  6.50818   -7.65226  1.000 35.81691 ?  133 ASP A O   1 
ATOM   1012 C CB  . ASP A 1 133 ? 14.15514  7.00845   -7.57611  1.000 29.06485 ?  133 ASP A CB  1 
ATOM   1013 C CG  . ASP A 1 133 ? 14.43877  5.57849   -7.16780  1.000 36.93929 ?  133 ASP A CG  1 
ATOM   1014 O OD1 . ASP A 1 133 ? 14.16286  5.23716   -5.99934  1.000 30.76523 ?  133 ASP A OD1 1 
ATOM   1015 O OD2 . ASP A 1 133 ? 14.93624  4.79889   -8.00616  1.000 50.22752 -1 133 ASP A OD2 1 
ATOM   1016 N N   . GLY A 1 134 ? 11.03345  7.35456   -5.61084  1.000 27.81633 ?  134 GLY A N   1 
ATOM   1017 C CA  . GLY A 1 134 ? 9.74799   6.68125   -5.50613  1.000 30.24497 ?  134 GLY A CA  1 
ATOM   1018 C C   . GLY A 1 134 ? 8.74919   7.10854   -6.56485  1.000 23.49834 ?  134 GLY A C   1 
ATOM   1019 O O   . GLY A 1 134 ? 7.99708   6.28143   -7.08742  1.000 22.83462 ?  134 GLY A O   1 
ATOM   1020 N N   . GLU A 1 135 ? 8.71804   8.40222   -6.89142  1.000 28.42559 ?  135 GLU A N   1 
ATOM   1021 C CA  . GLU A 1 135 ? 7.77496   8.87134   -7.90112  1.000 26.79100 ?  135 GLU A CA  1 
ATOM   1022 C C   . GLU A 1 135 ? 8.07221   8.25341   -9.26268  1.000 23.97322 ?  135 GLU A C   1 
ATOM   1023 O O   . GLU A 1 135 ? 7.14835   7.90471   -10.00644 1.000 29.81829 ?  135 GLU A O   1 
ATOM   1024 C CB  . GLU A 1 135 ? 7.79829   10.39638  -7.98049  1.000 39.60502 ?  135 GLU A CB  1 
ATOM   1025 C CG  . GLU A 1 135 ? 6.42179   11.02062  -8.15602  1.000 44.21912 ?  135 GLU A CG  1 
ATOM   1026 C CD  . GLU A 1 135 ? 6.02456   11.14835  -9.61623  1.000 64.77646 ?  135 GLU A CD  1 
ATOM   1027 O OE1 . GLU A 1 135 ? 6.76199   11.80835  -10.37897 1.000 87.89754 ?  135 GLU A OE1 1 
ATOM   1028 O OE2 . GLU A 1 135 ? 4.97741   10.58969  -10.00614 1.000 50.21947 -1 135 GLU A OE2 1 
ATOM   1029 N N   . GLN A 1 136 ? 9.35512   8.09945   -9.60002  1.000 29.85651 ?  136 GLN A N   1 
ATOM   1030 C CA  . GLN A 1 136 ? 9.71343   7.44490   -10.85338 1.000 43.28224 ?  136 GLN A CA  1 
ATOM   1031 C C   . GLN A 1 136 ? 9.51469   5.93636   -10.76854 1.000 28.80400 ?  136 GLN A C   1 
ATOM   1032 O O   . GLN A 1 136 ? 9.27270   5.28453   -11.79084 1.000 32.89014 ?  136 GLN A O   1 
ATOM   1033 C CB  . GLN A 1 136 ? 11.15681  7.78463   -11.22214 1.000 32.12758 ?  136 GLN A CB  1 
ATOM   1034 C CG  . GLN A 1 136 ? 11.40739  9.26929   -11.42470 1.000 44.15189 ?  136 GLN A CG  1 
ATOM   1035 C CD  . GLN A 1 136 ? 12.81004  9.67794   -11.03136 1.000 39.16914 ?  136 GLN A CD  1 
ATOM   1036 O OE1 . GLN A 1 136 ? 13.10765  9.82053   -9.84630  1.000 52.25958 ?  136 GLN A OE1 1 
ATOM   1037 N N   . PHE A 1 137 ? 9.61943   5.36941   -9.56504  1.000 26.89490 ?  137 PHE A N   1 
ATOM   1038 C CA  . PHE A 1 137 ? 9.23010   3.97918   -9.35602  1.000 21.30207 ?  137 PHE A CA  1 
ATOM   1039 C C   . PHE A 1 137 ? 7.74036   3.78935   -9.61142  1.000 26.87583 ?  137 PHE A C   1 
ATOM   1040 O O   . PHE A 1 137 ? 7.32596   2.80159   -10.23114 1.000 26.42961 ?  137 PHE A O   1 
ATOM   1041 C CB  . PHE A 1 137 ? 9.59818   3.55757   -7.93358  1.000 23.41849 ?  137 PHE A CB  1 
ATOM   1042 C CG  . PHE A 1 137 ? 9.31816   2.11281   -7.62797  1.000 23.30785 ?  137 PHE A CG  1 
ATOM   1043 C CD1 . PHE A 1 137 ? 10.07246  1.10994   -8.21181  1.000 31.86900 ?  137 PHE A CD1 1 
ATOM   1044 C CD2 . PHE A 1 137 ? 8.31615   1.76009   -6.73838  1.000 25.61263 ?  137 PHE A CD2 1 
ATOM   1045 C CE1 . PHE A 1 137 ? 9.82612   -0.22114  -7.92322  1.000 19.10800 ?  137 PHE A CE1 1 
ATOM   1046 C CE2 . PHE A 1 137 ? 8.06358   0.42953   -6.44634  1.000 27.14130 ?  137 PHE A CE2 1 
ATOM   1047 C CZ  . PHE A 1 137 ? 8.81936   -0.56036  -7.03902  1.000 32.19334 ?  137 PHE A CZ  1 
ATOM   1048 N N   . ILE A 1 138 ? 6.92105   4.73155   -9.13676  1.000 29.52465 ?  138 ILE A N   1 
ATOM   1049 C CA  . ILE A 1 138 ? 5.49215   4.71332   -9.44102  1.000 19.39209 ?  138 ILE A CA  1 
ATOM   1050 C C   . ILE A 1 138 ? 5.27087   4.78937   -10.94575 1.000 44.00863 ?  138 ILE A C   1 
ATOM   1051 O O   . ILE A 1 138 ? 4.46574   4.04309   -11.51574 1.000 36.14093 ?  138 ILE A O   1 
ATOM   1052 C CB  . ILE A 1 138 ? 4.77817   5.87130   -8.72174  1.000 20.93709 ?  138 ILE A CB  1 
ATOM   1053 C CG1 . ILE A 1 138 ? 4.87535   5.72692   -7.20263  1.000 21.53131 ?  138 ILE A CG1 1 
ATOM   1054 C CG2 . ILE A 1 138 ? 3.32604   5.96537   -9.16936  1.000 20.04287 ?  138 ILE A CG2 1 
ATOM   1055 C CD1 . ILE A 1 138 ? 4.62821   7.02825   -6.46747  1.000 23.42139 ?  138 ILE A CD1 1 
ATOM   1056 N N   . GLU A 1 139 ? 5.98713   5.69597   -11.61244 1.000 29.34993 ?  139 GLU A N   1 
ATOM   1057 C CA  . GLU A 1 139 ? 5.69495   5.99301   -13.01034 1.000 19.92479 ?  139 GLU A CA  1 
ATOM   1058 C C   . GLU A 1 139 ? 6.17946   4.88449   -13.93672 1.000 30.12254 ?  139 GLU A C   1 
ATOM   1059 O O   . GLU A 1 139 ? 5.46482   4.49131   -14.86649 1.000 24.34267 ?  139 GLU A O   1 
ATOM   1060 C CB  . GLU A 1 139 ? 6.32403   7.33027   -13.39846 1.000 26.33552 ?  139 GLU A CB  1 
ATOM   1061 C CG  . GLU A 1 139 ? 5.69190   7.97981   -14.61732 1.000 33.33491 ?  139 GLU A CG  1 
ATOM   1062 N N   . ASN A 1 140 ? 7.38483   4.36754   -13.70176 1.000 36.72959 ?  140 ASN A N   1 
ATOM   1063 C CA  . ASN A 1 140 ? 7.98729   3.40646   -14.61584 1.000 29.01036 ?  140 ASN A CA  1 
ATOM   1064 C C   . ASN A 1 140 ? 7.58327   1.96499   -14.33805 1.000 38.03318 ?  140 ASN A C   1 
ATOM   1065 O O   . ASN A 1 140 ? 7.77951   1.10608   -15.20610 1.000 29.78031 ?  140 ASN A O   1 
ATOM   1066 C CB  . ASN A 1 140 ? 9.51528   3.50870   -14.56177 1.000 28.94957 ?  140 ASN A CB  1 
ATOM   1067 C CG  . ASN A 1 140 ? 10.01516  4.92533   -14.77031 1.000 39.60258 ?  140 ASN A CG  1 
ATOM   1068 O OD1 . ASN A 1 140 ? 9.42027   5.70467   -15.51432 1.000 41.66298 ?  140 ASN A OD1 1 
ATOM   1069 N ND2 . ASN A 1 140 ? 11.11942  5.26484   -14.11496 1.000 48.11224 ?  140 ASN A ND2 1 
ATOM   1070 N N   . TYR A 1 141 ? 7.02028   1.67565   -13.16605 1.000 23.84562 ?  141 TYR A N   1 
ATOM   1071 C CA  . TYR A 1 141 ? 6.79607   0.28926   -12.77509 1.000 28.23949 ?  141 TYR A CA  1 
ATOM   1072 C C   . TYR A 1 141 ? 5.42050   0.08065   -12.15541 1.000 27.70308 ?  141 TYR A C   1 
ATOM   1073 O O   . TYR A 1 141 ? 4.61832   -0.71052  -12.66514 1.000 29.00894 ?  141 TYR A O   1 
ATOM   1074 C CB  . TYR A 1 141 ? 7.89226   -0.15164  -11.80226 1.000 31.90064 ?  141 TYR A CB  1 
ATOM   1075 C CG  . TYR A 1 141 ? 7.75773   -1.56795  -11.28977 1.000 23.04825 ?  141 TYR A CG  1 
ATOM   1076 C CD1 . TYR A 1 141 ? 7.79830   -2.65168  -12.15711 1.000 28.85768 ?  141 TYR A CD1 1 
ATOM   1077 C CD2 . TYR A 1 141 ? 7.59374   -1.81767  -9.93588  1.000 30.47448 ?  141 TYR A CD2 1 
ATOM   1078 C CE1 . TYR A 1 141 ? 7.68361   -3.94658  -11.68293 1.000 36.12237 ?  141 TYR A CE1 1 
ATOM   1079 C CE2 . TYR A 1 141 ? 7.47649   -3.10363  -9.45374  1.000 26.75457 ?  141 TYR A CE2 1 
ATOM   1080 C CZ  . TYR A 1 141 ? 7.52132   -4.16427  -10.32931 1.000 31.66976 ?  141 TYR A CZ  1 
ATOM   1081 O OH  . TYR A 1 141 ? 7.40095   -5.44646  -9.84612  1.000 23.73577 ?  141 TYR A OH  1 
ATOM   1082 N N   . LEU A 1 142 ? 5.13779   0.78690   -11.05835 1.000 26.37919 ?  142 LEU A N   1 
ATOM   1083 C CA  . LEU A 1 142 ? 3.92963   0.50501   -10.28778 1.000 16.23642 ?  142 LEU A CA  1 
ATOM   1084 C C   . LEU A 1 142 ? 2.66781   0.79384   -11.09284 1.000 16.30913 ?  142 LEU A C   1 
ATOM   1085 O O   . LEU A 1 142 ? 1.70945   0.01372   -11.05738 1.000 21.94949 ?  142 LEU A O   1 
ATOM   1086 C CB  . LEU A 1 142 ? 3.94046   1.31111   -8.99046  1.000 25.95991 ?  142 LEU A CB  1 
ATOM   1087 C CG  . LEU A 1 142 ? 4.77444   0.72405   -7.84848  1.000 18.21351 ?  142 LEU A CG  1 
ATOM   1088 C CD1 . LEU A 1 142 ? 4.68729   1.61150   -6.61498  1.000 14.53785 ?  142 LEU A CD1 1 
ATOM   1089 C CD2 . LEU A 1 142 ? 4.33674   -0.70166  -7.52715  1.000 24.23567 ?  142 LEU A CD2 1 
ATOM   1090 N N   . MET A 1 143 ? 2.64662   1.90566   -11.82917 1.000 24.59731 ?  143 MET A N   1 
ATOM   1091 C CA  . MET A 1 143 ? 1.46550   2.26022   -12.60629 1.000 22.50669 ?  143 MET A CA  1 
ATOM   1092 C C   . MET A 1 143 ? 1.32591   1.44040   -13.87972 1.000 30.50129 ?  143 MET A C   1 
ATOM   1093 O O   . MET A 1 143 ? 0.28421   1.52586   -14.53948 1.000 33.91384 ?  143 MET A O   1 
ATOM   1094 C CB  . MET A 1 143 ? 1.48712   3.75039   -12.95677 1.000 21.20746 ?  143 MET A CB  1 
ATOM   1095 C CG  . MET A 1 143 ? 0.94046   4.64355   -11.85686 1.000 32.04568 ?  143 MET A CG  1 
ATOM   1096 S SD  . MET A 1 143 ? -0.84824  4.54111   -11.64129 1.000 30.54282 ?  143 MET A SD  1 
ATOM   1097 C CE  . MET A 1 143 ? -1.39597  4.29108   -13.32815 1.000 29.93329 ?  143 MET A CE  1 
ATOM   1098 N N   . LYS A 1 144 ? 2.34143   0.66041   -14.24324 1.000 25.51691 ?  144 LYS A N   1 
ATOM   1099 C CA  . LYS A 1 144 ? 2.30057   -0.18499  -15.42673 1.000 29.22566 ?  144 LYS A CA  1 
ATOM   1100 C C   . LYS A 1 144 ? 1.81262   -1.59519  -15.12467 1.000 35.49428 ?  144 LYS A C   1 
ATOM   1101 O O   . LYS A 1 144 ? 1.93910   -2.48021  -15.97777 1.000 38.20919 ?  144 LYS A O   1 
ATOM   1102 C CB  . LYS A 1 144 ? 3.68162   -0.23822  -16.08670 1.000 39.43320 ?  144 LYS A CB  1 
ATOM   1103 C CG  . LYS A 1 144 ? 3.87452   0.80056   -17.17831 1.000 27.67156 ?  144 LYS A CG  1 
ATOM   1104 C CD  . LYS A 1 144 ? 5.33313   0.93049   -17.58302 1.000 32.41720 ?  144 LYS A CD  1 
ATOM   1105 C CE  . LYS A 1 144 ? 5.74676   2.38852   -17.68648 1.000 40.61978 ?  144 LYS A CE  1 
ATOM   1106 N NZ  . LYS A 1 144 ? 5.92164   2.82620   -19.10105 1.000 38.41131 ?  144 LYS A NZ  1 
ATOM   1107 N N   . LYS A 1 145 ? 1.27416   -1.82575  -13.93332 1.000 26.40003 ?  145 LYS A N   1 
ATOM   1108 C CA  . LYS A 1 145 ? 0.68241   -3.10827  -13.59731 1.000 18.79684 ?  145 LYS A CA  1 
ATOM   1109 C C   . LYS A 1 145 ? -0.80377  -3.08629  -13.92067 1.000 25.32031 ?  145 LYS A C   1 
ATOM   1110 O O   . LYS A 1 145 ? -1.46536  -2.04775  -13.83322 1.000 27.07650 ?  145 LYS A O   1 
ATOM   1111 C CB  . LYS A 1 145 ? 0.89312   -3.44019  -12.12100 1.000 38.48136 ?  145 LYS A CB  1 
ATOM   1112 C CG  . LYS A 1 145 ? 2.34901   -3.46756  -11.69659 1.000 33.01818 ?  145 LYS A CG  1 
ATOM   1113 C CD  . LYS A 1 145 ? 2.85616   -4.89271  -11.54202 1.000 34.76746 ?  145 LYS A CD  1 
ATOM   1114 C CE  . LYS A 1 145 ? 4.32269   -4.91324  -11.14875 1.000 23.25040 ?  145 LYS A CE  1 
ATOM   1115 N NZ  . LYS A 1 145 ? 4.54074   -5.51944  -9.80563  1.000 21.25014 ?  145 LYS A NZ  1 
ATOM   1116 N N   . ILE A 1 146 ? -1.32549  -4.24584  -14.30476 1.000 30.00523 ?  146 ILE A N   1 
ATOM   1117 C CA  . ILE A 1 146 ? -2.70518  -4.38954  -14.74182 1.000 25.57446 ?  146 ILE A CA  1 
ATOM   1118 C C   . ILE A 1 146 ? -3.38540  -5.38545  -13.80922 1.000 21.33837 ?  146 ILE A C   1 
ATOM   1119 O O   . ILE A 1 146 ? -2.81533  -6.44121  -13.52985 1.000 31.34062 ?  146 ILE A O   1 
ATOM   1120 C CB  . ILE A 1 146 ? -2.81148  -4.84968  -16.20634 1.000 34.64070 ?  146 ILE A CB  1 
ATOM   1121 C CG1 . ILE A 1 146 ? -3.02849  -3.63788  -17.11183 1.000 46.20079 ?  146 ILE A CG1 1 
ATOM   1122 C CG2 . ILE A 1 146 ? -3.94181  -5.84562  -16.40371 1.000 35.38311 ?  146 ILE A CG2 1 
ATOM   1123 N N   . PRO A 1 147 ? -4.57177  -5.08167  -13.28847 1.000 30.90364 ?  147 PRO A N   1 
ATOM   1124 C CA  . PRO A 1 147 ? -5.24484  -6.02224  -12.38546 1.000 24.42290 ?  147 PRO A CA  1 
ATOM   1125 C C   . PRO A 1 147 ? -5.58466  -7.32533  -13.09616 1.000 22.54867 ?  147 PRO A C   1 
ATOM   1126 O O   . PRO A 1 147 ? -5.82629  -7.35406  -14.30408 1.000 29.68844 ?  147 PRO A O   1 
ATOM   1127 C CB  . PRO A 1 147 ? -6.50940  -5.26319  -11.95803 1.000 25.40463 ?  147 PRO A CB  1 
ATOM   1128 C CG  . PRO A 1 147 ? -6.69770  -4.19617  -12.98324 1.000 20.32355 ?  147 PRO A CG  1 
ATOM   1129 C CD  . PRO A 1 147 ? -5.34028  -3.84333  -13.49275 1.000 19.37153 ?  147 PRO A CD  1 
ATOM   1130 N N   . LEU A 1 148 ? -5.60690  -8.41834  -12.33238 1.000 27.94511 ?  148 LEU A N   1 
ATOM   1131 C CA  . LEU A 1 148 ? -5.42620  -8.38270  -10.88213 1.000 39.15344 ?  148 LEU A CA  1 
ATOM   1132 C C   . LEU A 1 148 ? -3.99530  -8.68338  -10.44258 1.000 36.27542 ?  148 LEU A C   1 
ATOM   1133 O O   . LEU A 1 148 ? -3.77610  -9.14595  -9.32102  1.000 27.77647 ?  148 LEU A O   1 
ATOM   1134 C CB  . LEU A 1 148 ? -6.38629  -9.36597  -10.20781 1.000 20.54004 ?  148 LEU A CB  1 
ATOM   1135 C CG  . LEU A 1 148 ? -7.80947  -8.85141  -9.97548  1.000 22.25627 ?  148 LEU A CG  1 
ATOM   1136 C CD1 . LEU A 1 148 ? -8.75962  -10.00568 -9.70705  1.000 12.95231 ?  148 LEU A CD1 1 
ATOM   1137 C CD2 . LEU A 1 148 ? -7.84566  -7.84587  -8.83324  1.000 17.47215 ?  148 LEU A CD2 1 
ATOM   1138 N N   . ASN A 1 149 ? -3.02212  -8.42797  -11.32129 1.000 30.20878 ?  149 ASN A N   1 
ATOM   1139 C CA  . ASN A 1 149 ? -1.62661  -8.45977  -10.89374 1.000 34.53880 ?  149 ASN A CA  1 
ATOM   1140 C C   . ASN A 1 149 ? -1.40588  -7.46493  -9.76416  1.000 34.28482 ?  149 ASN A C   1 
ATOM   1141 O O   . ASN A 1 149 ? -0.90111  -7.81678  -8.69127  1.000 43.55252 ?  149 ASN A O   1 
ATOM   1142 C CB  . ASN A 1 149 ? -0.69955  -8.16024  -12.07310 1.000 30.15501 ?  149 ASN A CB  1 
ATOM   1143 C CG  . ASN A 1 149 ? -0.59590  -9.31894  -13.03686 1.000 32.79858 ?  149 ASN A CG  1 
ATOM   1144 O OD1 . ASN A 1 149 ? -0.58123  -10.48022 -12.62900 1.000 38.32244 ?  149 ASN A OD1 1 
ATOM   1145 N ND2 . ASN A 1 149 ? -0.52598  -9.01263  -14.32532 1.000 35.75563 ?  149 ASN A ND2 1 
ATOM   1146 N N   . VAL A 1 150 ? -1.78697  -6.21395  -9.99137  1.000 25.50965 ?  150 VAL A N   1 
ATOM   1147 C CA  . VAL A 1 150 ? -2.04575  -5.28436  -8.90014  1.000 33.42595 ?  150 VAL A CA  1 
ATOM   1148 C C   . VAL A 1 150 ? -3.46771  -5.51384  -8.41040  1.000 31.45640 ?  150 VAL A C   1 
ATOM   1149 O O   . VAL A 1 150 ? -4.41488  -5.54789  -9.20401  1.000 20.47426 ?  150 VAL A O   1 
ATOM   1150 C CB  . VAL A 1 150 ? -1.83497  -3.83146  -9.35528  1.000 28.85240 ?  150 VAL A CB  1 
ATOM   1151 C CG1 . VAL A 1 150 ? -2.51723  -3.58551  -10.69069 1.000 24.59765 ?  150 VAL A CG1 1 
ATOM   1152 C CG2 . VAL A 1 150 ? -2.36654  -2.87178  -8.30625  1.000 22.15408 ?  150 VAL A CG2 1 
ATOM   1153 N N   . VAL A 1 151 ? -3.62064  -5.69478  -7.10372  1.000 19.19523 ?  151 VAL A N   1 
ATOM   1154 C CA  . VAL A 1 151 ? -4.93211  -5.97470  -6.53326  1.000 13.26193 ?  151 VAL A CA  1 
ATOM   1155 C C   . VAL A 1 151 ? -5.67208  -4.68964  -6.19053  1.000 21.12754 ?  151 VAL A C   1 
ATOM   1156 O O   . VAL A 1 151 ? -6.83578  -4.51257  -6.55959  1.000 21.81886 ?  151 VAL A O   1 
ATOM   1157 C CB  . VAL A 1 151 ? -4.78001  -6.89142  -5.30167  1.000 23.46451 ?  151 VAL A CB  1 
ATOM   1158 C CG1 . VAL A 1 151 ? -6.11902  -7.08353  -4.61333  1.000 21.17492 ?  151 VAL A CG1 1 
ATOM   1159 C CG2 . VAL A 1 151 ? -4.18440  -8.22893  -5.71877  1.000 13.54910 ?  151 VAL A CG2 1 
ATOM   1160 N N   . TRP A 1 152 ? -5.00904  -3.77161  -5.49145  1.000 20.41919 ?  152 TRP A N   1 
ATOM   1161 C CA  . TRP A 1 152 ? -5.60674  -2.49508  -5.13347  1.000 19.01573 ?  152 TRP A CA  1 
ATOM   1162 C C   . TRP A 1 152 ? -4.50164  -1.45794  -5.00654  1.000 17.03779 ?  152 TRP A C   1 
ATOM   1163 O O   . TRP A 1 152 ? -3.31134  -1.77801  -5.05137  1.000 25.60168 ?  152 TRP A O   1 
ATOM   1164 C CB  . TRP A 1 152 ? -6.41850  -2.60003  -3.83753  1.000 21.90250 ?  152 TRP A CB  1 
ATOM   1165 C CG  . TRP A 1 152 ? -7.35916  -1.45057  -3.60988  1.000 21.75817 ?  152 TRP A CG  1 
ATOM   1166 C CD1 . TRP A 1 152 ? -7.40365  -0.63000  -2.51971  1.000 16.96926 ?  152 TRP A CD1 1 
ATOM   1167 C CD2 . TRP A 1 152 ? -8.38402  -0.99086  -4.49994  1.000 20.49609 ?  152 TRP A CD2 1 
ATOM   1168 N NE1 . TRP A 1 152 ? -8.39777  0.30612   -2.67252  1.000 26.27253 ?  152 TRP A NE1 1 
ATOM   1169 C CE2 . TRP A 1 152 ? -9.01300  0.10722   -3.88031  1.000 20.64904 ?  152 TRP A CE2 1 
ATOM   1170 C CE3 . TRP A 1 152 ? -8.83161  -1.40185  -5.75895  1.000 20.82034 ?  152 TRP A CE3 1 
ATOM   1171 C CZ2 . TRP A 1 152 ? -10.06494 0.79739   -4.47643  1.000 19.35825 ?  152 TRP A CZ2 1 
ATOM   1172 C CZ3 . TRP A 1 152 ? -9.87481  -0.71556  -6.34853  1.000 30.63539 ?  152 TRP A CZ3 1 
ATOM   1173 C CH2 . TRP A 1 152 ? -10.48043 0.37095   -5.70839  1.000 18.29884 ?  152 TRP A CH2 1 
ATOM   1174 N N   . CYS A 1 153 ? -4.90955  -0.20295  -4.84123  1.000 17.77712 ?  153 CYS A N   1 
ATOM   1175 C CA  . CYS A 1 153 ? -3.95881  0.89691   -4.80745  1.000 22.30177 ?  153 CYS A CA  1 
ATOM   1176 C C   . CYS A 1 153 ? -4.61211  2.10926   -4.16011  1.000 29.07979 ?  153 CYS A C   1 
ATOM   1177 O O   . CYS A 1 153 ? -5.79450  2.37628   -4.38310  1.000 25.94287 ?  153 CYS A O   1 
ATOM   1178 C CB  . CYS A 1 153 ? -3.47360  1.23799   -6.22036  1.000 16.18439 ?  153 CYS A CB  1 
ATOM   1179 S SG  . CYS A 1 153 ? -2.16979  2.47571   -6.27014  1.000 27.73023 ?  153 CYS A SG  1 
ATOM   1180 N N   . VAL A 1 154 ? -3.83822  2.83286   -3.35347  1.000 21.05484 ?  154 VAL A N   1 
ATOM   1181 C CA  . VAL A 1 154 ? -4.29256  4.07157   -2.73347  1.000 22.51162 ?  154 VAL A CA  1 
ATOM   1182 C C   . VAL A 1 154 ? -3.19223  5.11273   -2.85939  1.000 21.86922 ?  154 VAL A C   1 
ATOM   1183 O O   . VAL A 1 154 ? -1.99979  4.79017   -2.85555  1.000 31.31191 ?  154 VAL A O   1 
ATOM   1184 C CB  . VAL A 1 154 ? -4.68552  3.88280   -1.24953  1.000 20.48155 ?  154 VAL A CB  1 
ATOM   1185 C CG1 . VAL A 1 154 ? -5.93287  3.02434   -1.12968  1.000 18.90975 ?  154 VAL A CG1 1 
ATOM   1186 C CG2 . VAL A 1 154 ? -3.53307  3.27737   -0.46293  1.000 14.37290 ?  154 VAL A CG2 1 
ATOM   1187 N N   . THR A 1 155 ? -3.60148  6.37370   -2.96777  1.000 25.11187 ?  155 THR A N   1 
ATOM   1188 C CA  . THR A 1 155 ? -2.64903  7.46069   -3.13078  1.000 25.66342 ?  155 THR A CA  1 
ATOM   1189 C C   . THR A 1 155 ? -3.34303  8.77974   -2.82575  1.000 32.37025 ?  155 THR A C   1 
ATOM   1190 O O   . THR A 1 155 ? -4.57199  8.88168   -2.86149  1.000 36.47195 ?  155 THR A O   1 
ATOM   1191 C CB  . THR A 1 155 ? -2.05463  7.48096   -4.54534  1.000 29.65183 ?  155 THR A CB  1 
ATOM   1192 O OG1 . THR A 1 155 ? -0.97287  8.41921   -4.60498  1.000 31.25242 ?  155 THR A OG1 1 
ATOM   1193 C CG2 . THR A 1 155 ? -3.11030  7.87080   -5.55766  1.000 24.78017 ?  155 THR A CG2 1 
ATOM   1194 N N   . ASN A 1 156 ? -2.52791  9.78789   -2.50833  1.000 30.59716 ?  156 ASN A N   1 
ATOM   1195 C CA  . ASN A 1 156 ? -2.99827  11.15882  -2.34426  1.000 24.54526 ?  156 ASN A CA  1 
ATOM   1196 C C   . ASN A 1 156 ? -2.23038  12.12209  -3.24217  1.000 36.81387 ?  156 ASN A C   1 
ATOM   1197 O O   . ASN A 1 156 ? -2.19938  13.32885  -2.97598  1.000 49.58242 ?  156 ASN A O   1 
ATOM   1198 C CB  . ASN A 1 156 ? -2.90280  11.59973  -0.88108  1.000 19.10960 ?  156 ASN A CB  1 
ATOM   1199 C CG  . ASN A 1 156 ? -1.46805  11.79055  -0.41120  1.000 25.04697 ?  156 ASN A CG  1 
ATOM   1200 O OD1 . ASN A 1 156 ? -0.52832  11.24390  -0.98929  1.000 31.79033 ?  156 ASN A OD1 1 
ATOM   1201 N ND2 . ASN A 1 156 ? -1.29794  12.56853  0.65487   1.000 31.42623 ?  156 ASN A ND2 1 
ATOM   1202 N N   . ILE A 1 157 ? -1.61028  11.61001  -4.29962  1.000 31.88923 ?  157 ILE A N   1 
ATOM   1203 C CA  . ILE A 1 157 ? -0.80820  12.41011  -5.21573  1.000 32.76085 ?  157 ILE A CA  1 
ATOM   1204 C C   . ILE A 1 157 ? -1.68127  12.78618  -6.40328  1.000 32.76018 ?  157 ILE A C   1 
ATOM   1205 O O   . ILE A 1 157 ? -2.27754  11.91353  -7.04749  1.000 26.84031 ?  157 ILE A O   1 
ATOM   1206 C CB  . ILE A 1 157 ? 0.44903   11.65034  -5.66241  1.000 30.32731 ?  157 ILE A CB  1 
ATOM   1207 C CG1 . ILE A 1 157 ? 1.39251   11.45326  -4.47410  1.000 27.06846 ?  157 ILE A CG1 1 
ATOM   1208 C CG2 . ILE A 1 157 ? 1.15285   12.39274  -6.78786  1.000 29.27501 ?  157 ILE A CG2 1 
ATOM   1209 C CD1 . ILE A 1 157 ? 2.33124   10.28113  -4.62608  1.000 30.15817 ?  157 ILE A CD1 1 
ATOM   1210 N N   . ASP A 1 158 ? -1.76328  14.08528  -6.68597  1.000 29.96853 ?  158 ASP A N   1 
ATOM   1211 C CA  . ASP A 1 158 ? -2.57886  14.56296  -7.79539  1.000 27.80546 ?  158 ASP A CA  1 
ATOM   1212 C C   . ASP A 1 158 ? -2.08382  13.96945  -9.10916  1.000 29.79750 ?  158 ASP A C   1 
ATOM   1213 O O   . ASP A 1 158 ? -0.88401  13.97905  -9.39874  1.000 30.18975 ?  158 ASP A O   1 
ATOM   1214 C CB  . ASP A 1 158 ? -2.54866  16.08989  -7.85158  1.000 23.49905 ?  158 ASP A CB  1 
ATOM   1215 N N   . GLY A 1 159 ? -3.01514  13.44424  -9.89952  1.000 31.07825 ?  159 GLY A N   1 
ATOM   1216 C CA  . GLY A 1 159 ? -2.66377  12.73234  -11.11068 1.000 41.31653 ?  159 GLY A CA  1 
ATOM   1217 C C   . GLY A 1 159 ? -2.87463  11.24184  -10.95496 1.000 55.54588 ?  159 GLY A C   1 
ATOM   1218 O O   . GLY A 1 159 ? -3.48227  10.59450  -11.81265 1.000 48.37495 ?  159 GLY A O   1 
ATOM   1219 N N   . TYR A 1 160 ? -2.36867  10.68888  -9.85270  1.000 40.71284 ?  160 TYR A N   1 
ATOM   1220 C CA  . TYR A 1 160 ? -2.63299  9.30288   -9.49666  1.000 47.97145 ?  160 TYR A CA  1 
ATOM   1221 C C   . TYR A 1 160 ? -3.88071  9.14372   -8.64537  1.000 31.69640 ?  160 TYR A C   1 
ATOM   1222 O O   . TYR A 1 160 ? -4.36647  8.01727   -8.49250  1.000 32.14256 ?  160 TYR A O   1 
ATOM   1223 C CB  . TYR A 1 160 ? -1.43897  8.70792   -8.74324  1.000 32.68599 ?  160 TYR A CB  1 
ATOM   1224 C CG  . TYR A 1 160 ? -0.13136  8.79517   -9.49189  1.000 28.64058 ?  160 TYR A CG  1 
ATOM   1225 C CD1 . TYR A 1 160 ? -0.03932  8.39199   -10.81869 1.000 34.08227 ?  160 TYR A CD1 1 
ATOM   1226 C CD2 . TYR A 1 160 ? 1.01080   9.27983   -8.87300  1.000 29.98635 ?  160 TYR A CD2 1 
ATOM   1227 C CE1 . TYR A 1 160 ? 1.15801   8.46912   -11.50616 1.000 43.65334 ?  160 TYR A CE1 1 
ATOM   1228 C CE2 . TYR A 1 160 ? 2.21001   9.36137   -9.55164  1.000 33.48879 ?  160 TYR A CE2 1 
ATOM   1229 C CZ  . TYR A 1 160 ? 2.27966   8.95516   -10.86741 1.000 35.60082 ?  160 TYR A CZ  1 
ATOM   1230 O OH  . TYR A 1 160 ? 3.47253   9.03471   -11.54824 1.000 39.34692 ?  160 TYR A OH  1 
ATOM   1231 N N   . ILE A 1 161 ? -4.40771  10.24479  -8.10028  1.000 33.95467 ?  161 ILE A N   1 
ATOM   1232 C CA  . ILE A 1 161 ? -5.56699  10.20383  -7.20995  1.000 38.50105 ?  161 ILE A CA  1 
ATOM   1233 C C   . ILE A 1 161 ? -6.70835  9.39932   -7.81779  1.000 46.96895 ?  161 ILE A C   1 
ATOM   1234 O O   . ILE A 1 161 ? -7.45989  8.72658   -7.09902  1.000 63.51596 ?  161 ILE A O   1 
ATOM   1235 C CB  . ILE A 1 161 ? -5.99797  11.64735  -6.85535  1.000 34.49234 ?  161 ILE A CB  1 
ATOM   1236 C CG1 . ILE A 1 161 ? -5.24414  12.13793  -5.61485  1.000 43.03299 ?  161 ILE A CG1 1 
ATOM   1237 C CG2 . ILE A 1 161 ? -7.50540  11.75423  -6.65467  1.000 50.17558 ?  161 ILE A CG2 1 
ATOM   1238 C CD1 . ILE A 1 161 ? -5.53677  13.57804  -5.24650  1.000 31.65098 ?  161 ILE A CD1 1 
ATOM   1239 N N   . ASP A 1 162 ? -6.83775  9.41952   -9.13939  1.000 28.88766 ?  162 ASP A N   1 
ATOM   1240 C CA  . ASP A 1 162 ? -7.87385  8.66270   -9.82950  1.000 41.98929 ?  162 ASP A CA  1 
ATOM   1241 C C   . ASP A 1 162 ? -7.32496  7.59525   -10.76424 1.000 34.67577 ?  162 ASP A C   1 
ATOM   1242 O O   . ASP A 1 162 ? -7.92929  6.52796   -10.89067 1.000 34.42403 ?  162 ASP A O   1 
ATOM   1243 C CB  . ASP A 1 162 ? -8.78273  9.61896   -10.62173 1.000 52.35136 ?  162 ASP A CB  1 
ATOM   1244 C CG  . ASP A 1 162 ? -9.90939  10.18292  -9.77951  1.000 62.44297 ?  162 ASP A CG  1 
ATOM   1245 O OD1 . ASP A 1 162 ? -10.51048 9.41753   -8.99573  1.000 61.04418 ?  162 ASP A OD1 1 
ATOM   1246 O OD2 . ASP A 1 162 ? -10.19189 11.39318  -9.89617  1.000 45.26916 -1 162 ASP A OD2 1 
ATOM   1247 N N   . THR A 1 163 ? -6.18777  7.84730   -11.41462 1.000 31.85965 ?  163 THR A N   1 
ATOM   1248 C CA  . THR A 1 163 ? -5.67987  6.90784   -12.41110 1.000 29.90780 ?  163 THR A CA  1 
ATOM   1249 C C   . THR A 1 163 ? -5.18337  5.60986   -11.78117 1.000 27.46403 ?  163 THR A C   1 
ATOM   1250 O O   . THR A 1 163 ? -5.17044  4.57005   -12.44960 1.000 42.58792 ?  163 THR A O   1 
ATOM   1251 C CB  . THR A 1 163 ? -4.54941  7.55335   -13.21622 1.000 45.75060 ?  163 THR A CB  1 
ATOM   1252 O OG1 . THR A 1 163 ? -3.60879  8.16581   -12.32512 1.000 49.79936 ?  163 THR A OG1 1 
ATOM   1253 C CG2 . THR A 1 163 ? -5.09984  8.61602   -14.14435 1.000 49.70555 ?  163 THR A CG2 1 
ATOM   1254 N N   . CYS A 1 164 ? -4.78506  5.64469   -10.50566 1.000 26.64710 ?  164 CYS A N   1 
ATOM   1255 C CA  . CYS A 1 164 ? -4.10804  4.49752   -9.90398  1.000 28.27229 ?  164 CYS A CA  1 
ATOM   1256 C C   . CYS A 1 164 ? -5.02103  3.28180   -9.77657  1.000 29.95050 ?  164 CYS A C   1 
ATOM   1257 O O   . CYS A 1 164 ? -4.53549  2.14510   -9.78739  1.000 28.26040 ?  164 CYS A O   1 
ATOM   1258 C CB  . CYS A 1 164 ? -3.53679  4.88087   -8.53542  1.000 23.95444 ?  164 CYS A CB  1 
ATOM   1259 S SG  . CYS A 1 164 ? -4.76841  5.08654   -7.22904  1.000 29.64256 ?  164 CYS A SG  1 
ATOM   1260 N N   . ILE A 1 165 ? -6.33158  3.49017   -9.65975  1.000 25.10970 ?  165 ILE A N   1 
ATOM   1261 C CA  . ILE A 1 165 ? -7.27151  2.37656   -9.58335  1.000 32.22028 ?  165 ILE A CA  1 
ATOM   1262 C C   . ILE A 1 165 ? -8.13436  2.34400   -10.83752 1.000 31.58941 ?  165 ILE A C   1 
ATOM   1263 O O   . ILE A 1 165 ? -9.30600  1.95119   -10.79090 1.000 28.47119 ?  165 ILE A O   1 
ATOM   1264 C CB  . ILE A 1 165 ? -8.14748  2.46002   -8.32037  1.000 21.58234 ?  165 ILE A CB  1 
ATOM   1265 C CG1 . ILE A 1 165 ? -8.77266  3.85030   -8.18572  1.000 30.42080 ?  165 ILE A CG1 1 
ATOM   1266 C CG2 . ILE A 1 165 ? -7.33913  2.09744   -7.08767  1.000 22.64969 ?  165 ILE A CG2 1 
ATOM   1267 C CD1 . ILE A 1 165 ? -10.23182 3.81762   -7.78845  1.000 36.11578 ?  165 ILE A CD1 1 
ATOM   1268 N N   . SER A 1 166 ? -7.56447  2.75380   -11.96369 1.000 35.00133 ?  166 SER A N   1 
ATOM   1269 C CA  . SER A 1 166 ? -8.25655  2.75127   -13.24682 1.000 31.69329 ?  166 SER A CA  1 
ATOM   1270 C C   . SER A 1 166 ? -7.56309  1.74197   -14.15095 1.000 24.00002 ?  166 SER A C   1 
ATOM   1271 O O   . SER A 1 166 ? -6.44596  1.98723   -14.61710 1.000 29.64318 ?  166 SER A O   1 
ATOM   1272 C CB  . SER A 1 166 ? -8.25540  4.14215   -13.87416 1.000 25.28030 ?  166 SER A CB  1 
ATOM   1273 O OG  . SER A 1 166 ? -8.54471  4.06175   -15.25795 1.000 42.93188 ?  166 SER A OG  1 
ATOM   1274 N N   . ALA A 1 167 ? -8.22418  0.60886   -14.39117 1.000 31.46793 ?  167 ALA A N   1 
ATOM   1275 C CA  . ALA A 1 167 ? -7.62768  -0.42416  -15.23152 1.000 26.49515 ?  167 ALA A CA  1 
ATOM   1276 C C   . ALA A 1 167 ? -7.36506  0.09491   -16.63912 1.000 31.91577 ?  167 ALA A C   1 
ATOM   1277 O O   . ALA A 1 167 ? -6.32213  -0.20229  -17.23355 1.000 36.04160 ?  167 ALA A O   1 
ATOM   1278 C CB  . ALA A 1 167 ? -8.52951  -1.65734  -15.27061 1.000 15.04545 ?  167 ALA A CB  1 
ATOM   1279 N N   . SER A 1 168 ? -8.29621  0.88162   -17.18432 1.000 34.15466 ?  168 SER A N   1 
ATOM   1280 C CA  . SER A 1 168 ? -8.13110  1.40162   -18.53716 1.000 37.33769 ?  168 SER A CA  1 
ATOM   1281 C C   . SER A 1 168 ? -6.94140  2.34957   -18.62524 1.000 28.80394 ?  168 SER A C   1 
ATOM   1282 O O   . SER A 1 168 ? -6.21353  2.35431   -19.62481 1.000 34.80929 ?  168 SER A O   1 
ATOM   1283 C CB  . SER A 1 168 ? -9.41286  2.10392   -18.98785 1.000 32.90218 ?  168 SER A CB  1 
ATOM   1284 O OG  . SER A 1 168 ? -9.28924  3.51049   -18.87749 1.000 42.00374 ?  168 SER A OG  1 
ATOM   1285 N N   . PHE A 1 169 ? -6.72613  3.15658   -17.58630 1.000 34.00337 ?  169 PHE A N   1 
ATOM   1286 C CA  . PHE A 1 169 ? -5.57924  4.05804   -17.58233 1.000 28.21049 ?  169 PHE A CA  1 
ATOM   1287 C C   . PHE A 1 169 ? -4.27522  3.29589   -17.38960 1.000 29.51948 ?  169 PHE A C   1 
ATOM   1288 O O   . PHE A 1 169 ? -3.24189  3.67419   -17.95336 1.000 44.73074 ?  169 PHE A O   1 
ATOM   1289 C CB  . PHE A 1 169 ? -5.75058  5.11482   -16.49209 1.000 28.43858 ?  169 PHE A CB  1 
ATOM   1290 C CG  . PHE A 1 169 ? -6.60650  6.27297   -16.90708 1.000 30.74697 ?  169 PHE A CG  1 
ATOM   1291 C CD1 . PHE A 1 169 ? -6.55763  6.74911   -18.20508 1.000 28.17701 ?  169 PHE A CD1 1 
ATOM   1292 C CD2 . PHE A 1 169 ? -7.46158  6.88237   -16.00655 1.000 34.57940 ?  169 PHE A CD2 1 
ATOM   1293 C CE1 . PHE A 1 169 ? -7.34280  7.81213   -18.59736 1.000 35.56389 ?  169 PHE A CE1 1 
ATOM   1294 C CE2 . PHE A 1 169 ? -8.24830  7.94851   -16.39077 1.000 37.03743 ?  169 PHE A CE2 1 
ATOM   1295 C CZ  . PHE A 1 169 ? -8.18878  8.41362   -17.68904 1.000 34.61343 ?  169 PHE A CZ  1 
ATOM   1296 N N   . ARG A 1 170 ? -4.30035  2.22499   -16.59458 1.000 39.60761 ?  170 ARG A N   1 
ATOM   1297 C CA  . ARG A 1 170 ? -3.09099  1.43705   -16.38585 1.000 27.29066 ?  170 ARG A CA  1 
ATOM   1298 C C   . ARG A 1 170 ? -2.65469  0.75328   -17.67425 1.000 36.54528 ?  170 ARG A C   1 
ATOM   1299 O O   . ARG A 1 170 ? -1.45406  0.61351   -17.93531 1.000 27.05414 ?  170 ARG A O   1 
ATOM   1300 C CB  . ARG A 1 170 ? -3.31649  0.41279   -15.27645 1.000 22.67409 ?  170 ARG A CB  1 
ATOM   1301 C CG  . ARG A 1 170 ? -2.96654  0.93652   -13.89722 1.000 28.76463 ?  170 ARG A CG  1 
ATOM   1302 C CD  . ARG A 1 170 ? -3.65853  0.14965   -12.79624 1.000 36.44456 ?  170 ARG A CD  1 
ATOM   1303 N NE  . ARG A 1 170 ? -3.29548  0.64423   -11.47372 1.000 32.66635 ?  170 ARG A NE  1 
ATOM   1304 C CZ  . ARG A 1 170 ? -2.12534  0.43064   -10.88744 1.000 26.69384 ?  170 ARG A CZ  1 
ATOM   1305 N NH1 . ARG A 1 170 ? -1.18150  -0.29257  -11.46794 1.000 26.79147 ?  170 ARG A NH1 1 
ATOM   1306 N NH2 . ARG A 1 170 ? -1.89442  0.95616   -9.68768  1.000 22.94473 ?  170 ARG A NH2 1 
ATOM   1307 N N   . ARG A 1 171 ? -3.61556  0.32402   -18.49649 1.000 37.03050 ?  171 ARG A N   1 
ATOM   1308 C CA  . ARG A 1 171 ? -3.27413  -0.23692  -19.79762 1.000 41.49445 ?  171 ARG A CA  1 
ATOM   1309 C C   . ARG A 1 171 ? -2.69600  0.81241   -20.73463 1.000 38.99328 ?  171 ARG A C   1 
ATOM   1310 O O   . ARG A 1 171 ? -1.98894  0.45642   -21.68356 1.000 41.39566 ?  171 ARG A O   1 
ATOM   1311 C CB  . ARG A 1 171 ? -4.50274  -0.89180  -20.43456 1.000 37.33869 ?  171 ARG A CB  1 
ATOM   1312 C CG  . ARG A 1 171 ? -4.96168  -2.15404  -19.72349 1.000 48.96649 ?  171 ARG A CG  1 
ATOM   1313 C CD  . ARG A 1 171 ? -6.22154  -2.74850  -20.34127 1.000 48.70176 ?  171 ARG A CD  1 
ATOM   1314 N NE  . ARG A 1 171 ? -7.13391  -1.73320  -20.85013 1.000 60.93900 ?  171 ARG A NE  1 
ATOM   1315 C CZ  . ARG A 1 171 ? -8.37405  -1.55520  -20.41457 1.000 45.83419 ?  171 ARG A CZ  1 
ATOM   1316 N NH1 . ARG A 1 171 ? -8.87955  -2.29750  -19.44347 1.000 54.54935 ?  171 ARG A NH1 1 
ATOM   1317 N NH2 . ARG A 1 171 ? -9.12498  -0.60554  -20.96571 1.000 44.14954 ?  171 ARG A NH2 1 
ATOM   1318 N N   . GLY A 1 172 ? -2.97605  2.08948   -20.48750 1.000 43.13899 ?  172 GLY A N   1 
ATOM   1319 C CA  . GLY A 1 172 ? -2.38120  3.16054   -21.26187 1.000 31.47249 ?  172 GLY A CA  1 
ATOM   1320 C C   . GLY A 1 172 ? -0.93177  3.38961   -20.89049 1.000 42.78924 ?  172 GLY A C   1 
ATOM   1321 O O   . GLY A 1 172 ? -0.08475  3.58974   -21.76486 1.000 48.02303 ?  172 GLY A O   1 
ATOM   1322 N N   . ALA A 1 173 ? -0.63463  3.36888   -19.58773 1.000 42.41061 ?  173 ALA A N   1 
ATOM   1323 C CA  . ALA A 1 173 ? 0.74496   3.47851   -19.13354 1.000 30.40770 ?  173 ALA A CA  1 
ATOM   1324 C C   . ALA A 1 173 ? 1.59873   2.31433   -19.61476 1.000 44.32637 ?  173 ALA A C   1 
ATOM   1325 O O   . ALA A 1 173 ? 2.82060   2.45941   -19.72410 1.000 50.58887 ?  173 ALA A O   1 
ATOM   1326 C CB  . ALA A 1 173 ? 0.79061   3.56826   -17.60690 1.000 30.27767 ?  173 ALA A CB  1 
ATOM   1327 N N   . CYS A 1 174 ? 0.98892   1.16268   -19.89816 1.000 28.86677 ?  174 CYS A N   1 
ATOM   1328 C CA  . CYS A 1 174 ? 1.73695   0.05192   -20.47573 1.000 49.30529 ?  174 CYS A CA  1 
ATOM   1329 C C   . CYS A 1 174 ? 2.07769   0.33103   -21.93390 1.000 57.34924 ?  174 CYS A C   1 
ATOM   1330 O O   . CYS A 1 174 ? 3.24506   0.26614   -22.33868 1.000 67.60546 ?  174 CYS A O   1 
ATOM   1331 C CB  . CYS A 1 174 ? 0.93003   -1.24092  -20.35670 1.000 41.46310 ?  174 CYS A CB  1 
ATOM   1332 S SG  . CYS A 1 174 ? 0.58894   -1.75658  -18.67005 1.000 42.29435 ?  174 CYS A SG  1 
ATOM   1333 N N   . HIS A 1 175 ? 1.06559   0.64780   -22.73530 1.000 46.08634 ?  175 HIS A N   1 
ATOM   1334 C CA  . HIS A 1 175 ? 1.24645   0.89299   -24.16103 1.000 52.00319 ?  175 HIS A CA  1 
ATOM   1335 C C   . HIS A 1 175 ? 2.05710   2.16130   -24.40988 1.000 41.29740 ?  175 HIS A C   1 
ATOM   1336 O O   . HIS A 1 175 ? 2.32845   2.92752   -23.48689 1.000 52.75389 ?  175 HIS A O   1 
ATOM   1337 C CB  . HIS A 1 175 ? -0.11473  0.99245   -24.85829 1.000 41.87901 ?  175 HIS A CB  1 
HETATM 1338 C C1  . CIT B 2 .   ? 16.10801  -4.21014  6.04254   1.000 36.77762 ?  201 CIT A C1  1 
HETATM 1339 O O1  . CIT B 2 .   ? 17.10539  -4.95670  6.10143   1.000 69.50061 ?  201 CIT A O1  1 
HETATM 1340 O O2  . CIT B 2 .   ? 15.68851  -3.69671  4.98659   1.000 52.03996 ?  201 CIT A O2  1 
HETATM 1341 C C2  . CIT B 2 .   ? 15.36340  -3.90790  7.33054   1.000 29.17124 ?  201 CIT A C2  1 
HETATM 1342 C C3  . CIT B 2 .   ? 15.90128  -2.71776  8.13479   1.000 27.28165 ?  201 CIT A C3  1 
HETATM 1343 O O7  . CIT B 2 .   ? 17.14573  -2.30900  7.59385   1.000 31.16545 ?  201 CIT A O7  1 
HETATM 1344 C C4  . CIT B 2 .   ? 14.90025  -1.55907  8.03978   1.000 33.33188 ?  201 CIT A C4  1 
HETATM 1345 C C5  . CIT B 2 .   ? 15.45213  -0.19354  8.41304   1.000 31.29687 ?  201 CIT A C5  1 
HETATM 1346 O O3  . CIT B 2 .   ? 16.13064  0.41783   7.56370   1.000 37.19873 ?  201 CIT A O3  1 
HETATM 1347 O O4  . CIT B 2 .   ? 15.20068  0.24957   9.55125   1.000 60.60939 ?  201 CIT A O4  1 
HETATM 1348 C C6  . CIT B 2 .   ? 16.07723  -3.13125  9.61934   1.000 26.75956 ?  201 CIT A C6  1 
HETATM 1349 O O5  . CIT B 2 .   ? 17.21791  -3.47826  9.98641   1.000 37.79672 ?  201 CIT A O5  1 
HETATM 1350 O O6  . CIT B 2 .   ? 15.06652  -3.09076  10.34918  1.000 39.89439 ?  201 CIT A O6  1 
HETATM 1351 O O   . HOH C 3 .   ? 0.49822   -15.18881 -5.96452  1.000 21.68900 ?  301 HOH A O   1 
HETATM 1352 O O   . HOH C 3 .   ? -12.45200 -10.79120 -9.55069  1.000 29.23587 ?  302 HOH A O   1 
HETATM 1353 O O   . HOH C 3 .   ? -0.07425  -0.17599  18.21981  1.000 38.07153 ?  303 HOH A O   1 
HETATM 1354 O O   . HOH C 3 .   ? -7.48222  7.69049   -4.86502  1.000 31.71156 ?  304 HOH A O   1 
HETATM 1355 O O   . HOH C 3 .   ? 14.40180  4.43017   9.19353   1.000 21.01252 ?  305 HOH A O   1 
HETATM 1356 O O   . HOH C 3 .   ? 8.55460   -0.81256  -2.93639  1.000 24.55372 ?  306 HOH A O   1 
HETATM 1357 O O   . HOH C 3 .   ? 13.94450  -2.47919  12.52784  1.000 28.51087 ?  307 HOH A O   1 
HETATM 1358 O O   . HOH C 3 .   ? -11.77687 1.42423   -10.54665 1.000 28.56987 ?  308 HOH A O   1 
HETATM 1359 O O   . HOH C 3 .   ? -4.01739  -0.22336  16.85766  1.000 41.77314 ?  309 HOH A O   1 
HETATM 1360 O O   . HOH C 3 .   ? -19.63829 1.51027   1.88263   1.000 38.97558 ?  310 HOH A O   1 
HETATM 1361 O O   . HOH C 3 .   ? 5.35086   1.50016   -21.45248 1.000 35.43660 ?  311 HOH A O   1 
HETATM 1362 O O   . HOH C 3 .   ? 5.79623   14.71034  6.66515   1.000 29.49952 ?  312 HOH A O   1 
HETATM 1363 O O   . HOH C 3 .   ? -1.19011  -14.22258 -4.02133  1.000 27.20399 ?  313 HOH A O   1 
HETATM 1364 O O   . HOH C 3 .   ? -10.83013 -10.53279 -6.67155  1.000 24.88584 ?  314 HOH A O   1 
HETATM 1365 O O   . HOH C 3 .   ? 10.19108  11.99716  3.35637   1.000 23.41267 ?  315 HOH A O   1 
HETATM 1366 O O   . HOH C 3 .   ? 6.95371   -6.74993  -7.52044  1.000 21.10299 ?  316 HOH A O   1 
HETATM 1367 O O   . HOH C 3 .   ? 0.89166   -6.68280  -14.70545 1.000 14.60742 ?  317 HOH A O   1 
HETATM 1368 O O   . HOH C 3 .   ? 11.31394  10.45333  -5.99760  1.000 25.08261 ?  318 HOH A O   1 
HETATM 1369 O O   . HOH C 3 .   ? 1.83752   -9.44685  -9.03067  1.000 38.03118 ?  319 HOH A O   1 
HETATM 1370 O O   . HOH C 3 .   ? 3.10997   5.64951   -15.83605 1.000 25.69401 ?  320 HOH A O   1 
HETATM 1371 O O   . HOH C 3 .   ? -16.52337 -12.37262 -1.13478  1.000 28.81601 ?  321 HOH A O   1 
HETATM 1372 O O   . HOH C 3 .   ? -16.23440 0.26774   -16.71376 1.000 34.19493 ?  322 HOH A O   1 
HETATM 1373 O O   . HOH C 3 .   ? -7.76677  4.41336   -4.31719  1.000 19.16833 ?  323 HOH A O   1 
HETATM 1374 O O   . HOH C 3 .   ? -14.23577 -0.73784  13.60867  1.000 29.77825 ?  324 HOH A O   1 
HETATM 1375 O O   . HOH C 3 .   ? 13.51092  4.12700   0.50551   1.000 21.70816 ?  325 HOH A O   1 
HETATM 1376 O O   . HOH C 3 .   ? 2.88539   -7.82522  -10.17193 1.000 28.91184 ?  326 HOH A O   1 
HETATM 1377 O O   . HOH C 3 .   ? 3.59513   -11.66776 6.71113   1.000 29.22652 ?  327 HOH A O   1 
HETATM 1378 O O   . HOH C 3 .   ? 17.98298  4.37176   9.26631   1.000 28.41660 ?  328 HOH A O   1 
HETATM 1379 O O   . HOH C 3 .   ? 8.77992   8.51873   -15.50572 1.000 51.45657 ?  329 HOH A O   1 
HETATM 1380 O O   . HOH C 3 .   ? -6.64033  7.95426   -0.64805  1.000 39.65647 ?  330 HOH A O   1 
HETATM 1381 O O   . HOH C 3 .   ? -14.14889 -2.89369  -14.99407 1.000 22.78532 ?  331 HOH A O   1 
HETATM 1382 O O   . HOH C 3 .   ? -16.49193 -5.09715  -6.42253  1.000 18.24533 ?  332 HOH A O   1 
HETATM 1383 O O   . HOH C 3 .   ? 11.58430  -1.07990  -3.40653  1.000 24.67934 ?  333 HOH A O   1 
HETATM 1384 O O   . HOH C 3 .   ? 17.75407  8.02478   -4.65957  1.000 41.98065 ?  334 HOH A O   1 
HETATM 1385 O O   . HOH C 3 .   ? 12.95653  4.32402   11.48047  1.000 27.34108 ?  335 HOH A O   1 
HETATM 1386 O O   . HOH C 3 .   ? 16.61448  11.99911  5.57565   1.000 20.54505 ?  336 HOH A O   1 
HETATM 1387 O O   . HOH C 3 .   ? 3.00791   -5.26408  -16.33195 1.000 43.63599 ?  337 HOH A O   1 
HETATM 1388 O O   . HOH C 3 .   ? -19.69127 -8.10444  15.18164  1.000 31.63995 ?  338 HOH A O   1 
HETATM 1389 O O   . HOH C 3 .   ? -5.97289  -9.90479  18.38027  1.000 41.69167 ?  339 HOH A O   1 
HETATM 1390 O O   . HOH C 3 .   ? 0.13049   -17.62596 -6.83550  1.000 38.39768 ?  340 HOH A O   1 
HETATM 1391 O O   . HOH C 3 .   ? -18.72026 3.50118   -7.98235  1.000 29.86295 ?  341 HOH A O   1 
HETATM 1392 O O   . HOH C 3 .   ? -8.98393  -13.18672 -3.81327  1.000 24.43501 ?  342 HOH A O   1 
HETATM 1393 O O   . HOH C 3 .   ? 16.91987  -2.89181  -1.44041  1.000 22.96236 ?  343 HOH A O   1 
HETATM 1394 O O   . HOH C 3 .   ? -12.40503 4.94171   -11.29680 1.000 26.20731 ?  344 HOH A O   1 
HETATM 1395 O O   . HOH C 3 .   ? 19.51476  7.19851   3.93784   1.000 27.59154 ?  345 HOH A O   1 
HETATM 1396 O O   . HOH C 3 .   ? -9.35917  3.24395   -2.36557  1.000 23.73949 ?  346 HOH A O   1 
HETATM 1397 O O   . HOH C 3 .   ? 4.82948   -1.03025  -24.69351 1.000 45.15764 ?  347 HOH A O   1 
HETATM 1398 O O   . HOH C 3 .   ? 5.30098   -1.73125  14.90557  1.000 30.72194 ?  348 HOH A O   1 
HETATM 1399 O O   . HOH C 3 .   ? -6.37352  -11.29737 -13.44759 1.000 35.10572 ?  349 HOH A O   1 
HETATM 1400 O O   . HOH C 3 .   ? 11.91378  12.33684  1.93922   1.000 28.10212 ?  350 HOH A O   1 
HETATM 1401 O O   . HOH C 3 .   ? -6.86078  6.25440   -3.14258  1.000 26.38251 ?  351 HOH A O   1 
HETATM 1402 O O   . HOH C 3 .   ? 2.33326   -9.13298  17.38316  1.000 42.53983 ?  352 HOH A O   1 
HETATM 1403 O O   . HOH C 3 .   ? 5.80517   -9.50330  7.85750   1.000 34.43958 ?  353 HOH A O   1 
HETATM 1404 O O   . HOH C 3 .   ? 4.51750   -8.83456  -8.60101  1.000 38.72413 ?  354 HOH A O   1 
HETATM 1405 O O   . HOH C 3 .   ? 2.86938   -20.98635 -1.96417  1.000 36.28052 ?  355 HOH A O   1 
HETATM 1406 O O   . HOH C 3 .   ? 6.61081   18.25548  9.47166   1.000 39.23838 ?  356 HOH A O   1 
HETATM 1407 O O   . HOH C 3 .   ? 2.39519   7.57883   -14.39255 1.000 28.01107 ?  357 HOH A O   1 
HETATM 1408 O O   . HOH C 3 .   ? -2.69457  -15.55753 -2.94066  1.000 32.27694 ?  358 HOH A O   1 
HETATM 1409 O O   . HOH C 3 .   ? -1.50665  14.39090  4.64314   1.000 40.21826 ?  359 HOH A O   1 
HETATM 1410 O O   . HOH C 3 .   ? 13.98554  7.11542   -14.52605 1.000 47.63668 ?  360 HOH A O   1 
HETATM 1411 O O   . HOH C 3 .   ? -6.45707  15.23900  3.46413   1.000 34.48610 ?  361 HOH A O   1 
HETATM 1412 O O   . HOH C 3 .   ? -4.46074  -10.89280 19.80369  1.000 45.19708 ?  362 HOH A O   1 
HETATM 1413 O O   . HOH C 3 .   ? 4.98520   -17.81218 1.25338   1.000 25.50050 ?  363 HOH A O   1 
HETATM 1414 O O   . HOH C 3 .   ? -6.37795  -15.78225 19.97121  1.000 43.34158 ?  364 HOH A O   1 
HETATM 1415 O O   . HOH C 3 .   ? -12.86496 5.17289   -17.12360 1.000 28.74894 ?  365 HOH A O   1 
HETATM 1416 O O   . HOH C 3 .   ? -6.18031  -13.42156 -7.94611  1.000 25.62537 ?  366 HOH A O   1 
HETATM 1417 O O   . HOH C 3 .   ? -15.02033 -1.07305  15.99424  1.000 28.02427 ?  367 HOH A O   1 
HETATM 1418 O O   . HOH C 3 .   ? 3.04085   -16.69532 2.16516   1.000 28.42093 ?  368 HOH A O   1 
HETATM 1419 O O   . HOH C 3 .   ? 7.80608   10.25857  -13.40348 1.000 44.92579 ?  369 HOH A O   1 
HETATM 1420 O O   . HOH C 3 .   ? -15.24000 4.24631   -15.01025 1.000 44.42418 ?  370 HOH A O   1 
HETATM 1421 O O   . HOH C 3 .   ? -12.26657 5.30424   -14.32977 1.000 42.09730 ?  371 HOH A O   1 
HETATM 1422 O O   . HOH C 3 .   ? -12.32474 5.22595   -20.00074 1.000 26.58452 ?  372 HOH A O   1 
HETATM 1423 O O   . HOH C 3 .   ? -1.96324  -8.38409  18.02554  1.000 33.07508 ?  373 HOH A O   1 
HETATM 1424 O O   . HOH C 3 .   ? -14.51564 3.25379   -17.39068 1.000 35.53786 ?  374 HOH A O   1 
HETATM 1425 O O   . HOH C 3 .   ? -5.48951  -16.64629 16.92573  1.000 39.99789 ?  375 HOH A O   1 
HETATM 1426 O O   . HOH C 3 .   ? -8.66315  -17.26001 14.04837  1.000 49.83578 ?  376 HOH A O   1 
HETATM 1427 O O   . HOH C 3 .   ? 17.32144  10.18388  -6.37032  1.000 34.19981 ?  377 HOH A O   1 
HETATM 1428 O O   . HOH C 3 .   ? -19.26946 5.49866   -3.85215  1.000 37.01182 ?  378 HOH A O   1 
HETATM 1429 O O   . HOH C 3 .   ? -4.84391  -12.89447 -10.05098 1.000 38.53970 ?  379 HOH A O   1 
HETATM 1430 O O   . HOH C 3 .   ? 1.97452   -19.13905 -9.15158  1.000 40.34707 ?  380 HOH A O   1 
HETATM 1431 O O   . HOH C 3 .   ? 11.34382  -3.23500  -4.15325  1.000 37.01513 ?  381 HOH A O   1 
HETATM 1432 O O   . HOH C 3 .   ? -8.38480  -15.25480 -3.14117  1.000 27.78102 ?  382 HOH A O   1 
HETATM 1433 O O   . HOH C 3 .   ? -12.07432 -15.50849 1.72708   1.000 36.67271 ?  383 HOH A O   1 
HETATM 1434 O O   . HOH C 3 .   ? 7.64358   17.67553  11.54747  1.000 47.46947 ?  384 HOH A O   1 
HETATM 1435 O O   . HOH C 3 .   ? -17.65212 4.22137   -4.77935  1.000 32.79149 ?  385 HOH A O   1 
HETATM 1436 O O   . HOH C 3 .   ? 12.93305  9.85859   15.82990  1.000 38.63806 ?  386 HOH A O   1 
HETATM 1437 O O   . HOH C 3 .   ? 25.36951  5.01724   -5.71148  1.000 40.83252 ?  387 HOH A O   1 
HETATM 1438 O O   . HOH C 3 .   ? -18.23749 7.99995   4.33514   1.000 39.90857 ?  388 HOH A O   1 
HETATM 1439 O O   . HOH C 3 .   ? -6.05381  19.24416  -3.31167  1.000 55.68856 ?  389 HOH A O   1 
# 
loop_
_pdbx_poly_seq_scheme.asym_id 
_pdbx_poly_seq_scheme.entity_id 
_pdbx_poly_seq_scheme.seq_id 
_pdbx_poly_seq_scheme.mon_id 
_pdbx_poly_seq_scheme.ndb_seq_num 
_pdbx_poly_seq_scheme.pdb_seq_num 
_pdbx_poly_seq_scheme.auth_seq_num 
_pdbx_poly_seq_scheme.pdb_mon_id 
_pdbx_poly_seq_scheme.auth_mon_id 
_pdbx_poly_seq_scheme.pdb_strand_id 
_pdbx_poly_seq_scheme.pdb_ins_code 
_pdbx_poly_seq_scheme.hetero 
A 1 1   GLY 1   1   ?   ?   ?   A . n 
A 1 2   GLU 2   2   2   GLU GLU A . n 
A 1 3   LEU 3   3   3   LEU LEU A . n 
A 1 4   PHE 4   4   4   PHE PHE A . n 
A 1 5   ARG 5   5   5   ARG ARG A . n 
A 1 6   GLY 6   6   6   GLY GLY A . n 
A 1 7   VAL 7   7   7   VAL VAL A . n 
A 1 8   LEU 8   8   8   LEU LEU A . n 
A 1 9   HIS 9   9   9   HIS HIS A . n 
A 1 10  ILE 10  10  10  ILE ILE A . n 
A 1 11  SER 11  11  11  SER SER A . n 
A 1 12  SER 12  12  12  SER SER A . n 
A 1 13  ASN 13  13  13  ASN ASN A . n 
A 1 14  ILE 14  14  14  ILE ILE A . n 
A 1 15  LEU 15  15  15  LEU LEU A . n 
A 1 16  ASP 16  16  16  ASP ASP A . n 
A 1 17  CYS 17  17  17  CYS CYS A . n 
A 1 18  ALA 18  18  18  ALA ALA A . n 
A 1 19  ASN 19  19  19  ASN ASN A . n 
A 1 20  ASP 20  20  20  ASP ASP A . n 
A 1 21  ASN 21  21  21  ASN ASN A . n 
A 1 22  TRP 22  22  22  TRP TRP A . n 
A 1 23  TRP 23  23  23  TRP TRP A . n 
A 1 24  CYS 24  24  24  CYS CYS A . n 
A 1 25  SER 25  25  25  SER SER A . n 
A 1 26  MET 26  26  26  MET MET A . n 
A 1 27  LEU 27  27  27  LEU LEU A . n 
A 1 28  ASP 28  28  28  ASP ASP A . n 
A 1 29  LEU 29  29  29  LEU LEU A . n 
A 1 30  ASP 30  30  30  ASP ASP A . n 
A 1 31  THR 31  31  31  THR THR A . n 
A 1 32  SER 32  32  32  SER SER A . n 
A 1 33  ASP 33  33  33  ASP ASP A . n 
A 1 34  TRP 34  34  34  TRP TRP A . n 
A 1 35  GLU 35  35  35  GLU GLU A . n 
A 1 36  PRO 36  36  36  PRO PRO A . n 
A 1 37  LEU 37  37  37  LEU LEU A . n 
A 1 38  THR 38  38  38  THR THR A . n 
A 1 39  HIS 39  39  39  HIS HIS A . n 
A 1 40  SER 40  40  40  SER SER A . n 
A 1 41  ASN 41  41  41  ASN ASN A . n 
A 1 42  ARG 42  42  42  ARG ARG A . n 
A 1 43  LEU 43  43  43  LEU LEU A . n 
A 1 44  MET 44  44  44  MET MET A . n 
A 1 45  ALA 45  45  45  ALA ALA A . n 
A 1 46  ILE 46  46  46  ILE ILE A . n 
A 1 47  TYR 47  47  47  TYR TYR A . n 
A 1 48  LEU 48  48  48  LEU LEU A . n 
A 1 49  SER 49  49  49  SER SER A . n 
A 1 50  ASN 50  50  50  ASN ASN A . n 
A 1 51  VAL 51  51  51  VAL VAL A . n 
A 1 52  ALA 52  52  52  ALA ALA A . n 
A 1 53  SER 53  53  53  SER SER A . n 
A 1 54  ARG 54  54  54  ARG ARG A . n 
A 1 55  LEU 55  55  55  LEU LEU A . n 
A 1 56  ASP 56  56  56  ASP ASP A . n 
A 1 57  PHE 57  57  57  PHE PHE A . n 
A 1 58  THR 58  58  58  THR THR A . n 
A 1 59  GLY 59  59  59  GLY GLY A . n 
A 1 60  GLY 60  60  60  GLY GLY A . n 
A 1 61  PRO 61  61  61  PRO PRO A . n 
A 1 62  LEU 62  62  62  LEU LEU A . n 
A 1 63  ALA 63  63  63  ALA ALA A . n 
A 1 64  GLY 64  64  64  GLY GLY A . n 
A 1 65  CYS 65  65  65  CYS CYS A . n 
A 1 66  LEU 66  66  66  LEU LEU A . n 
A 1 67  TYR 67  67  67  TYR TYR A . n 
A 1 68  PHE 68  68  68  PHE PHE A . n 
A 1 69  PHE 69  69  69  PHE PHE A . n 
A 1 70  GLN 70  70  70  GLN GLN A . n 
A 1 71  VAL 71  71  71  VAL VAL A . n 
A 1 72  GLU 72  72  72  GLU GLU A . n 
A 1 73  CYS 73  73  73  CYS CYS A . n 
A 1 74  ASN 74  74  74  ASN ASN A . n 
A 1 75  LYS 75  75  75  LYS LYS A . n 
A 1 76  PHE 76  76  76  PHE PHE A . n 
A 1 77  GLU 77  77  77  GLU GLU A . n 
A 1 78  GLU 78  78  78  GLU GLU A . n 
A 1 79  GLY 79  79  79  GLY GLY A . n 
A 1 80  TYR 80  80  80  TYR TYR A . n 
A 1 81  HIS 81  81  81  HIS HIS A . n 
A 1 82  ILE 82  82  82  ILE ILE A . n 
A 1 83  HIS 83  83  83  HIS HIS A . n 
A 1 84  VAL 84  84  84  VAL VAL A . n 
A 1 85  VAL 85  85  85  VAL VAL A . n 
A 1 86  ILE 86  86  86  ILE ILE A . n 
A 1 87  GLY 87  87  87  GLY GLY A . n 
A 1 88  GLY 88  88  88  GLY GLY A . n 
A 1 89  PRO 89  89  89  PRO PRO A . n 
A 1 90  GLY 90  90  90  GLY GLY A . n 
A 1 91  LEU 91  91  91  LEU LEU A . n 
A 1 92  ASN 92  92  92  ASN ASN A . n 
A 1 93  ALA 93  93  93  ALA ALA A . n 
A 1 94  ARG 94  94  94  ARG ARG A . n 
A 1 95  ASN 95  95  95  ASN ASN A . n 
A 1 96  LEU 96  96  96  LEU LEU A . n 
A 1 97  THR 97  97  97  THR THR A . n 
A 1 98  VAL 98  98  98  VAL VAL A . n 
A 1 99  CYS 99  99  99  CYS CYS A . n 
A 1 100 VAL 100 100 100 VAL VAL A . n 
A 1 101 GLU 101 101 101 GLU GLU A . n 
A 1 102 GLY 102 102 102 GLY GLY A . n 
A 1 103 LEU 103 103 103 LEU LEU A . n 
A 1 104 PHE 104 104 104 PHE PHE A . n 
A 1 105 ASN 105 105 105 ASN ASN A . n 
A 1 106 ASN 106 106 106 ASN ASN A . n 
A 1 107 VAL 107 107 107 VAL VAL A . n 
A 1 108 LEU 108 108 108 LEU LEU A . n 
A 1 109 TYR 109 109 109 TYR TYR A . n 
A 1 110 HIS 110 110 110 HIS HIS A . n 
A 1 111 LEU 111 111 111 LEU LEU A . n 
A 1 112 VAL 112 112 112 VAL VAL A . n 
A 1 113 ASN 113 113 113 ASN ASN A . n 
A 1 114 GLU 114 114 114 GLU GLU A . n 
A 1 115 SER 115 115 115 SER SER A . n 
A 1 116 VAL 116 116 116 VAL VAL A . n 
A 1 117 LYS 117 117 117 LYS LYS A . n 
A 1 118 LEU 118 118 118 LEU LEU A . n 
A 1 119 LYS 119 119 119 LYS LYS A . n 
A 1 120 PHE 120 120 120 PHE PHE A . n 
A 1 121 LEU 121 121 121 LEU LEU A . n 
A 1 122 PRO 122 122 122 PRO PRO A . n 
A 1 123 GLY 123 123 123 GLY GLY A . n 
A 1 124 MET 124 124 124 MET MET A . n 
A 1 125 THR 125 125 125 THR THR A . n 
A 1 126 THR 126 126 126 THR THR A . n 
A 1 127 LYS 127 127 127 LYS LYS A . n 
A 1 128 GLY 128 128 128 GLY GLY A . n 
A 1 129 LYS 129 129 129 LYS LYS A . n 
A 1 130 TYR 130 130 130 TYR TYR A . n 
A 1 131 PHE 131 131 131 PHE PHE A . n 
A 1 132 ARG 132 132 132 ARG ARG A . n 
A 1 133 ASP 133 133 133 ASP ASP A . n 
A 1 134 GLY 134 134 134 GLY GLY A . n 
A 1 135 GLU 135 135 135 GLU GLU A . n 
A 1 136 GLN 136 136 136 GLN GLN A . n 
A 1 137 PHE 137 137 137 PHE PHE A . n 
A 1 138 ILE 138 138 138 ILE ILE A . n 
A 1 139 GLU 139 139 139 GLU GLU A . n 
A 1 140 ASN 140 140 140 ASN ASN A . n 
A 1 141 TYR 141 141 141 TYR TYR A . n 
A 1 142 LEU 142 142 142 LEU LEU A . n 
A 1 143 MET 143 143 143 MET MET A . n 
A 1 144 LYS 144 144 144 LYS LYS A . n 
A 1 145 LYS 145 145 145 LYS LYS A . n 
A 1 146 ILE 146 146 146 ILE ILE A . n 
A 1 147 PRO 147 147 147 PRO PRO A . n 
A 1 148 LEU 148 148 148 LEU LEU A . n 
A 1 149 ASN 149 149 149 ASN ASN A . n 
A 1 150 VAL 150 150 150 VAL VAL A . n 
A 1 151 VAL 151 151 151 VAL VAL A . n 
A 1 152 TRP 152 152 152 TRP TRP A . n 
A 1 153 CYS 153 153 153 CYS CYS A . n 
A 1 154 VAL 154 154 154 VAL VAL A . n 
A 1 155 THR 155 155 155 THR THR A . n 
A 1 156 ASN 156 156 156 ASN ASN A . n 
A 1 157 ILE 157 157 157 ILE ILE A . n 
A 1 158 ASP 158 158 158 ASP ASP A . n 
A 1 159 GLY 159 159 159 GLY GLY A . n 
A 1 160 TYR 160 160 160 TYR TYR A . n 
A 1 161 ILE 161 161 161 ILE ILE A . n 
A 1 162 ASP 162 162 162 ASP ASP A . n 
A 1 163 THR 163 163 163 THR THR A . n 
A 1 164 CYS 164 164 164 CYS CYS A . n 
A 1 165 ILE 165 165 165 ILE ILE A . n 
A 1 166 SER 166 166 166 SER SER A . n 
A 1 167 ALA 167 167 167 ALA ALA A . n 
A 1 168 SER 168 168 168 SER SER A . n 
A 1 169 PHE 169 169 169 PHE PHE A . n 
A 1 170 ARG 170 170 170 ARG ARG A . n 
A 1 171 ARG 171 171 171 ARG ARG A . n 
A 1 172 GLY 172 172 172 GLY GLY A . n 
A 1 173 ALA 173 173 173 ALA ALA A . n 
A 1 174 CYS 174 174 174 CYS CYS A . n 
A 1 175 HIS 175 175 175 HIS HIS A . n 
A 1 176 ALA 176 176 ?   ?   ?   A . n 
# 
_pdbx_contact_author.id                 2 
_pdbx_contact_author.email              nhorton@email.arizona.edu 
_pdbx_contact_author.name_first         Nancy 
_pdbx_contact_author.name_last          Horton 
_pdbx_contact_author.name_mi            ? 
_pdbx_contact_author.role               'principal investigator/group leader' 
_pdbx_contact_author.identifier_ORCID   0000-0003-2710-8284 
# 
loop_
_pdbx_nonpoly_scheme.asym_id 
_pdbx_nonpoly_scheme.entity_id 
_pdbx_nonpoly_scheme.mon_id 
_pdbx_nonpoly_scheme.ndb_seq_num 
_pdbx_nonpoly_scheme.pdb_seq_num 
_pdbx_nonpoly_scheme.auth_seq_num 
_pdbx_nonpoly_scheme.pdb_mon_id 
_pdbx_nonpoly_scheme.auth_mon_id 
_pdbx_nonpoly_scheme.pdb_strand_id 
_pdbx_nonpoly_scheme.pdb_ins_code 
B 2 CIT 1  201 1   CIT CIT A . 
C 3 HOH 1  301 236 HOH HOH A . 
C 3 HOH 2  302 214 HOH HOH A . 
C 3 HOH 3  303 242 HOH HOH A . 
C 3 HOH 4  304 233 HOH HOH A . 
C 3 HOH 5  305 181 HOH HOH A . 
C 3 HOH 6  306 187 HOH HOH A . 
C 3 HOH 7  307 204 HOH HOH A . 
C 3 HOH 8  308 210 HOH HOH A . 
C 3 HOH 9  309 250 HOH HOH A . 
C 3 HOH 10 310 245 HOH HOH A . 
C 3 HOH 11 311 246 HOH HOH A . 
C 3 HOH 12 312 235 HOH HOH A . 
C 3 HOH 13 313 191 HOH HOH A . 
C 3 HOH 14 314 193 HOH HOH A . 
C 3 HOH 15 315 198 HOH HOH A . 
C 3 HOH 16 316 188 HOH HOH A . 
C 3 HOH 17 317 177 HOH HOH A . 
C 3 HOH 18 318 201 HOH HOH A . 
C 3 HOH 19 319 206 HOH HOH A . 
C 3 HOH 20 320 185 HOH HOH A . 
C 3 HOH 21 321 208 HOH HOH A . 
C 3 HOH 22 322 232 HOH HOH A . 
C 3 HOH 23 323 180 HOH HOH A . 
C 3 HOH 24 324 228 HOH HOH A . 
C 3 HOH 25 325 183 HOH HOH A . 
C 3 HOH 26 326 243 HOH HOH A . 
C 3 HOH 27 327 226 HOH HOH A . 
C 3 HOH 28 328 216 HOH HOH A . 
C 3 HOH 29 329 268 HOH HOH A . 
C 3 HOH 30 330 249 HOH HOH A . 
C 3 HOH 31 331 199 HOH HOH A . 
C 3 HOH 32 332 178 HOH HOH A . 
C 3 HOH 33 333 192 HOH HOH A . 
C 3 HOH 34 334 261 HOH HOH A . 
C 3 HOH 35 335 203 HOH HOH A . 
C 3 HOH 36 336 186 HOH HOH A . 
C 3 HOH 37 337 263 HOH HOH A . 
C 3 HOH 38 338 217 HOH HOH A . 
C 3 HOH 39 339 248 HOH HOH A . 
C 3 HOH 40 340 200 HOH HOH A . 
C 3 HOH 41 341 223 HOH HOH A . 
C 3 HOH 42 342 202 HOH HOH A . 
C 3 HOH 43 343 190 HOH HOH A . 
C 3 HOH 44 344 196 HOH HOH A . 
C 3 HOH 45 345 195 HOH HOH A . 
C 3 HOH 46 346 189 HOH HOH A . 
C 3 HOH 47 347 255 HOH HOH A . 
C 3 HOH 48 348 212 HOH HOH A . 
C 3 HOH 49 349 262 HOH HOH A . 
C 3 HOH 50 350 211 HOH HOH A . 
C 3 HOH 51 351 194 HOH HOH A . 
C 3 HOH 52 352 252 HOH HOH A . 
C 3 HOH 53 353 218 HOH HOH A . 
C 3 HOH 54 354 237 HOH HOH A . 
C 3 HOH 55 355 221 HOH HOH A . 
C 3 HOH 56 356 256 HOH HOH A . 
C 3 HOH 57 357 213 HOH HOH A . 
C 3 HOH 58 358 207 HOH HOH A . 
C 3 HOH 59 359 254 HOH HOH A . 
C 3 HOH 60 360 267 HOH HOH A . 
C 3 HOH 61 361 225 HOH HOH A . 
C 3 HOH 62 362 259 HOH HOH A . 
C 3 HOH 63 363 197 HOH HOH A . 
C 3 HOH 64 364 253 HOH HOH A . 
C 3 HOH 65 365 219 HOH HOH A . 
C 3 HOH 66 366 184 HOH HOH A . 
C 3 HOH 67 367 215 HOH HOH A . 
C 3 HOH 68 368 238 HOH HOH A . 
C 3 HOH 69 369 258 HOH HOH A . 
C 3 HOH 70 370 260 HOH HOH A . 
C 3 HOH 71 371 265 HOH HOH A . 
C 3 HOH 72 372 205 HOH HOH A . 
C 3 HOH 73 373 229 HOH HOH A . 
C 3 HOH 74 374 227 HOH HOH A . 
C 3 HOH 75 375 239 HOH HOH A . 
C 3 HOH 76 376 266 HOH HOH A . 
C 3 HOH 77 377 224 HOH HOH A . 
C 3 HOH 78 378 231 HOH HOH A . 
C 3 HOH 79 379 240 HOH HOH A . 
C 3 HOH 80 380 230 HOH HOH A . 
C 3 HOH 81 381 247 HOH HOH A . 
C 3 HOH 82 382 209 HOH HOH A . 
C 3 HOH 83 383 241 HOH HOH A . 
C 3 HOH 84 384 251 HOH HOH A . 
C 3 HOH 85 385 220 HOH HOH A . 
C 3 HOH 86 386 234 HOH HOH A . 
C 3 HOH 87 387 264 HOH HOH A . 
C 3 HOH 88 388 244 HOH HOH A . 
C 3 HOH 89 389 257 HOH HOH A . 
# 
_pdbx_struct_assembly.id                   1 
_pdbx_struct_assembly.details              author_defined_assembly 
_pdbx_struct_assembly.method_details       ? 
_pdbx_struct_assembly.oligomeric_details   monomeric 
_pdbx_struct_assembly.oligomeric_count     1 
# 
_pdbx_struct_assembly_gen.assembly_id       1 
_pdbx_struct_assembly_gen.oper_expression   1 
_pdbx_struct_assembly_gen.asym_id_list      A,B,C 
# 
_pdbx_struct_oper_list.id                   1 
_pdbx_struct_oper_list.type                 'identity operation' 
_pdbx_struct_oper_list.name                 1_555 
_pdbx_struct_oper_list.symmetry_operation   x,y,z 
_pdbx_struct_oper_list.matrix[1][1]         1.0000000000 
_pdbx_struct_oper_list.matrix[1][2]         0.0000000000 
_pdbx_struct_oper_list.matrix[1][3]         0.0000000000 
_pdbx_struct_oper_list.vector[1]            0.0000000000 
_pdbx_struct_oper_list.matrix[2][1]         0.0000000000 
_pdbx_struct_oper_list.matrix[2][2]         1.0000000000 
_pdbx_struct_oper_list.matrix[2][3]         0.0000000000 
_pdbx_struct_oper_list.vector[2]            0.0000000000 
_pdbx_struct_oper_list.matrix[3][1]         0.0000000000 
_pdbx_struct_oper_list.matrix[3][2]         0.0000000000 
_pdbx_struct_oper_list.matrix[3][3]         1.0000000000 
_pdbx_struct_oper_list.vector[3]            0.0000000000 
# 
loop_
_pdbx_audit_revision_history.ordinal 
_pdbx_audit_revision_history.data_content_type 
_pdbx_audit_revision_history.major_revision 
_pdbx_audit_revision_history.minor_revision 
_pdbx_audit_revision_history.revision_date 
1 'Structure model' 1 0 2022-03-30 
2 'Structure model' 1 1 2022-05-04 
3 'Structure model' 1 2 2022-05-25 
4 'Structure model' 1 3 2023-10-18 
# 
_pdbx_audit_revision_details.ordinal             1 
_pdbx_audit_revision_details.revision_ordinal    1 
_pdbx_audit_revision_details.data_content_type   'Structure model' 
_pdbx_audit_revision_details.provider            repository 
_pdbx_audit_revision_details.type                'Initial release' 
_pdbx_audit_revision_details.description         ? 
_pdbx_audit_revision_details.details             ? 
# 
loop_
_pdbx_audit_revision_group.ordinal 
_pdbx_audit_revision_group.revision_ordinal 
_pdbx_audit_revision_group.data_content_type 
_pdbx_audit_revision_group.group 
1 2 'Structure model' 'Database references'    
2 3 'Structure model' 'Database references'    
3 4 'Structure model' 'Data collection'        
4 4 'Structure model' 'Refinement description' 
# 
loop_
_pdbx_audit_revision_category.ordinal 
_pdbx_audit_revision_category.revision_ordinal 
_pdbx_audit_revision_category.data_content_type 
_pdbx_audit_revision_category.category 
1 2 'Structure model' citation                      
2 2 'Structure model' citation_author               
3 3 'Structure model' citation                      
4 4 'Structure model' chem_comp_atom                
5 4 'Structure model' chem_comp_bond                
6 4 'Structure model' pdbx_initial_refinement_model 
# 
loop_
_pdbx_audit_revision_item.ordinal 
_pdbx_audit_revision_item.revision_ordinal 
_pdbx_audit_revision_item.data_content_type 
_pdbx_audit_revision_item.item 
1  2 'Structure model' '_citation.country'                 
2  2 'Structure model' '_citation.journal_abbrev'          
3  2 'Structure model' '_citation.journal_id_ASTM'         
4  2 'Structure model' '_citation.journal_id_CSD'          
5  2 'Structure model' '_citation.journal_id_ISSN'         
6  2 'Structure model' '_citation.page_first'              
7  2 'Structure model' '_citation.page_last'               
8  2 'Structure model' '_citation.pdbx_database_id_DOI'    
9  2 'Structure model' '_citation.pdbx_database_id_PubMed' 
10 2 'Structure model' '_citation.title'                   
11 2 'Structure model' '_citation.year'                    
12 2 'Structure model' '_citation_author.identifier_ORCID' 
13 2 'Structure model' '_citation_author.name'             
14 3 'Structure model' '_citation.journal_volume'          
# 
loop_
_space_group_symop.id 
_space_group_symop.operation_xyz 
1 x,y,z           
2 x,-y,-z         
3 -x,y+1/2,-z+1/2 
4 -x,-y+1/2,z+1/2 
# 
loop_
_software.citation_id 
_software.classification 
_software.compiler_name 
_software.compiler_version 
_software.contact_author 
_software.contact_author_email 
_software.date 
_software.description 
_software.dependencies 
_software.hardware 
_software.language 
_software.location 
_software.mods 
_software.name 
_software.os 
_software.os_version 
_software.type 
_software.version 
_software.pdbx_ordinal 
? refinement        ? ? ? ? ? ? ? ? ? ? ? PHENIX  ? ? ? 1.19_4080 1 
? 'data collection' ? ? ? ? ? ? ? ? ? ? ? Blu-Ice ? ? ? .         2 
? 'data reduction'  ? ? ? ? ? ? ? ? ? ? ? MOSFLM  ? ? ? .         3 
? 'data scaling'    ? ? ? ? ? ? ? ? ? ? ? SCALA   ? ? ? .         4 
? phasing           ? ? ? ? ? ? ? ? ? ? ? PHASER  ? ? ? .         5 
? 'model building'  ? ? ? ? ? ? ? ? ? ? ? Coot    ? ? ? .         6 
# 
_pdbx_entry_details.entry_id                 7SZY 
_pdbx_entry_details.nonpolymer_details       ? 
_pdbx_entry_details.sequence_details         ? 
_pdbx_entry_details.compound_details         ? 
_pdbx_entry_details.source_details           ? 
_pdbx_entry_details.has_ligand_of_interest   N 
# 
loop_
_pdbx_validate_torsion.id 
_pdbx_validate_torsion.PDB_model_num 
_pdbx_validate_torsion.auth_comp_id 
_pdbx_validate_torsion.auth_asym_id 
_pdbx_validate_torsion.auth_seq_id 
_pdbx_validate_torsion.PDB_ins_code 
_pdbx_validate_torsion.label_alt_id 
_pdbx_validate_torsion.phi 
_pdbx_validate_torsion.psi 
1 1 ASN A 19  ? ? -103.34 -169.64 
2 1 CYS A 24  ? ? -83.00  36.18   
3 1 HIS A 39  ? ? 59.27   -134.76 
4 1 TYR A 141 ? ? -136.39 -59.28  
# 
_pdbx_distant_solvent_atoms.id                                1 
_pdbx_distant_solvent_atoms.PDB_model_num                     1 
_pdbx_distant_solvent_atoms.auth_atom_id                      O 
_pdbx_distant_solvent_atoms.label_alt_id                      ? 
_pdbx_distant_solvent_atoms.auth_asym_id                      A 
_pdbx_distant_solvent_atoms.auth_comp_id                      HOH 
_pdbx_distant_solvent_atoms.auth_seq_id                       389 
_pdbx_distant_solvent_atoms.PDB_ins_code                      ? 
_pdbx_distant_solvent_atoms.neighbor_macromolecule_distance   7.07 
_pdbx_distant_solvent_atoms.neighbor_ligand_distance          . 
# 
loop_
_pdbx_unobs_or_zero_occ_atoms.id 
_pdbx_unobs_or_zero_occ_atoms.PDB_model_num 
_pdbx_unobs_or_zero_occ_atoms.polymer_flag 
_pdbx_unobs_or_zero_occ_atoms.occupancy_flag 
_pdbx_unobs_or_zero_occ_atoms.auth_asym_id 
_pdbx_unobs_or_zero_occ_atoms.auth_comp_id 
_pdbx_unobs_or_zero_occ_atoms.auth_seq_id 
_pdbx_unobs_or_zero_occ_atoms.PDB_ins_code 
_pdbx_unobs_or_zero_occ_atoms.auth_atom_id 
_pdbx_unobs_or_zero_occ_atoms.label_alt_id 
_pdbx_unobs_or_zero_occ_atoms.label_asym_id 
_pdbx_unobs_or_zero_occ_atoms.label_comp_id 
_pdbx_unobs_or_zero_occ_atoms.label_seq_id 
_pdbx_unobs_or_zero_occ_atoms.label_atom_id 
1  1 Y 1 A GLU 2   ? CG  ? A GLU 2   CG  
2  1 Y 1 A GLU 2   ? CD  ? A GLU 2   CD  
3  1 Y 1 A GLU 2   ? OE1 ? A GLU 2   OE1 
4  1 Y 1 A GLU 2   ? OE2 ? A GLU 2   OE2 
5  1 Y 1 A ASN 13  ? CG  ? A ASN 13  CG  
6  1 Y 1 A ASN 13  ? OD1 ? A ASN 13  OD1 
7  1 Y 1 A ASN 13  ? ND2 ? A ASN 13  ND2 
8  1 Y 1 A PHE 57  ? CG  ? A PHE 57  CG  
9  1 Y 1 A PHE 57  ? CD1 ? A PHE 57  CD1 
10 1 Y 1 A PHE 57  ? CD2 ? A PHE 57  CD2 
11 1 Y 1 A PHE 57  ? CE1 ? A PHE 57  CE1 
12 1 Y 1 A PHE 57  ? CE2 ? A PHE 57  CE2 
13 1 Y 1 A PHE 57  ? CZ  ? A PHE 57  CZ  
14 1 Y 1 A THR 58  ? OG1 ? A THR 58  OG1 
15 1 Y 1 A GLU 78  ? CG  ? A GLU 78  CG  
16 1 Y 1 A GLU 78  ? CD  ? A GLU 78  CD  
17 1 Y 1 A GLU 78  ? OE1 ? A GLU 78  OE1 
18 1 Y 1 A GLU 78  ? OE2 ? A GLU 78  OE2 
19 1 Y 1 A ARG 94  ? CG  ? A ARG 94  CG  
20 1 Y 1 A ARG 94  ? CD  ? A ARG 94  CD  
21 1 Y 1 A ARG 94  ? NE  ? A ARG 94  NE  
22 1 Y 1 A ARG 94  ? CZ  ? A ARG 94  CZ  
23 1 Y 1 A ARG 94  ? NH1 ? A ARG 94  NH1 
24 1 Y 1 A ARG 94  ? NH2 ? A ARG 94  NH2 
25 1 Y 1 A GLU 114 ? CG  ? A GLU 114 CG  
26 1 Y 1 A GLU 114 ? CD  ? A GLU 114 CD  
27 1 Y 1 A GLU 114 ? OE1 ? A GLU 114 OE1 
28 1 Y 1 A GLU 114 ? OE2 ? A GLU 114 OE2 
29 1 Y 1 A LYS 127 ? CG  ? A LYS 127 CG  
30 1 Y 1 A LYS 127 ? CD  ? A LYS 127 CD  
31 1 Y 1 A LYS 127 ? CE  ? A LYS 127 CE  
32 1 Y 1 A LYS 127 ? NZ  ? A LYS 127 NZ  
33 1 Y 1 A LYS 129 ? CG  ? A LYS 129 CG  
34 1 Y 1 A LYS 129 ? CD  ? A LYS 129 CD  
35 1 Y 1 A LYS 129 ? CE  ? A LYS 129 CE  
36 1 Y 1 A LYS 129 ? NZ  ? A LYS 129 NZ  
37 1 Y 1 A GLN 136 ? NE2 ? A GLN 136 NE2 
38 1 Y 1 A GLU 139 ? CD  ? A GLU 139 CD  
39 1 Y 1 A GLU 139 ? OE1 ? A GLU 139 OE1 
40 1 Y 1 A GLU 139 ? OE2 ? A GLU 139 OE2 
41 1 Y 1 A ILE 146 ? CD1 ? A ILE 146 CD1 
42 1 Y 1 A ASP 158 ? CG  ? A ASP 158 CG  
43 1 Y 1 A ASP 158 ? OD1 ? A ASP 158 OD1 
44 1 Y 1 A ASP 158 ? OD2 ? A ASP 158 OD2 
45 1 Y 1 A HIS 175 ? CG  ? A HIS 175 CG  
46 1 Y 1 A HIS 175 ? ND1 ? A HIS 175 ND1 
47 1 Y 1 A HIS 175 ? CD2 ? A HIS 175 CD2 
48 1 Y 1 A HIS 175 ? CE1 ? A HIS 175 CE1 
49 1 Y 1 A HIS 175 ? NE2 ? A HIS 175 NE2 
# 
loop_
_pdbx_unobs_or_zero_occ_residues.id 
_pdbx_unobs_or_zero_occ_residues.PDB_model_num 
_pdbx_unobs_or_zero_occ_residues.polymer_flag 
_pdbx_unobs_or_zero_occ_residues.occupancy_flag 
_pdbx_unobs_or_zero_occ_residues.auth_asym_id 
_pdbx_unobs_or_zero_occ_residues.auth_comp_id 
_pdbx_unobs_or_zero_occ_residues.auth_seq_id 
_pdbx_unobs_or_zero_occ_residues.PDB_ins_code 
_pdbx_unobs_or_zero_occ_residues.label_asym_id 
_pdbx_unobs_or_zero_occ_residues.label_comp_id 
_pdbx_unobs_or_zero_occ_residues.label_seq_id 
1 1 Y 1 A GLY 1   ? A GLY 1   
2 1 Y 1 A ALA 176 ? A ALA 176 
# 
loop_
_chem_comp_atom.comp_id 
_chem_comp_atom.atom_id 
_chem_comp_atom.type_symbol 
_chem_comp_atom.pdbx_aromatic_flag 
_chem_comp_atom.pdbx_stereo_config 
_chem_comp_atom.pdbx_ordinal 
ALA N    N N N 1   
ALA CA   C N S 2   
ALA C    C N N 3   
ALA O    O N N 4   
ALA CB   C N N 5   
ALA OXT  O N N 6   
ALA H    H N N 7   
ALA H2   H N N 8   
ALA HA   H N N 9   
ALA HB1  H N N 10  
ALA HB2  H N N 11  
ALA HB3  H N N 12  
ALA HXT  H N N 13  
ARG N    N N N 14  
ARG CA   C N S 15  
ARG C    C N N 16  
ARG O    O N N 17  
ARG CB   C N N 18  
ARG CG   C N N 19  
ARG CD   C N N 20  
ARG NE   N N N 21  
ARG CZ   C N N 22  
ARG NH1  N N N 23  
ARG NH2  N N N 24  
ARG OXT  O N N 25  
ARG H    H N N 26  
ARG H2   H N N 27  
ARG HA   H N N 28  
ARG HB2  H N N 29  
ARG HB3  H N N 30  
ARG HG2  H N N 31  
ARG HG3  H N N 32  
ARG HD2  H N N 33  
ARG HD3  H N N 34  
ARG HE   H N N 35  
ARG HH11 H N N 36  
ARG HH12 H N N 37  
ARG HH21 H N N 38  
ARG HH22 H N N 39  
ARG HXT  H N N 40  
ASN N    N N N 41  
ASN CA   C N S 42  
ASN C    C N N 43  
ASN O    O N N 44  
ASN CB   C N N 45  
ASN CG   C N N 46  
ASN OD1  O N N 47  
ASN ND2  N N N 48  
ASN OXT  O N N 49  
ASN H    H N N 50  
ASN H2   H N N 51  
ASN HA   H N N 52  
ASN HB2  H N N 53  
ASN HB3  H N N 54  
ASN HD21 H N N 55  
ASN HD22 H N N 56  
ASN HXT  H N N 57  
ASP N    N N N 58  
ASP CA   C N S 59  
ASP C    C N N 60  
ASP O    O N N 61  
ASP CB   C N N 62  
ASP CG   C N N 63  
ASP OD1  O N N 64  
ASP OD2  O N N 65  
ASP OXT  O N N 66  
ASP H    H N N 67  
ASP H2   H N N 68  
ASP HA   H N N 69  
ASP HB2  H N N 70  
ASP HB3  H N N 71  
ASP HD2  H N N 72  
ASP HXT  H N N 73  
CIT C1   C N N 74  
CIT O1   O N N 75  
CIT O2   O N N 76  
CIT C2   C N N 77  
CIT C3   C N N 78  
CIT O7   O N N 79  
CIT C4   C N N 80  
CIT C5   C N N 81  
CIT O3   O N N 82  
CIT O4   O N N 83  
CIT C6   C N N 84  
CIT O5   O N N 85  
CIT O6   O N N 86  
CIT HO2  H N N 87  
CIT H21  H N N 88  
CIT H22  H N N 89  
CIT HO7  H N N 90  
CIT H41  H N N 91  
CIT H42  H N N 92  
CIT HO4  H N N 93  
CIT HO6  H N N 94  
CYS N    N N N 95  
CYS CA   C N R 96  
CYS C    C N N 97  
CYS O    O N N 98  
CYS CB   C N N 99  
CYS SG   S N N 100 
CYS OXT  O N N 101 
CYS H    H N N 102 
CYS H2   H N N 103 
CYS HA   H N N 104 
CYS HB2  H N N 105 
CYS HB3  H N N 106 
CYS HG   H N N 107 
CYS HXT  H N N 108 
GLN N    N N N 109 
GLN CA   C N S 110 
GLN C    C N N 111 
GLN O    O N N 112 
GLN CB   C N N 113 
GLN CG   C N N 114 
GLN CD   C N N 115 
GLN OE1  O N N 116 
GLN NE2  N N N 117 
GLN OXT  O N N 118 
GLN H    H N N 119 
GLN H2   H N N 120 
GLN HA   H N N 121 
GLN HB2  H N N 122 
GLN HB3  H N N 123 
GLN HG2  H N N 124 
GLN HG3  H N N 125 
GLN HE21 H N N 126 
GLN HE22 H N N 127 
GLN HXT  H N N 128 
GLU N    N N N 129 
GLU CA   C N S 130 
GLU C    C N N 131 
GLU O    O N N 132 
GLU CB   C N N 133 
GLU CG   C N N 134 
GLU CD   C N N 135 
GLU OE1  O N N 136 
GLU OE2  O N N 137 
GLU OXT  O N N 138 
GLU H    H N N 139 
GLU H2   H N N 140 
GLU HA   H N N 141 
GLU HB2  H N N 142 
GLU HB3  H N N 143 
GLU HG2  H N N 144 
GLU HG3  H N N 145 
GLU HE2  H N N 146 
GLU HXT  H N N 147 
GLY N    N N N 148 
GLY CA   C N N 149 
GLY C    C N N 150 
GLY O    O N N 151 
GLY OXT  O N N 152 
GLY H    H N N 153 
GLY H2   H N N 154 
GLY HA2  H N N 155 
GLY HA3  H N N 156 
GLY HXT  H N N 157 
HIS N    N N N 158 
HIS CA   C N S 159 
HIS C    C N N 160 
HIS O    O N N 161 
HIS CB   C N N 162 
HIS CG   C Y N 163 
HIS ND1  N Y N 164 
HIS CD2  C Y N 165 
HIS CE1  C Y N 166 
HIS NE2  N Y N 167 
HIS OXT  O N N 168 
HIS H    H N N 169 
HIS H2   H N N 170 
HIS HA   H N N 171 
HIS HB2  H N N 172 
HIS HB3  H N N 173 
HIS HD1  H N N 174 
HIS HD2  H N N 175 
HIS HE1  H N N 176 
HIS HE2  H N N 177 
HIS HXT  H N N 178 
HOH O    O N N 179 
HOH H1   H N N 180 
HOH H2   H N N 181 
ILE N    N N N 182 
ILE CA   C N S 183 
ILE C    C N N 184 
ILE O    O N N 185 
ILE CB   C N S 186 
ILE CG1  C N N 187 
ILE CG2  C N N 188 
ILE CD1  C N N 189 
ILE OXT  O N N 190 
ILE H    H N N 191 
ILE H2   H N N 192 
ILE HA   H N N 193 
ILE HB   H N N 194 
ILE HG12 H N N 195 
ILE HG13 H N N 196 
ILE HG21 H N N 197 
ILE HG22 H N N 198 
ILE HG23 H N N 199 
ILE HD11 H N N 200 
ILE HD12 H N N 201 
ILE HD13 H N N 202 
ILE HXT  H N N 203 
LEU N    N N N 204 
LEU CA   C N S 205 
LEU C    C N N 206 
LEU O    O N N 207 
LEU CB   C N N 208 
LEU CG   C N N 209 
LEU CD1  C N N 210 
LEU CD2  C N N 211 
LEU OXT  O N N 212 
LEU H    H N N 213 
LEU H2   H N N 214 
LEU HA   H N N 215 
LEU HB2  H N N 216 
LEU HB3  H N N 217 
LEU HG   H N N 218 
LEU HD11 H N N 219 
LEU HD12 H N N 220 
LEU HD13 H N N 221 
LEU HD21 H N N 222 
LEU HD22 H N N 223 
LEU HD23 H N N 224 
LEU HXT  H N N 225 
LYS N    N N N 226 
LYS CA   C N S 227 
LYS C    C N N 228 
LYS O    O N N 229 
LYS CB   C N N 230 
LYS CG   C N N 231 
LYS CD   C N N 232 
LYS CE   C N N 233 
LYS NZ   N N N 234 
LYS OXT  O N N 235 
LYS H    H N N 236 
LYS H2   H N N 237 
LYS HA   H N N 238 
LYS HB2  H N N 239 
LYS HB3  H N N 240 
LYS HG2  H N N 241 
LYS HG3  H N N 242 
LYS HD2  H N N 243 
LYS HD3  H N N 244 
LYS HE2  H N N 245 
LYS HE3  H N N 246 
LYS HZ1  H N N 247 
LYS HZ2  H N N 248 
LYS HZ3  H N N 249 
LYS HXT  H N N 250 
MET N    N N N 251 
MET CA   C N S 252 
MET C    C N N 253 
MET O    O N N 254 
MET CB   C N N 255 
MET CG   C N N 256 
MET SD   S N N 257 
MET CE   C N N 258 
MET OXT  O N N 259 
MET H    H N N 260 
MET H2   H N N 261 
MET HA   H N N 262 
MET HB2  H N N 263 
MET HB3  H N N 264 
MET HG2  H N N 265 
MET HG3  H N N 266 
MET HE1  H N N 267 
MET HE2  H N N 268 
MET HE3  H N N 269 
MET HXT  H N N 270 
PHE N    N N N 271 
PHE CA   C N S 272 
PHE C    C N N 273 
PHE O    O N N 274 
PHE CB   C N N 275 
PHE CG   C Y N 276 
PHE CD1  C Y N 277 
PHE CD2  C Y N 278 
PHE CE1  C Y N 279 
PHE CE2  C Y N 280 
PHE CZ   C Y N 281 
PHE OXT  O N N 282 
PHE H    H N N 283 
PHE H2   H N N 284 
PHE HA   H N N 285 
PHE HB2  H N N 286 
PHE HB3  H N N 287 
PHE HD1  H N N 288 
PHE HD2  H N N 289 
PHE HE1  H N N 290 
PHE HE2  H N N 291 
PHE HZ   H N N 292 
PHE HXT  H N N 293 
PRO N    N N N 294 
PRO CA   C N S 295 
PRO C    C N N 296 
PRO O    O N N 297 
PRO CB   C N N 298 
PRO CG   C N N 299 
PRO CD   C N N 300 
PRO OXT  O N N 301 
PRO H    H N N 302 
PRO HA   H N N 303 
PRO HB2  H N N 304 
PRO HB3  H N N 305 
PRO HG2  H N N 306 
PRO HG3  H N N 307 
PRO HD2  H N N 308 
PRO HD3  H N N 309 
PRO HXT  H N N 310 
SER N    N N N 311 
SER CA   C N S 312 
SER C    C N N 313 
SER O    O N N 314 
SER CB   C N N 315 
SER OG   O N N 316 
SER OXT  O N N 317 
SER H    H N N 318 
SER H2   H N N 319 
SER HA   H N N 320 
SER HB2  H N N 321 
SER HB3  H N N 322 
SER HG   H N N 323 
SER HXT  H N N 324 
THR N    N N N 325 
THR CA   C N S 326 
THR C    C N N 327 
THR O    O N N 328 
THR CB   C N R 329 
THR OG1  O N N 330 
THR CG2  C N N 331 
THR OXT  O N N 332 
THR H    H N N 333 
THR H2   H N N 334 
THR HA   H N N 335 
THR HB   H N N 336 
THR HG1  H N N 337 
THR HG21 H N N 338 
THR HG22 H N N 339 
THR HG23 H N N 340 
THR HXT  H N N 341 
TRP N    N N N 342 
TRP CA   C N S 343 
TRP C    C N N 344 
TRP O    O N N 345 
TRP CB   C N N 346 
TRP CG   C Y N 347 
TRP CD1  C Y N 348 
TRP CD2  C Y N 349 
TRP NE1  N Y N 350 
TRP CE2  C Y N 351 
TRP CE3  C Y N 352 
TRP CZ2  C Y N 353 
TRP CZ3  C Y N 354 
TRP CH2  C Y N 355 
TRP OXT  O N N 356 
TRP H    H N N 357 
TRP H2   H N N 358 
TRP HA   H N N 359 
TRP HB2  H N N 360 
TRP HB3  H N N 361 
TRP HD1  H N N 362 
TRP HE1  H N N 363 
TRP HE3  H N N 364 
TRP HZ2  H N N 365 
TRP HZ3  H N N 366 
TRP HH2  H N N 367 
TRP HXT  H N N 368 
TYR N    N N N 369 
TYR CA   C N S 370 
TYR C    C N N 371 
TYR O    O N N 372 
TYR CB   C N N 373 
TYR CG   C Y N 374 
TYR CD1  C Y N 375 
TYR CD2  C Y N 376 
TYR CE1  C Y N 377 
TYR CE2  C Y N 378 
TYR CZ   C Y N 379 
TYR OH   O N N 380 
TYR OXT  O N N 381 
TYR H    H N N 382 
TYR H2   H N N 383 
TYR HA   H N N 384 
TYR HB2  H N N 385 
TYR HB3  H N N 386 
TYR HD1  H N N 387 
TYR HD2  H N N 388 
TYR HE1  H N N 389 
TYR HE2  H N N 390 
TYR HH   H N N 391 
TYR HXT  H N N 392 
VAL N    N N N 393 
VAL CA   C N S 394 
VAL C    C N N 395 
VAL O    O N N 396 
VAL CB   C N N 397 
VAL CG1  C N N 398 
VAL CG2  C N N 399 
VAL OXT  O N N 400 
VAL H    H N N 401 
VAL H2   H N N 402 
VAL HA   H N N 403 
VAL HB   H N N 404 
VAL HG11 H N N 405 
VAL HG12 H N N 406 
VAL HG13 H N N 407 
VAL HG21 H N N 408 
VAL HG22 H N N 409 
VAL HG23 H N N 410 
VAL HXT  H N N 411 
# 
loop_
_chem_comp_bond.comp_id 
_chem_comp_bond.atom_id_1 
_chem_comp_bond.atom_id_2 
_chem_comp_bond.value_order 
_chem_comp_bond.pdbx_aromatic_flag 
_chem_comp_bond.pdbx_stereo_config 
_chem_comp_bond.pdbx_ordinal 
ALA N   CA   sing N N 1   
ALA N   H    sing N N 2   
ALA N   H2   sing N N 3   
ALA CA  C    sing N N 4   
ALA CA  CB   sing N N 5   
ALA CA  HA   sing N N 6   
ALA C   O    doub N N 7   
ALA C   OXT  sing N N 8   
ALA CB  HB1  sing N N 9   
ALA CB  HB2  sing N N 10  
ALA CB  HB3  sing N N 11  
ALA OXT HXT  sing N N 12  
ARG N   CA   sing N N 13  
ARG N   H    sing N N 14  
ARG N   H2   sing N N 15  
ARG CA  C    sing N N 16  
ARG CA  CB   sing N N 17  
ARG CA  HA   sing N N 18  
ARG C   O    doub N N 19  
ARG C   OXT  sing N N 20  
ARG CB  CG   sing N N 21  
ARG CB  HB2  sing N N 22  
ARG CB  HB3  sing N N 23  
ARG CG  CD   sing N N 24  
ARG CG  HG2  sing N N 25  
ARG CG  HG3  sing N N 26  
ARG CD  NE   sing N N 27  
ARG CD  HD2  sing N N 28  
ARG CD  HD3  sing N N 29  
ARG NE  CZ   sing N N 30  
ARG NE  HE   sing N N 31  
ARG CZ  NH1  sing N N 32  
ARG CZ  NH2  doub N N 33  
ARG NH1 HH11 sing N N 34  
ARG NH1 HH12 sing N N 35  
ARG NH2 HH21 sing N N 36  
ARG NH2 HH22 sing N N 37  
ARG OXT HXT  sing N N 38  
ASN N   CA   sing N N 39  
ASN N   H    sing N N 40  
ASN N   H2   sing N N 41  
ASN CA  C    sing N N 42  
ASN CA  CB   sing N N 43  
ASN CA  HA   sing N N 44  
ASN C   O    doub N N 45  
ASN C   OXT  sing N N 46  
ASN CB  CG   sing N N 47  
ASN CB  HB2  sing N N 48  
ASN CB  HB3  sing N N 49  
ASN CG  OD1  doub N N 50  
ASN CG  ND2  sing N N 51  
ASN ND2 HD21 sing N N 52  
ASN ND2 HD22 sing N N 53  
ASN OXT HXT  sing N N 54  
ASP N   CA   sing N N 55  
ASP N   H    sing N N 56  
ASP N   H2   sing N N 57  
ASP CA  C    sing N N 58  
ASP CA  CB   sing N N 59  
ASP CA  HA   sing N N 60  
ASP C   O    doub N N 61  
ASP C   OXT  sing N N 62  
ASP CB  CG   sing N N 63  
ASP CB  HB2  sing N N 64  
ASP CB  HB3  sing N N 65  
ASP CG  OD1  doub N N 66  
ASP CG  OD2  sing N N 67  
ASP OD2 HD2  sing N N 68  
ASP OXT HXT  sing N N 69  
CIT C1  O1   doub N N 70  
CIT C1  O2   sing N N 71  
CIT C1  C2   sing N N 72  
CIT O2  HO2  sing N N 73  
CIT C2  C3   sing N N 74  
CIT C2  H21  sing N N 75  
CIT C2  H22  sing N N 76  
CIT C3  O7   sing N N 77  
CIT C3  C4   sing N N 78  
CIT C3  C6   sing N N 79  
CIT O7  HO7  sing N N 80  
CIT C4  C5   sing N N 81  
CIT C4  H41  sing N N 82  
CIT C4  H42  sing N N 83  
CIT C5  O3   doub N N 84  
CIT C5  O4   sing N N 85  
CIT O4  HO4  sing N N 86  
CIT C6  O5   doub N N 87  
CIT C6  O6   sing N N 88  
CIT O6  HO6  sing N N 89  
CYS N   CA   sing N N 90  
CYS N   H    sing N N 91  
CYS N   H2   sing N N 92  
CYS CA  C    sing N N 93  
CYS CA  CB   sing N N 94  
CYS CA  HA   sing N N 95  
CYS C   O    doub N N 96  
CYS C   OXT  sing N N 97  
CYS CB  SG   sing N N 98  
CYS CB  HB2  sing N N 99  
CYS CB  HB3  sing N N 100 
CYS SG  HG   sing N N 101 
CYS OXT HXT  sing N N 102 
GLN N   CA   sing N N 103 
GLN N   H    sing N N 104 
GLN N   H2   sing N N 105 
GLN CA  C    sing N N 106 
GLN CA  CB   sing N N 107 
GLN CA  HA   sing N N 108 
GLN C   O    doub N N 109 
GLN C   OXT  sing N N 110 
GLN CB  CG   sing N N 111 
GLN CB  HB2  sing N N 112 
GLN CB  HB3  sing N N 113 
GLN CG  CD   sing N N 114 
GLN CG  HG2  sing N N 115 
GLN CG  HG3  sing N N 116 
GLN CD  OE1  doub N N 117 
GLN CD  NE2  sing N N 118 
GLN NE2 HE21 sing N N 119 
GLN NE2 HE22 sing N N 120 
GLN OXT HXT  sing N N 121 
GLU N   CA   sing N N 122 
GLU N   H    sing N N 123 
GLU N   H2   sing N N 124 
GLU CA  C    sing N N 125 
GLU CA  CB   sing N N 126 
GLU CA  HA   sing N N 127 
GLU C   O    doub N N 128 
GLU C   OXT  sing N N 129 
GLU CB  CG   sing N N 130 
GLU CB  HB2  sing N N 131 
GLU CB  HB3  sing N N 132 
GLU CG  CD   sing N N 133 
GLU CG  HG2  sing N N 134 
GLU CG  HG3  sing N N 135 
GLU CD  OE1  doub N N 136 
GLU CD  OE2  sing N N 137 
GLU OE2 HE2  sing N N 138 
GLU OXT HXT  sing N N 139 
GLY N   CA   sing N N 140 
GLY N   H    sing N N 141 
GLY N   H2   sing N N 142 
GLY CA  C    sing N N 143 
GLY CA  HA2  sing N N 144 
GLY CA  HA3  sing N N 145 
GLY C   O    doub N N 146 
GLY C   OXT  sing N N 147 
GLY OXT HXT  sing N N 148 
HIS N   CA   sing N N 149 
HIS N   H    sing N N 150 
HIS N   H2   sing N N 151 
HIS CA  C    sing N N 152 
HIS CA  CB   sing N N 153 
HIS CA  HA   sing N N 154 
HIS C   O    doub N N 155 
HIS C   OXT  sing N N 156 
HIS CB  CG   sing N N 157 
HIS CB  HB2  sing N N 158 
HIS CB  HB3  sing N N 159 
HIS CG  ND1  sing Y N 160 
HIS CG  CD2  doub Y N 161 
HIS ND1 CE1  doub Y N 162 
HIS ND1 HD1  sing N N 163 
HIS CD2 NE2  sing Y N 164 
HIS CD2 HD2  sing N N 165 
HIS CE1 NE2  sing Y N 166 
HIS CE1 HE1  sing N N 167 
HIS NE2 HE2  sing N N 168 
HIS OXT HXT  sing N N 169 
HOH O   H1   sing N N 170 
HOH O   H2   sing N N 171 
ILE N   CA   sing N N 172 
ILE N   H    sing N N 173 
ILE N   H2   sing N N 174 
ILE CA  C    sing N N 175 
ILE CA  CB   sing N N 176 
ILE CA  HA   sing N N 177 
ILE C   O    doub N N 178 
ILE C   OXT  sing N N 179 
ILE CB  CG1  sing N N 180 
ILE CB  CG2  sing N N 181 
ILE CB  HB   sing N N 182 
ILE CG1 CD1  sing N N 183 
ILE CG1 HG12 sing N N 184 
ILE CG1 HG13 sing N N 185 
ILE CG2 HG21 sing N N 186 
ILE CG2 HG22 sing N N 187 
ILE CG2 HG23 sing N N 188 
ILE CD1 HD11 sing N N 189 
ILE CD1 HD12 sing N N 190 
ILE CD1 HD13 sing N N 191 
ILE OXT HXT  sing N N 192 
LEU N   CA   sing N N 193 
LEU N   H    sing N N 194 
LEU N   H2   sing N N 195 
LEU CA  C    sing N N 196 
LEU CA  CB   sing N N 197 
LEU CA  HA   sing N N 198 
LEU C   O    doub N N 199 
LEU C   OXT  sing N N 200 
LEU CB  CG   sing N N 201 
LEU CB  HB2  sing N N 202 
LEU CB  HB3  sing N N 203 
LEU CG  CD1  sing N N 204 
LEU CG  CD2  sing N N 205 
LEU CG  HG   sing N N 206 
LEU CD1 HD11 sing N N 207 
LEU CD1 HD12 sing N N 208 
LEU CD1 HD13 sing N N 209 
LEU CD2 HD21 sing N N 210 
LEU CD2 HD22 sing N N 211 
LEU CD2 HD23 sing N N 212 
LEU OXT HXT  sing N N 213 
LYS N   CA   sing N N 214 
LYS N   H    sing N N 215 
LYS N   H2   sing N N 216 
LYS CA  C    sing N N 217 
LYS CA  CB   sing N N 218 
LYS CA  HA   sing N N 219 
LYS C   O    doub N N 220 
LYS C   OXT  sing N N 221 
LYS CB  CG   sing N N 222 
LYS CB  HB2  sing N N 223 
LYS CB  HB3  sing N N 224 
LYS CG  CD   sing N N 225 
LYS CG  HG2  sing N N 226 
LYS CG  HG3  sing N N 227 
LYS CD  CE   sing N N 228 
LYS CD  HD2  sing N N 229 
LYS CD  HD3  sing N N 230 
LYS CE  NZ   sing N N 231 
LYS CE  HE2  sing N N 232 
LYS CE  HE3  sing N N 233 
LYS NZ  HZ1  sing N N 234 
LYS NZ  HZ2  sing N N 235 
LYS NZ  HZ3  sing N N 236 
LYS OXT HXT  sing N N 237 
MET N   CA   sing N N 238 
MET N   H    sing N N 239 
MET N   H2   sing N N 240 
MET CA  C    sing N N 241 
MET CA  CB   sing N N 242 
MET CA  HA   sing N N 243 
MET C   O    doub N N 244 
MET C   OXT  sing N N 245 
MET CB  CG   sing N N 246 
MET CB  HB2  sing N N 247 
MET CB  HB3  sing N N 248 
MET CG  SD   sing N N 249 
MET CG  HG2  sing N N 250 
MET CG  HG3  sing N N 251 
MET SD  CE   sing N N 252 
MET CE  HE1  sing N N 253 
MET CE  HE2  sing N N 254 
MET CE  HE3  sing N N 255 
MET OXT HXT  sing N N 256 
PHE N   CA   sing N N 257 
PHE N   H    sing N N 258 
PHE N   H2   sing N N 259 
PHE CA  C    sing N N 260 
PHE CA  CB   sing N N 261 
PHE CA  HA   sing N N 262 
PHE C   O    doub N N 263 
PHE C   OXT  sing N N 264 
PHE CB  CG   sing N N 265 
PHE CB  HB2  sing N N 266 
PHE CB  HB3  sing N N 267 
PHE CG  CD1  doub Y N 268 
PHE CG  CD2  sing Y N 269 
PHE CD1 CE1  sing Y N 270 
PHE CD1 HD1  sing N N 271 
PHE CD2 CE2  doub Y N 272 
PHE CD2 HD2  sing N N 273 
PHE CE1 CZ   doub Y N 274 
PHE CE1 HE1  sing N N 275 
PHE CE2 CZ   sing Y N 276 
PHE CE2 HE2  sing N N 277 
PHE CZ  HZ   sing N N 278 
PHE OXT HXT  sing N N 279 
PRO N   CA   sing N N 280 
PRO N   CD   sing N N 281 
PRO N   H    sing N N 282 
PRO CA  C    sing N N 283 
PRO CA  CB   sing N N 284 
PRO CA  HA   sing N N 285 
PRO C   O    doub N N 286 
PRO C   OXT  sing N N 287 
PRO CB  CG   sing N N 288 
PRO CB  HB2  sing N N 289 
PRO CB  HB3  sing N N 290 
PRO CG  CD   sing N N 291 
PRO CG  HG2  sing N N 292 
PRO CG  HG3  sing N N 293 
PRO CD  HD2  sing N N 294 
PRO CD  HD3  sing N N 295 
PRO OXT HXT  sing N N 296 
SER N   CA   sing N N 297 
SER N   H    sing N N 298 
SER N   H2   sing N N 299 
SER CA  C    sing N N 300 
SER CA  CB   sing N N 301 
SER CA  HA   sing N N 302 
SER C   O    doub N N 303 
SER C   OXT  sing N N 304 
SER CB  OG   sing N N 305 
SER CB  HB2  sing N N 306 
SER CB  HB3  sing N N 307 
SER OG  HG   sing N N 308 
SER OXT HXT  sing N N 309 
THR N   CA   sing N N 310 
THR N   H    sing N N 311 
THR N   H2   sing N N 312 
THR CA  C    sing N N 313 
THR CA  CB   sing N N 314 
THR CA  HA   sing N N 315 
THR C   O    doub N N 316 
THR C   OXT  sing N N 317 
THR CB  OG1  sing N N 318 
THR CB  CG2  sing N N 319 
THR CB  HB   sing N N 320 
THR OG1 HG1  sing N N 321 
THR CG2 HG21 sing N N 322 
THR CG2 HG22 sing N N 323 
THR CG2 HG23 sing N N 324 
THR OXT HXT  sing N N 325 
TRP N   CA   sing N N 326 
TRP N   H    sing N N 327 
TRP N   H2   sing N N 328 
TRP CA  C    sing N N 329 
TRP CA  CB   sing N N 330 
TRP CA  HA   sing N N 331 
TRP C   O    doub N N 332 
TRP C   OXT  sing N N 333 
TRP CB  CG   sing N N 334 
TRP CB  HB2  sing N N 335 
TRP CB  HB3  sing N N 336 
TRP CG  CD1  doub Y N 337 
TRP CG  CD2  sing Y N 338 
TRP CD1 NE1  sing Y N 339 
TRP CD1 HD1  sing N N 340 
TRP CD2 CE2  doub Y N 341 
TRP CD2 CE3  sing Y N 342 
TRP NE1 CE2  sing Y N 343 
TRP NE1 HE1  sing N N 344 
TRP CE2 CZ2  sing Y N 345 
TRP CE3 CZ3  doub Y N 346 
TRP CE3 HE3  sing N N 347 
TRP CZ2 CH2  doub Y N 348 
TRP CZ2 HZ2  sing N N 349 
TRP CZ3 CH2  sing Y N 350 
TRP CZ3 HZ3  sing N N 351 
TRP CH2 HH2  sing N N 352 
TRP OXT HXT  sing N N 353 
TYR N   CA   sing N N 354 
TYR N   H    sing N N 355 
TYR N   H2   sing N N 356 
TYR CA  C    sing N N 357 
TYR CA  CB   sing N N 358 
TYR CA  HA   sing N N 359 
TYR C   O    doub N N 360 
TYR C   OXT  sing N N 361 
TYR CB  CG   sing N N 362 
TYR CB  HB2  sing N N 363 
TYR CB  HB3  sing N N 364 
TYR CG  CD1  doub Y N 365 
TYR CG  CD2  sing Y N 366 
TYR CD1 CE1  sing Y N 367 
TYR CD1 HD1  sing N N 368 
TYR CD2 CE2  doub Y N 369 
TYR CD2 HD2  sing N N 370 
TYR CE1 CZ   doub Y N 371 
TYR CE1 HE1  sing N N 372 
TYR CE2 CZ   sing Y N 373 
TYR CE2 HE2  sing N N 374 
TYR CZ  OH   sing N N 375 
TYR OH  HH   sing N N 376 
TYR OXT HXT  sing N N 377 
VAL N   CA   sing N N 378 
VAL N   H    sing N N 379 
VAL N   H2   sing N N 380 
VAL CA  C    sing N N 381 
VAL CA  CB   sing N N 382 
VAL CA  HA   sing N N 383 
VAL C   O    doub N N 384 
VAL C   OXT  sing N N 385 
VAL CB  CG1  sing N N 386 
VAL CB  CG2  sing N N 387 
VAL CB  HB   sing N N 388 
VAL CG1 HG11 sing N N 389 
VAL CG1 HG12 sing N N 390 
VAL CG1 HG13 sing N N 391 
VAL CG2 HG21 sing N N 392 
VAL CG2 HG22 sing N N 393 
VAL CG2 HG23 sing N N 394 
VAL OXT HXT  sing N N 395 
# 
_pdbx_audit_support.funding_organization   'Other government' 
_pdbx_audit_support.country                'United States' 
_pdbx_audit_support.grant_number           ? 
_pdbx_audit_support.ordinal                1 
# 
loop_
_pdbx_entity_nonpoly.entity_id 
_pdbx_entity_nonpoly.name 
_pdbx_entity_nonpoly.comp_id 
2 'CITRIC ACID' CIT 
3 water         HOH 
# 
_pdbx_initial_refinement_model.id               1 
_pdbx_initial_refinement_model.entity_id_list   ? 
_pdbx_initial_refinement_model.type             'experimental model' 
_pdbx_initial_refinement_model.source_name      PDB 
_pdbx_initial_refinement_model.accession_code   6USM 
_pdbx_initial_refinement_model.details          ? 
# 
_pdbx_struct_assembly_auth_evidence.id                     1 
_pdbx_struct_assembly_auth_evidence.assembly_id            1 
_pdbx_struct_assembly_auth_evidence.experimental_support   'equilibrium centrifugation' 
_pdbx_struct_assembly_auth_evidence.details                ? 
# 
_space_group.name_H-M_alt     'P 2 21 21' 
_space_group.name_Hall        'P 2 2ab (z,x,y)' 
_space_group.IT_number        18 
_space_group.crystal_system   orthorhombic 
_space_group.id               1 
# 
